data_2DA4
#
_entry.id   2DA4
#
_entity_poly.entity_id   1
_entity_poly.type   'polypeptide(L)'
_entity_poly.pdbx_seq_one_letter_code
;GSSGSSGALQDRTQFSDRDLATLKKYWDNGMTSLGSVCREKIEAVATELNVDCEIVRTWIGNRRRKYRLMGIEVSGPSSG
;
_entity_poly.pdbx_strand_id   A
#
# COMPACT_ATOMS: atom_id res chain seq x y z
N GLY A 1 -19.35 -6.07 15.24
CA GLY A 1 -18.12 -5.51 15.75
C GLY A 1 -16.93 -6.42 15.52
N SER A 2 -16.83 -6.98 14.32
CA SER A 2 -15.75 -7.89 13.99
C SER A 2 -15.05 -7.44 12.71
N SER A 3 -13.98 -8.15 12.35
CA SER A 3 -13.22 -7.83 11.14
C SER A 3 -13.56 -8.79 10.01
N GLY A 4 -13.52 -10.08 10.31
CA GLY A 4 -13.82 -11.09 9.31
C GLY A 4 -12.77 -11.16 8.22
N SER A 5 -11.74 -11.97 8.44
CA SER A 5 -10.67 -12.13 7.47
C SER A 5 -10.95 -13.29 6.53
N SER A 6 -11.68 -13.01 5.46
CA SER A 6 -12.02 -14.03 4.48
C SER A 6 -12.01 -13.46 3.06
N GLY A 7 -11.56 -14.27 2.11
CA GLY A 7 -11.52 -13.83 0.73
C GLY A 7 -11.48 -14.99 -0.25
N ALA A 8 -10.53 -14.96 -1.18
CA ALA A 8 -10.39 -16.01 -2.17
C ALA A 8 -9.04 -15.92 -2.89
N LEU A 9 -8.60 -17.04 -3.44
CA LEU A 9 -7.32 -17.09 -4.16
C LEU A 9 -7.51 -16.74 -5.63
N GLN A 10 -6.46 -16.22 -6.24
CA GLN A 10 -6.51 -15.84 -7.65
C GLN A 10 -5.11 -15.70 -8.23
N ASP A 11 -4.99 -15.84 -9.55
CA ASP A 11 -3.70 -15.72 -10.22
C ASP A 11 -3.27 -14.26 -10.30
N ARG A 12 -4.16 -13.40 -10.79
CA ARG A 12 -3.87 -11.99 -10.92
C ARG A 12 -4.90 -11.15 -10.19
N THR A 13 -4.49 -10.57 -9.06
CA THR A 13 -5.38 -9.73 -8.26
C THR A 13 -5.09 -8.26 -8.48
N GLN A 14 -6.06 -7.55 -9.05
CA GLN A 14 -5.91 -6.11 -9.32
C GLN A 14 -6.97 -5.31 -8.57
N PHE A 15 -6.63 -4.07 -8.24
CA PHE A 15 -7.55 -3.19 -7.52
C PHE A 15 -8.42 -2.41 -8.48
N SER A 16 -9.53 -1.89 -7.97
CA SER A 16 -10.46 -1.11 -8.79
C SER A 16 -10.46 0.36 -8.39
N ASP A 17 -10.78 1.23 -9.33
CA ASP A 17 -10.81 2.67 -9.07
C ASP A 17 -11.34 2.94 -7.66
N ARG A 18 -12.44 2.30 -7.30
CA ARG A 18 -13.04 2.49 -5.99
C ARG A 18 -12.10 2.03 -4.89
N ASP A 19 -11.58 0.81 -5.03
CA ASP A 19 -10.66 0.26 -4.04
C ASP A 19 -9.45 1.17 -3.85
N LEU A 20 -8.84 1.58 -4.96
CA LEU A 20 -7.68 2.46 -4.91
C LEU A 20 -8.03 3.80 -4.29
N ALA A 21 -9.13 4.38 -4.75
CA ALA A 21 -9.58 5.67 -4.23
C ALA A 21 -9.36 5.76 -2.72
N THR A 22 -9.71 4.69 -2.01
CA THR A 22 -9.56 4.66 -0.56
C THR A 22 -8.08 4.65 -0.17
N LEU A 23 -7.34 3.70 -0.71
CA LEU A 23 -5.91 3.58 -0.42
C LEU A 23 -5.18 4.89 -0.73
N LYS A 24 -5.21 5.30 -1.99
CA LYS A 24 -4.56 6.53 -2.41
C LYS A 24 -4.93 7.69 -1.48
N LYS A 25 -6.15 7.64 -0.95
CA LYS A 25 -6.62 8.68 -0.03
C LYS A 25 -5.68 8.84 1.16
N TYR A 26 -5.24 7.71 1.71
CA TYR A 26 -4.33 7.72 2.85
C TYR A 26 -2.93 8.16 2.44
N TRP A 27 -2.56 7.82 1.21
CA TRP A 27 -1.24 8.18 0.68
C TRP A 27 -1.03 9.69 0.75
N ASP A 28 -2.12 10.44 0.71
CA ASP A 28 -2.05 11.90 0.78
C ASP A 28 -1.53 12.37 2.13
N ASN A 29 -1.40 11.44 3.06
CA ASN A 29 -0.91 11.75 4.40
C ASN A 29 0.46 11.13 4.64
N GLY A 30 1.13 10.73 3.56
CA GLY A 30 2.44 10.13 3.67
C GLY A 30 2.36 8.65 4.00
N MET A 31 1.34 7.98 3.50
CA MET A 31 1.15 6.55 3.75
C MET A 31 2.10 5.73 2.89
N THR A 32 3.37 6.12 2.88
CA THR A 32 4.38 5.40 2.09
C THR A 32 5.19 4.46 2.96
N SER A 33 5.36 4.83 4.22
CA SER A 33 6.13 4.01 5.17
C SER A 33 5.35 2.76 5.56
N LEU A 34 6.06 1.73 5.99
CA LEU A 34 5.44 0.49 6.41
C LEU A 34 5.46 0.33 7.93
N GLY A 35 6.54 0.80 8.54
CA GLY A 35 6.67 0.72 9.99
C GLY A 35 5.42 1.17 10.71
N SER A 36 5.39 0.98 12.03
CA SER A 36 4.24 1.36 12.83
C SER A 36 3.83 2.80 12.54
N VAL A 37 4.81 3.64 12.24
CA VAL A 37 4.56 5.04 11.94
C VAL A 37 3.35 5.19 11.01
N CYS A 38 3.28 4.33 10.01
CA CYS A 38 2.17 4.36 9.05
C CYS A 38 1.19 3.24 9.32
N ARG A 39 1.69 2.11 9.80
CA ARG A 39 0.85 0.96 10.09
C ARG A 39 -0.48 1.40 10.71
N GLU A 40 -0.38 2.24 11.74
CA GLU A 40 -1.57 2.73 12.42
C GLU A 40 -2.68 3.07 11.41
N LYS A 41 -2.31 3.76 10.34
CA LYS A 41 -3.27 4.14 9.30
C LYS A 41 -3.70 2.92 8.49
N ILE A 42 -2.73 2.06 8.17
CA ILE A 42 -3.00 0.87 7.39
C ILE A 42 -4.11 0.03 8.05
N GLU A 43 -4.03 -0.10 9.36
CA GLU A 43 -5.02 -0.87 10.11
C GLU A 43 -6.43 -0.40 9.79
N ALA A 44 -6.54 0.83 9.33
CA ALA A 44 -7.84 1.41 8.99
C ALA A 44 -8.24 1.06 7.56
N VAL A 45 -7.44 1.50 6.60
CA VAL A 45 -7.70 1.23 5.19
C VAL A 45 -7.94 -0.25 4.95
N ALA A 46 -7.36 -1.08 5.81
CA ALA A 46 -7.51 -2.53 5.69
C ALA A 46 -8.85 -2.98 6.26
N THR A 47 -9.21 -2.46 7.42
CA THR A 47 -10.47 -2.82 8.07
C THR A 47 -11.65 -2.17 7.36
N GLU A 48 -11.38 -1.10 6.63
CA GLU A 48 -12.43 -0.39 5.90
C GLU A 48 -12.79 -1.13 4.62
N LEU A 49 -11.77 -1.62 3.93
CA LEU A 49 -11.98 -2.36 2.68
C LEU A 49 -12.25 -3.84 2.95
N ASN A 50 -11.99 -4.26 4.18
CA ASN A 50 -12.21 -5.65 4.57
C ASN A 50 -11.23 -6.58 3.86
N VAL A 51 -9.96 -6.17 3.82
CA VAL A 51 -8.93 -6.96 3.17
C VAL A 51 -7.74 -7.19 4.11
N ASP A 52 -7.07 -8.33 3.94
CA ASP A 52 -5.92 -8.67 4.76
C ASP A 52 -4.92 -7.52 4.81
N CYS A 53 -4.62 -7.05 6.01
CA CYS A 53 -3.68 -5.94 6.19
C CYS A 53 -2.50 -6.10 5.26
N GLU A 54 -2.01 -7.32 5.12
CA GLU A 54 -0.86 -7.59 4.25
C GLU A 54 -1.10 -7.06 2.84
N ILE A 55 -2.27 -7.36 2.30
CA ILE A 55 -2.62 -6.90 0.96
C ILE A 55 -2.34 -5.41 0.79
N VAL A 56 -2.58 -4.65 1.85
CA VAL A 56 -2.35 -3.20 1.83
C VAL A 56 -0.87 -2.89 2.01
N ARG A 57 -0.32 -3.31 3.14
CA ARG A 57 1.09 -3.07 3.43
C ARG A 57 1.96 -3.33 2.20
N THR A 58 1.64 -4.39 1.47
CA THR A 58 2.40 -4.75 0.27
C THR A 58 2.19 -3.72 -0.83
N TRP A 59 0.95 -3.28 -0.99
CA TRP A 59 0.61 -2.28 -2.02
C TRP A 59 1.47 -1.03 -1.85
N ILE A 60 1.69 -0.63 -0.61
CA ILE A 60 2.49 0.55 -0.32
C ILE A 60 3.90 0.43 -0.90
N GLY A 61 4.65 -0.54 -0.40
CA GLY A 61 6.01 -0.75 -0.89
C GLY A 61 6.06 -0.91 -2.40
N ASN A 62 5.09 -1.62 -2.96
CA ASN A 62 5.03 -1.85 -4.39
C ASN A 62 5.02 -0.52 -5.15
N ARG A 63 4.03 0.31 -4.86
CA ARG A 63 3.90 1.61 -5.50
C ARG A 63 5.24 2.35 -5.51
N ARG A 64 5.79 2.55 -4.31
CA ARG A 64 7.06 3.25 -4.17
C ARG A 64 7.98 2.94 -5.34
N ARG A 65 8.18 1.66 -5.63
CA ARG A 65 9.04 1.24 -6.72
C ARG A 65 8.55 1.84 -8.05
N LYS A 66 7.28 1.63 -8.35
CA LYS A 66 6.70 2.15 -9.59
C LYS A 66 7.25 3.53 -9.91
N TYR A 67 7.27 4.41 -8.91
CA TYR A 67 7.76 5.77 -9.09
C TYR A 67 9.26 5.76 -9.41
N ARG A 68 10.02 5.03 -8.60
CA ARG A 68 11.46 4.94 -8.79
C ARG A 68 11.81 4.73 -10.26
N LEU A 69 11.13 3.78 -10.89
CA LEU A 69 11.36 3.47 -12.30
C LEU A 69 11.47 4.75 -13.12
N MET A 70 10.59 5.70 -12.84
CA MET A 70 10.59 6.98 -13.56
C MET A 70 11.73 7.87 -13.07
N GLY A 71 12.18 7.64 -11.83
CA GLY A 71 13.26 8.43 -11.27
C GLY A 71 12.77 9.44 -10.26
N ILE A 72 11.83 9.03 -9.41
CA ILE A 72 11.28 9.91 -8.40
C ILE A 72 12.07 9.83 -7.10
N GLU A 73 12.30 10.97 -6.47
CA GLU A 73 13.05 11.01 -5.21
C GLU A 73 12.11 10.83 -4.02
N VAL A 74 11.21 9.85 -4.12
CA VAL A 74 10.26 9.56 -3.06
C VAL A 74 10.88 8.67 -1.99
N SER A 75 12.11 8.99 -1.60
CA SER A 75 12.82 8.22 -0.59
C SER A 75 12.06 8.22 0.73
N GLY A 76 11.76 9.42 1.23
CA GLY A 76 11.06 9.56 2.48
C GLY A 76 11.17 10.95 3.07
N PRO A 77 12.13 11.14 3.98
CA PRO A 77 12.36 12.42 4.64
C PRO A 77 12.93 13.47 3.68
N SER A 78 12.97 14.72 4.14
CA SER A 78 13.47 15.82 3.32
C SER A 78 14.95 16.05 3.60
N SER A 79 15.28 16.34 4.85
CA SER A 79 16.67 16.59 5.24
C SER A 79 16.80 16.59 6.77
N GLY A 80 18.01 16.33 7.24
CA GLY A 80 18.26 16.31 8.66
C GLY A 80 19.66 15.82 9.01
N GLY A 1 -21.75 -11.39 6.20
CA GLY A 1 -21.47 -12.19 7.38
C GLY A 1 -19.99 -12.54 7.51
N SER A 2 -19.59 -13.63 6.87
CA SER A 2 -18.19 -14.06 6.91
C SER A 2 -17.71 -14.50 5.54
N SER A 3 -16.39 -14.55 5.36
CA SER A 3 -15.80 -14.95 4.09
C SER A 3 -14.90 -16.16 4.26
N GLY A 4 -14.48 -16.74 3.14
CA GLY A 4 -13.61 -17.91 3.20
C GLY A 4 -12.65 -17.97 2.03
N SER A 5 -11.86 -19.03 1.96
CA SER A 5 -10.90 -19.21 0.87
C SER A 5 -10.55 -20.67 0.70
N SER A 6 -10.57 -21.13 -0.55
CA SER A 6 -10.25 -22.52 -0.87
C SER A 6 -8.91 -22.63 -1.57
N GLY A 7 -7.98 -23.36 -0.95
CA GLY A 7 -6.66 -23.52 -1.54
C GLY A 7 -5.63 -22.59 -0.92
N ALA A 8 -4.36 -22.90 -1.13
CA ALA A 8 -3.28 -22.08 -0.60
C ALA A 8 -2.25 -21.75 -1.67
N LEU A 9 -2.54 -20.72 -2.46
CA LEU A 9 -1.65 -20.30 -3.53
C LEU A 9 -1.42 -18.79 -3.49
N GLN A 10 -0.18 -18.40 -3.22
CA GLN A 10 0.18 -16.98 -3.15
C GLN A 10 -0.15 -16.28 -4.46
N ASP A 11 -0.76 -15.10 -4.36
CA ASP A 11 -1.12 -14.32 -5.54
C ASP A 11 -1.41 -12.87 -5.16
N ARG A 12 -1.63 -12.03 -6.16
CA ARG A 12 -1.91 -10.62 -5.94
C ARG A 12 -3.24 -10.23 -6.58
N THR A 13 -4.17 -9.77 -5.75
CA THR A 13 -5.49 -9.36 -6.25
C THR A 13 -5.43 -7.97 -6.88
N GLN A 14 -6.23 -7.76 -7.92
CA GLN A 14 -6.26 -6.48 -8.61
C GLN A 14 -7.24 -5.53 -7.93
N PHE A 15 -6.92 -4.24 -7.98
CA PHE A 15 -7.77 -3.22 -7.37
C PHE A 15 -8.51 -2.42 -8.44
N SER A 16 -9.68 -1.89 -8.07
CA SER A 16 -10.49 -1.11 -8.99
C SER A 16 -10.43 0.37 -8.64
N ASP A 17 -10.84 1.22 -9.58
CA ASP A 17 -10.83 2.65 -9.38
C ASP A 17 -11.49 3.02 -8.05
N ARG A 18 -12.63 2.39 -7.76
CA ARG A 18 -13.36 2.64 -6.53
C ARG A 18 -12.50 2.32 -5.31
N ASP A 19 -11.96 1.09 -5.28
CA ASP A 19 -11.12 0.65 -4.18
C ASP A 19 -9.89 1.54 -4.04
N LEU A 20 -9.09 1.60 -5.09
CA LEU A 20 -7.87 2.42 -5.09
C LEU A 20 -8.13 3.77 -4.45
N ALA A 21 -9.23 4.41 -4.84
CA ALA A 21 -9.59 5.71 -4.29
C ALA A 21 -9.39 5.75 -2.78
N THR A 22 -9.74 4.65 -2.11
CA THR A 22 -9.61 4.56 -0.67
C THR A 22 -8.14 4.55 -0.26
N LEU A 23 -7.39 3.59 -0.79
CA LEU A 23 -5.96 3.48 -0.47
C LEU A 23 -5.23 4.78 -0.76
N LYS A 24 -5.29 5.21 -2.02
CA LYS A 24 -4.64 6.45 -2.44
C LYS A 24 -4.95 7.59 -1.47
N LYS A 25 -6.21 7.66 -1.04
CA LYS A 25 -6.64 8.69 -0.10
C LYS A 25 -5.68 8.80 1.08
N TYR A 26 -5.32 7.65 1.63
CA TYR A 26 -4.40 7.60 2.78
C TYR A 26 -3.00 8.08 2.37
N TRP A 27 -2.59 7.70 1.16
CA TRP A 27 -1.27 8.09 0.66
C TRP A 27 -1.10 9.60 0.72
N ASP A 28 -2.20 10.33 0.66
CA ASP A 28 -2.17 11.79 0.70
C ASP A 28 -1.62 12.28 2.05
N ASN A 29 -1.46 11.35 2.99
CA ASN A 29 -0.95 11.68 4.31
C ASN A 29 0.40 11.02 4.56
N GLY A 30 1.06 10.61 3.48
CA GLY A 30 2.35 9.97 3.61
C GLY A 30 2.24 8.51 4.04
N MET A 31 1.31 7.79 3.42
CA MET A 31 1.11 6.38 3.75
C MET A 31 2.09 5.50 2.98
N THR A 32 3.29 6.01 2.77
CA THR A 32 4.32 5.27 2.04
C THR A 32 5.15 4.43 2.99
N SER A 33 5.35 4.92 4.20
CA SER A 33 6.14 4.22 5.21
C SER A 33 5.38 3.00 5.73
N LEU A 34 6.12 1.94 6.05
CA LEU A 34 5.53 0.71 6.56
C LEU A 34 5.66 0.63 8.08
N GLY A 35 6.71 1.24 8.60
CA GLY A 35 6.93 1.23 10.05
C GLY A 35 5.70 1.63 10.82
N SER A 36 5.67 1.30 12.10
CA SER A 36 4.53 1.62 12.96
C SER A 36 4.02 3.03 12.67
N VAL A 37 4.93 3.94 12.39
CA VAL A 37 4.58 5.33 12.09
C VAL A 37 3.33 5.39 11.23
N CYS A 38 3.27 4.53 10.21
CA CYS A 38 2.13 4.49 9.31
C CYS A 38 1.31 3.22 9.51
N ARG A 39 1.98 2.16 9.96
CA ARG A 39 1.32 0.88 10.19
C ARG A 39 -0.06 1.09 10.80
N GLU A 40 -0.14 2.01 11.77
CA GLU A 40 -1.40 2.30 12.44
C GLU A 40 -2.48 2.68 11.43
N LYS A 41 -2.11 3.51 10.46
CA LYS A 41 -3.04 3.95 9.43
C LYS A 41 -3.49 2.78 8.56
N ILE A 42 -2.51 1.99 8.11
CA ILE A 42 -2.81 0.83 7.27
C ILE A 42 -3.85 -0.07 7.92
N GLU A 43 -3.79 -0.19 9.24
CA GLU A 43 -4.73 -1.02 9.98
C GLU A 43 -6.17 -0.56 9.73
N ALA A 44 -6.32 0.68 9.31
CA ALA A 44 -7.64 1.25 9.04
C ALA A 44 -8.06 0.97 7.60
N VAL A 45 -7.31 1.51 6.64
CA VAL A 45 -7.60 1.32 5.23
C VAL A 45 -7.89 -0.14 4.92
N ALA A 46 -7.34 -1.03 5.73
CA ALA A 46 -7.54 -2.47 5.54
C ALA A 46 -8.88 -2.91 6.12
N THR A 47 -9.24 -2.37 7.28
CA THR A 47 -10.49 -2.71 7.94
C THR A 47 -11.67 -2.04 7.24
N GLU A 48 -11.40 -0.96 6.51
CA GLU A 48 -12.43 -0.23 5.80
C GLU A 48 -12.78 -0.92 4.49
N LEU A 49 -11.76 -1.44 3.81
CA LEU A 49 -11.95 -2.13 2.54
C LEU A 49 -12.22 -3.61 2.76
N ASN A 50 -12.09 -4.05 4.00
CA ASN A 50 -12.32 -5.45 4.35
C ASN A 50 -11.26 -6.34 3.72
N VAL A 51 -10.02 -5.87 3.71
CA VAL A 51 -8.92 -6.63 3.13
C VAL A 51 -7.82 -6.89 4.17
N ASP A 52 -7.12 -7.99 4.01
CA ASP A 52 -6.05 -8.36 4.93
C ASP A 52 -4.97 -7.28 4.97
N CYS A 53 -4.68 -6.78 6.15
CA CYS A 53 -3.67 -5.73 6.32
C CYS A 53 -2.47 -6.01 5.43
N GLU A 54 -2.16 -7.29 5.23
CA GLU A 54 -1.03 -7.68 4.39
C GLU A 54 -1.17 -7.12 2.99
N ILE A 55 -2.35 -7.29 2.40
CA ILE A 55 -2.61 -6.80 1.05
C ILE A 55 -2.19 -5.34 0.90
N VAL A 56 -2.50 -4.54 1.92
CA VAL A 56 -2.14 -3.12 1.90
C VAL A 56 -0.65 -2.92 2.12
N ARG A 57 -0.15 -3.44 3.24
CA ARG A 57 1.27 -3.33 3.57
C ARG A 57 2.14 -3.60 2.35
N THR A 58 1.72 -4.57 1.54
CA THR A 58 2.45 -4.93 0.33
C THR A 58 2.25 -3.90 -0.77
N TRP A 59 1.01 -3.46 -0.94
CA TRP A 59 0.67 -2.48 -1.96
C TRP A 59 1.55 -1.24 -1.84
N ILE A 60 1.72 -0.77 -0.60
CA ILE A 60 2.54 0.41 -0.34
C ILE A 60 3.96 0.23 -0.87
N GLY A 61 4.64 -0.81 -0.38
CA GLY A 61 6.00 -1.08 -0.82
C GLY A 61 6.12 -1.12 -2.33
N ASN A 62 5.09 -1.64 -3.00
CA ASN A 62 5.09 -1.75 -4.45
C ASN A 62 4.91 -0.37 -5.08
N ARG A 63 3.85 0.34 -4.68
CA ARG A 63 3.56 1.65 -5.22
C ARG A 63 4.82 2.53 -5.21
N ARG A 64 5.47 2.60 -4.06
CA ARG A 64 6.69 3.40 -3.92
C ARG A 64 7.63 3.17 -5.11
N ARG A 65 8.04 1.92 -5.30
CA ARG A 65 8.94 1.57 -6.39
C ARG A 65 8.33 1.94 -7.74
N LYS A 66 7.09 1.50 -7.96
CA LYS A 66 6.39 1.78 -9.21
C LYS A 66 6.53 3.26 -9.59
N TYR A 67 6.72 4.11 -8.58
CA TYR A 67 6.87 5.54 -8.80
C TYR A 67 8.34 5.92 -8.94
N ARG A 68 9.06 5.86 -7.84
CA ARG A 68 10.49 6.20 -7.84
C ARG A 68 11.17 5.69 -9.10
N LEU A 69 10.78 4.50 -9.54
CA LEU A 69 11.35 3.91 -10.73
C LEU A 69 11.10 4.78 -11.96
N MET A 70 9.88 5.30 -12.06
CA MET A 70 9.52 6.16 -13.19
C MET A 70 10.25 7.50 -13.12
N GLY A 71 10.66 7.88 -11.91
CA GLY A 71 11.37 9.13 -11.72
C GLY A 71 10.62 10.08 -10.80
N ILE A 72 9.93 9.53 -9.82
CA ILE A 72 9.17 10.34 -8.87
C ILE A 72 9.94 10.52 -7.57
N GLU A 73 10.45 11.72 -7.33
CA GLU A 73 11.20 12.01 -6.12
C GLU A 73 10.37 11.72 -4.88
N VAL A 74 10.83 10.78 -4.06
CA VAL A 74 10.12 10.42 -2.84
C VAL A 74 11.04 9.68 -1.88
N SER A 75 11.06 10.12 -0.63
CA SER A 75 11.90 9.51 0.40
C SER A 75 11.99 8.00 0.19
N GLY A 76 13.18 7.46 0.42
CA GLY A 76 13.39 6.03 0.25
C GLY A 76 14.62 5.54 0.97
N PRO A 77 15.12 4.35 0.56
CA PRO A 77 16.31 3.75 1.17
C PRO A 77 17.59 4.51 0.82
N SER A 78 18.07 5.31 1.77
CA SER A 78 19.28 6.09 1.56
C SER A 78 20.34 5.75 2.61
N SER A 79 21.60 5.94 2.25
CA SER A 79 22.70 5.65 3.17
C SER A 79 23.79 6.71 3.05
N GLY A 80 24.65 6.78 4.07
CA GLY A 80 25.73 7.75 4.07
C GLY A 80 26.81 7.42 5.07
N GLY A 1 17.69 -5.03 15.68
CA GLY A 1 17.58 -5.46 14.30
C GLY A 1 16.19 -5.94 13.95
N SER A 2 15.20 -5.06 14.11
CA SER A 2 13.82 -5.40 13.82
C SER A 2 13.46 -5.02 12.39
N SER A 3 13.71 -5.93 11.45
CA SER A 3 13.41 -5.68 10.04
C SER A 3 13.14 -6.99 9.30
N GLY A 4 12.01 -7.05 8.61
CA GLY A 4 11.67 -8.25 7.87
C GLY A 4 10.65 -7.98 6.77
N SER A 5 11.07 -8.13 5.52
CA SER A 5 10.19 -7.90 4.38
C SER A 5 10.56 -8.80 3.21
N SER A 6 9.55 -9.33 2.53
CA SER A 6 9.78 -10.21 1.39
C SER A 6 9.40 -9.51 0.08
N GLY A 7 10.22 -9.70 -0.94
CA GLY A 7 9.96 -9.08 -2.23
C GLY A 7 9.21 -10.01 -3.17
N ALA A 8 8.12 -10.59 -2.68
CA ALA A 8 7.32 -11.51 -3.50
C ALA A 8 5.88 -11.56 -3.00
N LEU A 9 4.97 -11.98 -3.87
CA LEU A 9 3.56 -12.07 -3.52
C LEU A 9 3.05 -13.50 -3.71
N GLN A 10 1.91 -13.80 -3.09
CA GLN A 10 1.32 -15.13 -3.18
C GLN A 10 0.35 -15.20 -4.37
N ASP A 11 -0.53 -14.21 -4.47
CA ASP A 11 -1.51 -14.18 -5.55
C ASP A 11 -1.80 -12.73 -5.97
N ARG A 12 -1.46 -12.40 -7.20
CA ARG A 12 -1.68 -11.06 -7.72
C ARG A 12 -3.04 -10.53 -7.29
N THR A 13 -3.05 -9.33 -6.71
CA THR A 13 -4.30 -8.71 -6.26
C THR A 13 -4.47 -7.31 -6.85
N GLN A 14 -5.18 -7.23 -7.98
CA GLN A 14 -5.41 -5.97 -8.63
C GLN A 14 -6.60 -5.23 -8.01
N PHE A 15 -6.43 -3.93 -7.79
CA PHE A 15 -7.48 -3.12 -7.19
C PHE A 15 -8.25 -2.35 -8.26
N SER A 16 -9.48 -1.98 -7.94
CA SER A 16 -10.32 -1.24 -8.88
C SER A 16 -10.43 0.23 -8.47
N ASP A 17 -10.61 1.10 -9.45
CA ASP A 17 -10.74 2.53 -9.19
C ASP A 17 -11.46 2.78 -7.87
N ARG A 18 -12.52 2.01 -7.63
CA ARG A 18 -13.30 2.16 -6.41
C ARG A 18 -12.44 1.91 -5.18
N ASP A 19 -11.85 0.72 -5.10
CA ASP A 19 -11.00 0.35 -3.98
C ASP A 19 -9.82 1.30 -3.87
N LEU A 20 -9.01 1.38 -4.93
CA LEU A 20 -7.85 2.25 -4.94
C LEU A 20 -8.17 3.61 -4.31
N ALA A 21 -9.27 4.21 -4.76
CA ALA A 21 -9.69 5.50 -4.24
C ALA A 21 -9.46 5.59 -2.74
N THR A 22 -9.81 4.53 -2.03
CA THR A 22 -9.63 4.49 -0.58
C THR A 22 -8.15 4.50 -0.19
N LEU A 23 -7.40 3.57 -0.75
CA LEU A 23 -5.96 3.48 -0.47
C LEU A 23 -5.27 4.81 -0.74
N LYS A 24 -5.52 5.37 -1.93
CA LYS A 24 -4.91 6.64 -2.31
C LYS A 24 -5.24 7.73 -1.29
N LYS A 25 -6.52 7.84 -0.93
CA LYS A 25 -6.96 8.82 0.04
C LYS A 25 -6.03 8.86 1.25
N TYR A 26 -5.62 7.69 1.71
CA TYR A 26 -4.74 7.59 2.86
C TYR A 26 -3.32 8.01 2.49
N TRP A 27 -2.93 7.73 1.26
CA TRP A 27 -1.60 8.09 0.77
C TRP A 27 -1.36 9.59 0.90
N ASP A 28 -2.44 10.36 0.90
CA ASP A 28 -2.35 11.81 1.02
C ASP A 28 -1.90 12.22 2.42
N ASN A 29 -1.76 11.23 3.30
CA ASN A 29 -1.34 11.48 4.67
C ASN A 29 0.00 10.82 4.96
N GLY A 30 0.71 10.44 3.90
CA GLY A 30 2.00 9.80 4.07
C GLY A 30 1.88 8.29 4.24
N MET A 31 0.90 7.70 3.58
CA MET A 31 0.69 6.25 3.67
C MET A 31 1.58 5.51 2.68
N THR A 32 2.76 6.06 2.42
CA THR A 32 3.70 5.46 1.49
C THR A 32 4.93 4.92 2.22
N SER A 33 4.71 4.12 3.25
CA SER A 33 5.79 3.55 4.03
C SER A 33 5.33 2.32 4.81
N LEU A 34 6.26 1.45 5.15
CA LEU A 34 5.95 0.24 5.90
C LEU A 34 6.14 0.46 7.39
N GLY A 35 7.14 1.26 7.76
CA GLY A 35 7.40 1.54 9.15
C GLY A 35 6.13 1.62 9.98
N SER A 36 6.18 1.08 11.18
CA SER A 36 5.03 1.08 12.08
C SER A 36 4.36 2.46 12.08
N VAL A 37 5.14 3.49 11.83
CA VAL A 37 4.64 4.86 11.80
C VAL A 37 3.39 4.96 10.94
N CYS A 38 3.38 4.24 9.83
CA CYS A 38 2.24 4.25 8.91
C CYS A 38 1.35 3.04 9.14
N ARG A 39 1.93 1.99 9.71
CA ARG A 39 1.19 0.76 9.98
C ARG A 39 -0.14 1.06 10.65
N GLU A 40 -0.11 1.98 11.62
CA GLU A 40 -1.31 2.36 12.34
C GLU A 40 -2.43 2.77 11.38
N LYS A 41 -2.08 3.61 10.40
CA LYS A 41 -3.05 4.08 9.42
C LYS A 41 -3.56 2.93 8.56
N ILE A 42 -2.65 2.03 8.20
CA ILE A 42 -3.01 0.88 7.38
C ILE A 42 -4.09 0.05 8.04
N GLU A 43 -4.00 -0.10 9.36
CA GLU A 43 -4.98 -0.87 10.11
C GLU A 43 -6.39 -0.34 9.86
N ALA A 44 -6.48 0.88 9.38
CA ALA A 44 -7.77 1.50 9.10
C ALA A 44 -8.19 1.26 7.65
N VAL A 45 -7.40 1.78 6.72
CA VAL A 45 -7.69 1.63 5.29
C VAL A 45 -7.97 0.17 4.95
N ALA A 46 -7.38 -0.74 5.73
CA ALA A 46 -7.56 -2.17 5.51
C ALA A 46 -8.92 -2.63 6.01
N THR A 47 -9.26 -2.22 7.23
CA THR A 47 -10.54 -2.59 7.84
C THR A 47 -11.70 -1.90 7.15
N GLU A 48 -11.41 -0.82 6.45
CA GLU A 48 -12.43 -0.06 5.73
C GLU A 48 -12.78 -0.73 4.41
N LEU A 49 -11.77 -1.28 3.74
CA LEU A 49 -11.96 -1.95 2.47
C LEU A 49 -12.23 -3.43 2.67
N ASN A 50 -12.11 -3.88 3.91
CA ASN A 50 -12.34 -5.29 4.24
C ASN A 50 -11.35 -6.20 3.50
N VAL A 51 -10.10 -5.77 3.47
CA VAL A 51 -9.05 -6.54 2.80
C VAL A 51 -7.90 -6.87 3.74
N ASP A 52 -7.26 -8.00 3.54
CA ASP A 52 -6.15 -8.43 4.37
C ASP A 52 -5.14 -7.30 4.55
N CYS A 53 -4.88 -6.94 5.80
CA CYS A 53 -3.93 -5.86 6.10
C CYS A 53 -2.67 -5.99 5.26
N GLU A 54 -2.18 -7.23 5.14
CA GLU A 54 -0.97 -7.49 4.35
C GLU A 54 -1.11 -6.92 2.95
N ILE A 55 -2.29 -7.09 2.36
CA ILE A 55 -2.55 -6.60 1.01
C ILE A 55 -2.19 -5.11 0.88
N VAL A 56 -2.54 -4.35 1.91
CA VAL A 56 -2.26 -2.91 1.91
C VAL A 56 -0.77 -2.65 2.13
N ARG A 57 -0.25 -3.11 3.26
CA ARG A 57 1.17 -2.92 3.58
C ARG A 57 2.05 -3.29 2.38
N THR A 58 1.64 -4.33 1.65
CA THR A 58 2.39 -4.78 0.49
C THR A 58 2.21 -3.84 -0.69
N TRP A 59 0.99 -3.37 -0.88
CA TRP A 59 0.69 -2.45 -1.97
C TRP A 59 1.57 -1.21 -1.90
N ILE A 60 1.82 -0.73 -0.69
CA ILE A 60 2.65 0.45 -0.49
C ILE A 60 4.06 0.22 -1.00
N GLY A 61 4.76 -0.74 -0.38
CA GLY A 61 6.12 -1.04 -0.78
C GLY A 61 6.27 -1.16 -2.28
N ASN A 62 5.33 -1.87 -2.92
CA ASN A 62 5.36 -2.05 -4.37
C ASN A 62 5.25 -0.71 -5.09
N ARG A 63 4.33 0.12 -4.63
CA ARG A 63 4.11 1.43 -5.23
C ARG A 63 5.36 2.30 -5.11
N ARG A 64 5.84 2.46 -3.88
CA ARG A 64 7.03 3.27 -3.62
C ARG A 64 8.03 3.14 -4.77
N ARG A 65 8.29 1.91 -5.17
CA ARG A 65 9.24 1.65 -6.26
C ARG A 65 8.70 2.19 -7.58
N LYS A 66 7.45 1.85 -7.89
CA LYS A 66 6.82 2.30 -9.12
C LYS A 66 7.16 3.77 -9.41
N TYR A 67 6.99 4.62 -8.40
CA TYR A 67 7.28 6.03 -8.55
C TYR A 67 8.75 6.26 -8.89
N ARG A 68 9.63 5.80 -8.01
CA ARG A 68 11.07 5.94 -8.21
C ARG A 68 11.45 5.55 -9.63
N LEU A 69 11.00 4.38 -10.06
CA LEU A 69 11.29 3.88 -11.41
C LEU A 69 11.13 4.99 -12.44
N MET A 70 10.04 5.75 -12.33
CA MET A 70 9.78 6.85 -13.26
C MET A 70 10.72 8.01 -13.00
N GLY A 71 11.21 8.12 -11.77
CA GLY A 71 12.11 9.20 -11.43
C GLY A 71 11.45 10.24 -10.54
N ILE A 72 10.54 9.81 -9.68
CA ILE A 72 9.84 10.71 -8.78
C ILE A 72 10.51 10.76 -7.41
N GLU A 73 10.56 11.95 -6.82
CA GLU A 73 11.18 12.13 -5.51
C GLU A 73 10.16 11.90 -4.40
N VAL A 74 9.30 10.91 -4.58
CA VAL A 74 8.28 10.59 -3.59
C VAL A 74 8.86 10.56 -2.19
N SER A 75 10.11 10.11 -2.08
CA SER A 75 10.79 10.02 -0.79
C SER A 75 11.65 11.25 -0.54
N GLY A 76 11.59 11.78 0.68
CA GLY A 76 12.36 12.95 1.03
C GLY A 76 13.46 12.65 2.03
N PRO A 77 13.12 12.75 3.33
CA PRO A 77 14.07 12.48 4.41
C PRO A 77 14.44 11.01 4.52
N SER A 78 15.70 10.70 4.23
CA SER A 78 16.18 9.33 4.29
C SER A 78 17.26 9.18 5.36
N SER A 79 17.39 7.98 5.89
CA SER A 79 18.38 7.69 6.92
C SER A 79 19.66 7.12 6.31
N GLY A 80 20.77 7.28 7.02
CA GLY A 80 22.05 6.78 6.54
C GLY A 80 23.20 7.72 6.83
N GLY A 1 15.74 -19.60 7.06
CA GLY A 1 15.45 -18.52 6.14
C GLY A 1 14.02 -18.55 5.64
N SER A 2 13.85 -18.59 4.32
CA SER A 2 12.52 -18.61 3.72
C SER A 2 11.78 -17.30 3.99
N SER A 3 12.50 -16.19 3.87
CA SER A 3 11.91 -14.88 4.09
C SER A 3 11.32 -14.31 2.81
N GLY A 4 10.00 -14.34 2.70
CA GLY A 4 9.34 -13.82 1.52
C GLY A 4 9.52 -14.72 0.31
N SER A 5 10.58 -14.49 -0.45
CA SER A 5 10.86 -15.29 -1.64
C SER A 5 12.21 -14.93 -2.23
N SER A 6 12.94 -15.94 -2.68
CA SER A 6 14.26 -15.73 -3.28
C SER A 6 14.28 -14.47 -4.13
N GLY A 7 13.27 -14.33 -4.98
CA GLY A 7 13.19 -13.16 -5.84
C GLY A 7 11.88 -12.41 -5.68
N ALA A 8 11.51 -11.64 -6.70
CA ALA A 8 10.27 -10.87 -6.66
C ALA A 8 9.06 -11.78 -6.63
N LEU A 9 7.99 -11.32 -5.99
CA LEU A 9 6.77 -12.10 -5.88
C LEU A 9 6.20 -12.42 -7.26
N GLN A 10 5.23 -13.34 -7.31
CA GLN A 10 4.62 -13.72 -8.57
C GLN A 10 3.18 -13.21 -8.66
N ASP A 11 2.41 -13.46 -7.60
CA ASP A 11 1.02 -13.03 -7.54
C ASP A 11 0.92 -11.55 -7.20
N ARG A 12 0.46 -10.75 -8.15
CA ARG A 12 0.32 -9.31 -7.95
C ARG A 12 -1.07 -8.97 -7.43
N THR A 13 -1.17 -7.87 -6.68
CA THR A 13 -2.45 -7.44 -6.12
C THR A 13 -3.19 -6.54 -7.11
N GLN A 14 -4.43 -6.91 -7.41
CA GLN A 14 -5.25 -6.13 -8.33
C GLN A 14 -6.34 -5.36 -7.58
N PHE A 15 -6.39 -4.05 -7.82
CA PHE A 15 -7.37 -3.20 -7.16
C PHE A 15 -8.24 -2.47 -8.20
N SER A 16 -9.41 -2.02 -7.77
CA SER A 16 -10.33 -1.31 -8.65
C SER A 16 -10.36 0.17 -8.31
N ASP A 17 -10.49 1.00 -9.35
CA ASP A 17 -10.55 2.45 -9.16
C ASP A 17 -11.27 2.81 -7.87
N ARG A 18 -12.42 2.16 -7.64
CA ARG A 18 -13.20 2.42 -6.45
C ARG A 18 -12.39 2.13 -5.18
N ASP A 19 -11.79 0.95 -5.12
CA ASP A 19 -10.98 0.56 -3.98
C ASP A 19 -9.77 1.47 -3.83
N LEU A 20 -9.01 1.63 -4.92
CA LEU A 20 -7.83 2.48 -4.91
C LEU A 20 -8.12 3.81 -4.24
N ALA A 21 -9.17 4.48 -4.69
CA ALA A 21 -9.55 5.78 -4.13
C ALA A 21 -9.30 5.81 -2.62
N THR A 22 -9.66 4.73 -1.94
CA THR A 22 -9.48 4.65 -0.50
C THR A 22 -8.00 4.67 -0.13
N LEU A 23 -7.21 3.82 -0.78
CA LEU A 23 -5.79 3.74 -0.52
C LEU A 23 -5.11 5.08 -0.80
N LYS A 24 -5.25 5.57 -2.02
CA LYS A 24 -4.66 6.84 -2.40
C LYS A 24 -4.97 7.92 -1.38
N LYS A 25 -6.18 7.88 -0.82
CA LYS A 25 -6.59 8.85 0.19
C LYS A 25 -5.58 8.93 1.32
N TYR A 26 -5.24 7.77 1.89
CA TYR A 26 -4.29 7.72 2.99
C TYR A 26 -2.90 8.15 2.53
N TRP A 27 -2.58 7.83 1.27
CA TRP A 27 -1.28 8.18 0.71
C TRP A 27 -1.03 9.68 0.81
N ASP A 28 -2.11 10.46 0.81
CA ASP A 28 -2.01 11.91 0.90
C ASP A 28 -1.46 12.33 2.25
N ASN A 29 -1.34 11.37 3.16
CA ASN A 29 -0.83 11.64 4.50
C ASN A 29 0.54 11.01 4.70
N GLY A 30 1.19 10.66 3.59
CA GLY A 30 2.50 10.04 3.67
C GLY A 30 2.43 8.56 3.97
N MET A 31 1.39 7.90 3.47
CA MET A 31 1.22 6.47 3.69
C MET A 31 2.15 5.66 2.80
N THR A 32 3.42 6.04 2.79
CA THR A 32 4.41 5.35 1.97
C THR A 32 5.46 4.66 2.84
N SER A 33 5.02 4.12 3.98
CA SER A 33 5.92 3.43 4.89
C SER A 33 5.24 2.22 5.52
N LEU A 34 6.03 1.23 5.90
CA LEU A 34 5.51 0.02 6.52
C LEU A 34 5.60 0.09 8.03
N GLY A 35 6.61 0.81 8.53
CA GLY A 35 6.79 0.94 9.97
C GLY A 35 5.50 1.32 10.68
N SER A 36 5.52 1.25 12.00
CA SER A 36 4.35 1.59 12.80
C SER A 36 3.87 3.01 12.49
N VAL A 37 4.80 3.89 12.17
CA VAL A 37 4.47 5.27 11.84
C VAL A 37 3.30 5.34 10.88
N CYS A 38 3.25 4.41 9.94
CA CYS A 38 2.17 4.37 8.96
C CYS A 38 1.23 3.20 9.23
N ARG A 39 1.78 2.13 9.79
CA ARG A 39 0.99 0.95 10.10
C ARG A 39 -0.36 1.33 10.70
N GLU A 40 -0.33 2.23 11.67
CA GLU A 40 -1.55 2.69 12.33
C GLU A 40 -2.63 3.03 11.31
N LYS A 41 -2.23 3.76 10.26
CA LYS A 41 -3.16 4.14 9.20
C LYS A 41 -3.56 2.94 8.36
N ILE A 42 -2.59 2.07 8.08
CA ILE A 42 -2.84 0.88 7.28
C ILE A 42 -3.87 -0.03 7.94
N GLU A 43 -3.80 -0.12 9.27
CA GLU A 43 -4.72 -0.95 10.03
C GLU A 43 -6.17 -0.55 9.76
N ALA A 44 -6.36 0.68 9.27
CA ALA A 44 -7.69 1.18 8.96
C ALA A 44 -8.08 0.83 7.54
N VAL A 45 -7.34 1.36 6.57
CA VAL A 45 -7.62 1.12 5.16
C VAL A 45 -7.87 -0.37 4.91
N ALA A 46 -7.34 -1.21 5.79
CA ALA A 46 -7.49 -2.65 5.66
C ALA A 46 -8.86 -3.10 6.19
N THR A 47 -9.27 -2.54 7.32
CA THR A 47 -10.55 -2.89 7.92
C THR A 47 -11.71 -2.25 7.16
N GLU A 48 -11.41 -1.17 6.43
CA GLU A 48 -12.42 -0.47 5.66
C GLU A 48 -12.68 -1.17 4.34
N LEU A 49 -11.61 -1.64 3.70
CA LEU A 49 -11.72 -2.34 2.42
C LEU A 49 -12.00 -3.82 2.63
N ASN A 50 -11.91 -4.26 3.88
CA ASN A 50 -12.15 -5.66 4.22
C ASN A 50 -11.08 -6.56 3.60
N VAL A 51 -9.82 -6.11 3.69
CA VAL A 51 -8.70 -6.88 3.15
C VAL A 51 -7.62 -7.06 4.19
N ASP A 52 -6.94 -8.21 4.15
CA ASP A 52 -5.87 -8.50 5.09
C ASP A 52 -4.82 -7.39 5.08
N CYS A 53 -4.41 -6.97 6.27
CA CYS A 53 -3.42 -5.92 6.41
C CYS A 53 -2.32 -6.06 5.36
N GLU A 54 -1.90 -7.30 5.11
CA GLU A 54 -0.86 -7.58 4.13
C GLU A 54 -1.24 -7.03 2.77
N ILE A 55 -2.50 -7.21 2.39
CA ILE A 55 -2.99 -6.73 1.10
C ILE A 55 -2.61 -5.26 0.88
N VAL A 56 -2.65 -4.48 1.95
CA VAL A 56 -2.31 -3.07 1.89
C VAL A 56 -0.81 -2.86 2.04
N ARG A 57 -0.28 -3.19 3.22
CA ARG A 57 1.13 -3.03 3.50
C ARG A 57 1.97 -3.41 2.28
N THR A 58 1.51 -4.42 1.54
CA THR A 58 2.22 -4.88 0.36
C THR A 58 2.05 -3.90 -0.80
N TRP A 59 0.85 -3.34 -0.93
CA TRP A 59 0.56 -2.40 -1.99
C TRP A 59 1.45 -1.15 -1.86
N ILE A 60 1.70 -0.73 -0.63
CA ILE A 60 2.53 0.44 -0.38
C ILE A 60 3.95 0.23 -0.89
N GLY A 61 4.64 -0.74 -0.31
CA GLY A 61 6.01 -1.03 -0.72
C GLY A 61 6.15 -1.16 -2.22
N ASN A 62 5.20 -1.83 -2.86
CA ASN A 62 5.22 -2.01 -4.30
C ASN A 62 5.04 -0.68 -5.02
N ARG A 63 3.91 -0.03 -4.76
CA ARG A 63 3.61 1.25 -5.38
C ARG A 63 4.83 2.17 -5.35
N ARG A 64 5.37 2.37 -4.15
CA ARG A 64 6.54 3.23 -3.98
C ARG A 64 7.50 3.09 -5.15
N ARG A 65 7.95 1.86 -5.40
CA ARG A 65 8.88 1.59 -6.49
C ARG A 65 8.29 2.05 -7.82
N LYS A 66 7.10 1.55 -8.14
CA LYS A 66 6.42 1.91 -9.39
C LYS A 66 6.57 3.40 -9.67
N TYR A 67 6.34 4.22 -8.66
CA TYR A 67 6.44 5.67 -8.80
C TYR A 67 7.87 6.08 -9.13
N ARG A 68 8.78 5.85 -8.19
CA ARG A 68 10.17 6.19 -8.38
C ARG A 68 10.64 5.84 -9.79
N LEU A 69 10.33 4.63 -10.23
CA LEU A 69 10.71 4.17 -11.56
C LEU A 69 10.40 5.22 -12.61
N MET A 70 9.23 5.85 -12.49
CA MET A 70 8.82 6.88 -13.43
C MET A 70 9.63 8.16 -13.23
N GLY A 71 10.13 8.34 -12.01
CA GLY A 71 10.92 9.51 -11.70
C GLY A 71 10.54 10.15 -10.39
N ILE A 72 9.32 9.90 -9.94
CA ILE A 72 8.82 10.44 -8.68
C ILE A 72 9.83 10.20 -7.55
N GLU A 73 10.54 11.27 -7.16
CA GLU A 73 11.53 11.17 -6.10
C GLU A 73 10.86 11.17 -4.73
N VAL A 74 9.79 10.39 -4.59
CA VAL A 74 9.06 10.32 -3.34
C VAL A 74 10.00 10.09 -2.16
N SER A 75 11.09 9.38 -2.42
CA SER A 75 12.08 9.09 -1.38
C SER A 75 13.10 10.22 -1.27
N GLY A 76 12.71 11.30 -0.58
CA GLY A 76 13.60 12.43 -0.41
C GLY A 76 13.53 13.02 0.98
N PRO A 77 14.44 13.96 1.27
CA PRO A 77 14.50 14.62 2.58
C PRO A 77 13.31 15.56 2.80
N SER A 78 13.00 16.36 1.79
CA SER A 78 11.89 17.31 1.88
C SER A 78 11.96 18.11 3.18
N SER A 79 13.17 18.54 3.53
CA SER A 79 13.37 19.32 4.76
C SER A 79 13.29 20.82 4.47
N GLY A 80 12.79 21.57 5.44
CA GLY A 80 12.68 23.00 5.29
C GLY A 80 12.94 23.76 6.58
N GLY A 1 -17.87 -13.45 7.73
CA GLY A 1 -16.72 -14.08 7.10
C GLY A 1 -15.87 -13.10 6.33
N SER A 2 -15.98 -13.13 5.01
CA SER A 2 -15.22 -12.23 4.15
C SER A 2 -13.73 -12.59 4.17
N SER A 3 -13.45 -13.89 4.13
CA SER A 3 -12.08 -14.38 4.15
C SER A 3 -11.84 -15.41 3.05
N GLY A 4 -10.58 -15.76 2.84
CA GLY A 4 -10.24 -16.73 1.81
C GLY A 4 -9.40 -17.88 2.35
N SER A 5 -8.83 -18.66 1.44
CA SER A 5 -8.00 -19.79 1.82
C SER A 5 -6.57 -19.61 1.33
N SER A 6 -5.67 -20.47 1.80
CA SER A 6 -4.27 -20.40 1.43
C SER A 6 -3.92 -21.49 0.42
N GLY A 7 -2.99 -21.19 -0.48
CA GLY A 7 -2.59 -22.15 -1.49
C GLY A 7 -1.65 -21.55 -2.52
N ALA A 8 -0.74 -22.37 -3.02
CA ALA A 8 0.22 -21.91 -4.03
C ALA A 8 -0.49 -21.53 -5.33
N LEU A 9 -0.79 -20.25 -5.48
CA LEU A 9 -1.48 -19.76 -6.68
C LEU A 9 -0.75 -18.55 -7.24
N GLN A 10 -0.90 -18.33 -8.55
CA GLN A 10 -0.26 -17.21 -9.23
C GLN A 10 -1.31 -16.25 -9.79
N ASP A 11 -1.64 -15.23 -9.00
CA ASP A 11 -2.63 -14.24 -9.42
C ASP A 11 -2.31 -12.87 -8.84
N ARG A 12 -2.50 -11.83 -9.64
CA ARG A 12 -2.24 -10.47 -9.20
C ARG A 12 -3.53 -9.72 -8.88
N THR A 13 -3.96 -9.83 -7.63
CA THR A 13 -5.19 -9.19 -7.18
C THR A 13 -5.03 -7.67 -7.18
N GLN A 14 -5.41 -7.04 -8.28
CA GLN A 14 -5.31 -5.58 -8.40
C GLN A 14 -6.51 -4.90 -7.75
N PHE A 15 -6.30 -3.70 -7.24
CA PHE A 15 -7.36 -2.94 -6.59
C PHE A 15 -8.18 -2.17 -7.62
N SER A 16 -9.51 -2.26 -7.49
CA SER A 16 -10.41 -1.57 -8.40
C SER A 16 -10.43 -0.08 -8.13
N ASP A 17 -10.68 0.70 -9.18
CA ASP A 17 -10.73 2.16 -9.05
C ASP A 17 -11.40 2.56 -7.74
N ARG A 18 -12.62 2.08 -7.52
CA ARG A 18 -13.36 2.39 -6.30
C ARG A 18 -12.52 2.12 -5.07
N ASP A 19 -11.96 0.92 -4.98
CA ASP A 19 -11.13 0.53 -3.86
C ASP A 19 -9.92 1.45 -3.73
N LEU A 20 -9.07 1.45 -4.75
CA LEU A 20 -7.88 2.28 -4.75
C LEU A 20 -8.15 3.63 -4.09
N ALA A 21 -9.20 4.30 -4.54
CA ALA A 21 -9.58 5.60 -3.99
C ALA A 21 -9.28 5.66 -2.49
N THR A 22 -9.83 4.70 -1.75
CA THR A 22 -9.63 4.64 -0.31
C THR A 22 -8.15 4.61 0.05
N LEU A 23 -7.40 3.73 -0.62
CA LEU A 23 -5.97 3.60 -0.37
C LEU A 23 -5.25 4.91 -0.65
N LYS A 24 -5.33 5.38 -1.90
CA LYS A 24 -4.69 6.63 -2.30
C LYS A 24 -5.01 7.74 -1.31
N LYS A 25 -6.22 7.71 -0.76
CA LYS A 25 -6.65 8.71 0.20
C LYS A 25 -5.65 8.84 1.34
N TYR A 26 -5.24 7.72 1.90
CA TYR A 26 -4.29 7.70 3.01
C TYR A 26 -2.90 8.12 2.52
N TRP A 27 -2.57 7.74 1.29
CA TRP A 27 -1.27 8.08 0.71
C TRP A 27 -1.04 9.58 0.74
N ASP A 28 -2.13 10.35 0.70
CA ASP A 28 -2.03 11.81 0.73
C ASP A 28 -1.46 12.29 2.04
N ASN A 29 -1.36 11.38 3.02
CA ASN A 29 -0.84 11.73 4.34
C ASN A 29 0.53 11.10 4.54
N GLY A 30 1.19 10.73 3.44
CA GLY A 30 2.51 10.13 3.53
C GLY A 30 2.45 8.66 3.87
N MET A 31 1.42 7.97 3.37
CA MET A 31 1.26 6.55 3.63
C MET A 31 2.17 5.72 2.73
N THR A 32 3.43 6.13 2.65
CA THR A 32 4.42 5.43 1.83
C THR A 32 5.50 4.78 2.69
N SER A 33 5.10 4.25 3.85
CA SER A 33 6.03 3.61 4.76
C SER A 33 5.43 2.33 5.34
N LEU A 34 6.30 1.39 5.69
CA LEU A 34 5.85 0.13 6.27
C LEU A 34 5.94 0.15 7.79
N GLY A 35 6.84 0.98 8.31
CA GLY A 35 7.00 1.09 9.75
C GLY A 35 5.69 1.35 10.46
N SER A 36 5.72 1.33 11.79
CA SER A 36 4.54 1.56 12.60
C SER A 36 3.96 2.94 12.33
N VAL A 37 4.84 3.89 12.02
CA VAL A 37 4.41 5.26 11.74
C VAL A 37 3.21 5.29 10.80
N CYS A 38 3.15 4.31 9.89
CA CYS A 38 2.06 4.22 8.94
C CYS A 38 1.16 3.04 9.26
N ARG A 39 1.75 1.96 9.77
CA ARG A 39 1.00 0.76 10.11
C ARG A 39 -0.37 1.13 10.70
N GLU A 40 -0.34 1.95 11.75
CA GLU A 40 -1.57 2.38 12.41
C GLU A 40 -2.63 2.78 11.39
N LYS A 41 -2.21 3.53 10.38
CA LYS A 41 -3.12 3.99 9.33
C LYS A 41 -3.58 2.82 8.47
N ILE A 42 -2.63 2.01 8.03
CA ILE A 42 -2.94 0.85 7.20
C ILE A 42 -3.97 -0.05 7.87
N GLU A 43 -3.88 -0.15 9.19
CA GLU A 43 -4.80 -0.98 9.96
C GLU A 43 -6.26 -0.54 9.74
N ALA A 44 -6.42 0.71 9.31
CA ALA A 44 -7.75 1.25 9.05
C ALA A 44 -8.19 0.98 7.62
N VAL A 45 -7.44 1.52 6.66
CA VAL A 45 -7.75 1.33 5.25
C VAL A 45 -8.03 -0.13 4.93
N ALA A 46 -7.44 -1.02 5.73
CA ALA A 46 -7.62 -2.45 5.54
C ALA A 46 -8.97 -2.92 6.07
N THR A 47 -9.31 -2.44 7.26
CA THR A 47 -10.58 -2.80 7.89
C THR A 47 -11.75 -2.11 7.20
N GLU A 48 -11.47 -1.02 6.51
CA GLU A 48 -12.49 -0.26 5.81
C GLU A 48 -12.89 -0.95 4.50
N LEU A 49 -11.90 -1.53 3.83
CA LEU A 49 -12.15 -2.22 2.57
C LEU A 49 -12.50 -3.68 2.81
N ASN A 50 -12.39 -4.11 4.07
CA ASN A 50 -12.71 -5.49 4.44
C ASN A 50 -11.75 -6.46 3.77
N VAL A 51 -10.47 -6.08 3.72
CA VAL A 51 -9.45 -6.93 3.12
C VAL A 51 -8.30 -7.17 4.08
N ASP A 52 -7.42 -8.10 3.72
CA ASP A 52 -6.26 -8.42 4.55
C ASP A 52 -5.26 -7.27 4.56
N CYS A 53 -5.05 -6.70 5.74
CA CYS A 53 -4.11 -5.59 5.89
C CYS A 53 -2.85 -5.82 5.05
N GLU A 54 -2.28 -7.01 5.18
CA GLU A 54 -1.07 -7.36 4.45
C GLU A 54 -1.14 -6.86 3.01
N ILE A 55 -2.30 -7.06 2.38
CA ILE A 55 -2.49 -6.63 1.00
C ILE A 55 -2.11 -5.16 0.82
N VAL A 56 -2.51 -4.33 1.78
CA VAL A 56 -2.21 -2.91 1.73
C VAL A 56 -0.72 -2.65 1.94
N ARG A 57 -0.19 -3.11 3.07
CA ARG A 57 1.22 -2.94 3.39
C ARG A 57 2.09 -3.28 2.19
N THR A 58 1.78 -4.39 1.53
CA THR A 58 2.54 -4.83 0.37
C THR A 58 2.32 -3.89 -0.82
N TRP A 59 1.12 -3.37 -0.93
CA TRP A 59 0.78 -2.45 -2.02
C TRP A 59 1.60 -1.16 -1.91
N ILE A 60 1.79 -0.67 -0.69
CA ILE A 60 2.55 0.54 -0.46
C ILE A 60 3.97 0.42 -1.01
N GLY A 61 4.70 -0.56 -0.48
CA GLY A 61 6.07 -0.77 -0.93
C GLY A 61 6.17 -0.92 -2.44
N ASN A 62 5.23 -1.66 -3.02
CA ASN A 62 5.22 -1.88 -4.46
C ASN A 62 5.20 -0.55 -5.22
N ARG A 63 4.18 0.26 -4.96
CA ARG A 63 4.05 1.56 -5.61
C ARG A 63 5.36 2.33 -5.55
N ARG A 64 5.80 2.62 -4.33
CA ARG A 64 7.04 3.37 -4.12
C ARG A 64 8.09 2.97 -5.15
N ARG A 65 8.47 1.69 -5.14
CA ARG A 65 9.46 1.17 -6.07
C ARG A 65 9.03 1.41 -7.51
N LYS A 66 7.85 0.90 -7.85
CA LYS A 66 7.32 1.05 -9.21
C LYS A 66 7.73 2.39 -9.81
N TYR A 67 7.36 3.48 -9.12
CA TYR A 67 7.69 4.82 -9.59
C TYR A 67 9.19 4.96 -9.85
N ARG A 68 9.98 4.60 -8.85
CA ARG A 68 11.44 4.69 -8.96
C ARG A 68 11.93 3.95 -10.21
N LEU A 69 11.44 2.73 -10.41
CA LEU A 69 11.83 1.92 -11.55
C LEU A 69 11.68 2.72 -12.86
N MET A 70 10.61 3.49 -12.94
CA MET A 70 10.35 4.30 -14.13
C MET A 70 11.27 5.51 -14.18
N GLY A 71 11.75 5.94 -13.00
CA GLY A 71 12.64 7.07 -12.93
C GLY A 71 12.34 7.98 -11.75
N ILE A 72 11.06 8.07 -11.39
CA ILE A 72 10.64 8.91 -10.28
C ILE A 72 11.00 8.26 -8.94
N GLU A 73 12.18 8.61 -8.43
CA GLU A 73 12.64 8.07 -7.15
C GLU A 73 11.89 8.70 -5.99
N VAL A 74 11.27 7.86 -5.17
CA VAL A 74 10.51 8.34 -4.01
C VAL A 74 10.83 7.51 -2.78
N SER A 75 10.93 8.18 -1.63
CA SER A 75 11.23 7.51 -0.37
C SER A 75 10.20 7.85 0.70
N GLY A 76 10.03 9.15 0.94
CA GLY A 76 9.08 9.60 1.94
C GLY A 76 8.45 10.93 1.57
N PRO A 77 7.86 11.60 2.57
CA PRO A 77 7.21 12.90 2.38
C PRO A 77 8.20 14.01 2.08
N SER A 78 9.48 13.65 2.01
CA SER A 78 10.53 14.62 1.73
C SER A 78 11.10 14.42 0.33
N SER A 79 11.30 15.53 -0.39
CA SER A 79 11.84 15.47 -1.74
C SER A 79 13.28 15.96 -1.77
N GLY A 80 13.97 15.70 -2.88
CA GLY A 80 15.35 16.11 -3.02
C GLY A 80 16.27 15.34 -2.10
N GLY A 1 -0.72 -35.66 7.94
CA GLY A 1 -1.25 -34.31 8.04
C GLY A 1 -0.47 -33.32 7.19
N SER A 2 -1.20 -32.54 6.39
CA SER A 2 -0.57 -31.56 5.52
C SER A 2 -0.96 -30.14 5.93
N SER A 3 -0.39 -29.16 5.24
CA SER A 3 -0.67 -27.75 5.54
C SER A 3 -0.13 -26.85 4.44
N GLY A 4 -1.01 -26.01 3.88
CA GLY A 4 -0.60 -25.11 2.83
C GLY A 4 0.79 -24.54 3.05
N SER A 5 1.78 -25.18 2.44
CA SER A 5 3.17 -24.75 2.58
C SER A 5 3.37 -23.36 1.99
N SER A 6 4.05 -22.49 2.74
CA SER A 6 4.31 -21.13 2.29
C SER A 6 4.80 -21.11 0.84
N GLY A 7 3.97 -20.55 -0.04
CA GLY A 7 4.33 -20.48 -1.45
C GLY A 7 3.48 -19.48 -2.21
N ALA A 8 3.77 -19.33 -3.50
CA ALA A 8 3.03 -18.41 -4.34
C ALA A 8 1.53 -18.47 -4.04
N LEU A 9 0.80 -17.44 -4.45
CA LEU A 9 -0.64 -17.38 -4.22
C LEU A 9 -1.39 -18.06 -5.35
N GLN A 10 -2.39 -18.87 -5.00
CA GLN A 10 -3.19 -19.57 -5.98
C GLN A 10 -3.73 -18.62 -7.04
N ASP A 11 -4.40 -17.56 -6.59
CA ASP A 11 -4.97 -16.57 -7.49
C ASP A 11 -4.45 -15.18 -7.16
N ARG A 12 -4.56 -14.27 -8.13
CA ARG A 12 -4.10 -12.90 -7.93
C ARG A 12 -5.28 -11.96 -7.66
N THR A 13 -4.97 -10.73 -7.28
CA THR A 13 -5.99 -9.74 -6.99
C THR A 13 -5.53 -8.34 -7.37
N GLN A 14 -6.44 -7.54 -7.90
CA GLN A 14 -6.13 -6.18 -8.31
C GLN A 14 -7.08 -5.18 -7.65
N PHE A 15 -6.66 -3.92 -7.58
CA PHE A 15 -7.47 -2.88 -6.98
C PHE A 15 -8.05 -1.95 -8.05
N SER A 16 -9.37 -1.77 -8.00
CA SER A 16 -10.05 -0.92 -8.97
C SER A 16 -10.06 0.54 -8.51
N ASP A 17 -10.22 1.45 -9.45
CA ASP A 17 -10.24 2.88 -9.14
C ASP A 17 -11.00 3.13 -7.84
N ARG A 18 -12.11 2.43 -7.66
CA ARG A 18 -12.92 2.58 -6.45
C ARG A 18 -12.12 2.17 -5.20
N ASP A 19 -11.67 0.92 -5.18
CA ASP A 19 -10.90 0.42 -4.05
C ASP A 19 -9.68 1.30 -3.78
N LEU A 20 -8.94 1.61 -4.84
CA LEU A 20 -7.75 2.45 -4.71
C LEU A 20 -8.07 3.76 -3.98
N ALA A 21 -9.15 4.41 -4.41
CA ALA A 21 -9.56 5.67 -3.78
C ALA A 21 -9.27 5.66 -2.28
N THR A 22 -9.80 4.66 -1.59
CA THR A 22 -9.59 4.55 -0.15
C THR A 22 -8.11 4.59 0.20
N LEU A 23 -7.33 3.74 -0.45
CA LEU A 23 -5.89 3.69 -0.21
C LEU A 23 -5.23 5.02 -0.55
N LYS A 24 -5.35 5.43 -1.80
CA LYS A 24 -4.77 6.70 -2.24
C LYS A 24 -5.05 7.81 -1.24
N LYS A 25 -6.23 7.77 -0.64
CA LYS A 25 -6.63 8.77 0.34
C LYS A 25 -5.58 8.90 1.44
N TYR A 26 -5.22 7.78 2.03
CA TYR A 26 -4.23 7.77 3.11
C TYR A 26 -2.84 8.10 2.57
N TRP A 27 -2.58 7.71 1.34
CA TRP A 27 -1.29 7.98 0.69
C TRP A 27 -0.98 9.47 0.70
N ASP A 28 -2.03 10.28 0.73
CA ASP A 28 -1.87 11.73 0.74
C ASP A 28 -1.25 12.21 2.06
N ASN A 29 -1.21 11.32 3.03
CA ASN A 29 -0.64 11.64 4.34
C ASN A 29 0.72 10.97 4.52
N GLY A 30 1.36 10.64 3.41
CA GLY A 30 2.67 10.01 3.47
C GLY A 30 2.58 8.53 3.82
N MET A 31 1.52 7.89 3.37
CA MET A 31 1.31 6.46 3.64
C MET A 31 2.21 5.61 2.75
N THR A 32 3.49 5.96 2.70
CA THR A 32 4.45 5.22 1.88
C THR A 32 5.35 4.36 2.75
N SER A 33 5.67 4.84 3.94
CA SER A 33 6.53 4.11 4.85
C SER A 33 5.76 2.99 5.56
N LEU A 34 6.41 1.86 5.75
CA LEU A 34 5.78 0.72 6.41
C LEU A 34 5.87 0.86 7.93
N GLY A 35 6.91 1.54 8.41
CA GLY A 35 7.09 1.73 9.83
C GLY A 35 5.77 1.90 10.57
N SER A 36 5.76 1.53 11.84
CA SER A 36 4.55 1.64 12.65
C SER A 36 3.94 3.03 12.55
N VAL A 37 4.78 4.01 12.21
CA VAL A 37 4.33 5.39 12.08
C VAL A 37 3.14 5.49 11.15
N CYS A 38 3.09 4.61 10.15
CA CYS A 38 2.01 4.60 9.18
C CYS A 38 1.07 3.42 9.43
N ARG A 39 1.63 2.32 9.91
CA ARG A 39 0.85 1.13 10.20
C ARG A 39 -0.53 1.49 10.74
N GLU A 40 -0.56 2.46 11.65
CA GLU A 40 -1.82 2.90 12.25
C GLU A 40 -2.90 3.07 11.18
N LYS A 41 -2.59 3.88 10.16
CA LYS A 41 -3.52 4.14 9.07
C LYS A 41 -3.86 2.85 8.33
N ILE A 42 -2.83 2.04 8.05
CA ILE A 42 -3.02 0.78 7.35
C ILE A 42 -4.07 -0.08 8.03
N GLU A 43 -3.99 -0.16 9.36
CA GLU A 43 -4.94 -0.95 10.14
C GLU A 43 -6.37 -0.48 9.89
N ALA A 44 -6.51 0.72 9.31
CA ALA A 44 -7.82 1.28 9.03
C ALA A 44 -8.25 0.96 7.60
N VAL A 45 -7.44 1.37 6.63
CA VAL A 45 -7.74 1.14 5.23
C VAL A 45 -7.97 -0.35 4.96
N ALA A 46 -7.41 -1.20 5.81
CA ALA A 46 -7.56 -2.64 5.67
C ALA A 46 -8.90 -3.10 6.22
N THR A 47 -9.28 -2.56 7.37
CA THR A 47 -10.54 -2.92 8.01
C THR A 47 -11.73 -2.26 7.31
N GLU A 48 -11.45 -1.18 6.58
CA GLU A 48 -12.49 -0.45 5.88
C GLU A 48 -12.87 -1.18 4.58
N LEU A 49 -11.88 -1.76 3.92
CA LEU A 49 -12.11 -2.48 2.68
C LEU A 49 -12.41 -3.96 2.96
N ASN A 50 -12.32 -4.34 4.23
CA ASN A 50 -12.58 -5.73 4.63
C ASN A 50 -11.58 -6.68 3.98
N VAL A 51 -10.32 -6.27 3.92
CA VAL A 51 -9.27 -7.08 3.33
C VAL A 51 -8.13 -7.32 4.32
N ASP A 52 -7.16 -8.13 3.91
CA ASP A 52 -6.02 -8.43 4.76
C ASP A 52 -4.97 -7.33 4.69
N CYS A 53 -4.67 -6.74 5.84
CA CYS A 53 -3.69 -5.65 5.91
C CYS A 53 -2.50 -5.95 4.99
N GLU A 54 -2.00 -7.17 5.06
CA GLU A 54 -0.85 -7.57 4.23
C GLU A 54 -1.00 -7.05 2.81
N ILE A 55 -2.20 -7.22 2.25
CA ILE A 55 -2.47 -6.77 0.89
C ILE A 55 -2.15 -5.28 0.72
N VAL A 56 -2.50 -4.49 1.74
CA VAL A 56 -2.25 -3.06 1.71
C VAL A 56 -0.77 -2.76 1.92
N ARG A 57 -0.24 -3.20 3.05
CA ARG A 57 1.17 -2.98 3.37
C ARG A 57 2.06 -3.34 2.19
N THR A 58 1.69 -4.40 1.49
CA THR A 58 2.47 -4.86 0.34
C THR A 58 2.27 -3.93 -0.85
N TRP A 59 1.04 -3.45 -1.03
CA TRP A 59 0.72 -2.55 -2.14
C TRP A 59 1.54 -1.27 -2.04
N ILE A 60 1.74 -0.79 -0.81
CA ILE A 60 2.51 0.43 -0.60
C ILE A 60 3.92 0.30 -1.13
N GLY A 61 4.69 -0.62 -0.55
CA GLY A 61 6.06 -0.83 -0.99
C GLY A 61 6.16 -1.05 -2.48
N ASN A 62 5.32 -1.92 -3.02
CA ASN A 62 5.32 -2.21 -4.46
C ASN A 62 5.06 -0.94 -5.26
N ARG A 63 4.12 -0.13 -4.80
CA ARG A 63 3.77 1.11 -5.47
C ARG A 63 4.98 2.04 -5.57
N ARG A 64 5.59 2.35 -4.43
CA ARG A 64 6.75 3.22 -4.38
C ARG A 64 7.69 2.93 -5.56
N ARG A 65 8.13 1.68 -5.66
CA ARG A 65 9.04 1.28 -6.74
C ARG A 65 8.52 1.76 -8.09
N LYS A 66 7.31 1.35 -8.42
CA LYS A 66 6.70 1.74 -9.69
C LYS A 66 7.11 3.15 -10.09
N TYR A 67 6.98 4.09 -9.15
CA TYR A 67 7.35 5.48 -9.41
C TYR A 67 8.82 5.59 -9.78
N ARG A 68 9.67 4.87 -9.04
CA ARG A 68 11.11 4.90 -9.30
C ARG A 68 11.43 4.28 -10.66
N LEU A 69 10.92 3.07 -10.88
CA LEU A 69 11.16 2.37 -12.13
C LEU A 69 10.97 3.30 -13.33
N MET A 70 9.96 4.15 -13.25
CA MET A 70 9.67 5.10 -14.32
C MET A 70 10.67 6.25 -14.31
N GLY A 71 11.23 6.52 -13.14
CA GLY A 71 12.20 7.60 -13.02
C GLY A 71 11.69 8.75 -12.17
N ILE A 72 10.97 8.41 -11.10
CA ILE A 72 10.41 9.43 -10.21
C ILE A 72 10.95 9.25 -8.79
N GLU A 73 11.25 10.38 -8.14
CA GLU A 73 11.76 10.35 -6.77
C GLU A 73 10.63 10.49 -5.76
N VAL A 74 9.98 9.36 -5.44
CA VAL A 74 8.88 9.37 -4.49
C VAL A 74 9.39 9.17 -3.06
N SER A 75 10.50 9.82 -2.75
CA SER A 75 11.10 9.72 -1.42
C SER A 75 10.03 9.87 -0.33
N GLY A 76 9.41 11.05 -0.29
CA GLY A 76 8.38 11.30 0.70
C GLY A 76 8.50 12.68 1.32
N PRO A 77 7.95 13.69 0.63
CA PRO A 77 7.98 15.08 1.09
C PRO A 77 7.10 15.30 2.32
N SER A 78 7.06 16.54 2.80
CA SER A 78 6.25 16.89 3.97
C SER A 78 5.93 18.37 3.99
N SER A 79 4.70 18.70 4.34
CA SER A 79 4.25 20.09 4.40
C SER A 79 5.16 20.90 5.33
N GLY A 80 5.84 21.89 4.76
CA GLY A 80 6.73 22.73 5.54
C GLY A 80 8.06 22.98 4.86
N GLY A 1 -26.57 -12.56 -18.96
CA GLY A 1 -26.68 -12.11 -17.59
C GLY A 1 -25.39 -12.30 -16.82
N SER A 2 -25.52 -12.62 -15.53
CA SER A 2 -24.37 -12.82 -14.67
C SER A 2 -24.26 -14.27 -14.23
N SER A 3 -23.65 -15.10 -15.07
CA SER A 3 -23.49 -16.52 -14.78
C SER A 3 -22.29 -16.76 -13.87
N GLY A 4 -22.55 -17.13 -12.63
CA GLY A 4 -21.47 -17.37 -11.68
C GLY A 4 -21.48 -16.41 -10.52
N SER A 5 -22.65 -16.22 -9.92
CA SER A 5 -22.80 -15.30 -8.79
C SER A 5 -21.66 -15.50 -7.80
N SER A 6 -21.43 -16.75 -7.41
CA SER A 6 -20.37 -17.07 -6.44
C SER A 6 -19.09 -16.30 -6.78
N GLY A 7 -18.77 -16.22 -8.07
CA GLY A 7 -17.58 -15.53 -8.49
C GLY A 7 -16.38 -15.83 -7.60
N ALA A 8 -15.76 -16.98 -7.81
CA ALA A 8 -14.60 -17.38 -7.03
C ALA A 8 -13.30 -16.94 -7.70
N LEU A 9 -12.98 -15.66 -7.56
CA LEU A 9 -11.76 -15.12 -8.16
C LEU A 9 -11.09 -14.13 -7.22
N GLN A 10 -9.79 -14.32 -6.99
CA GLN A 10 -9.03 -13.44 -6.11
C GLN A 10 -8.01 -12.62 -6.90
N ASP A 11 -8.33 -11.35 -7.13
CA ASP A 11 -7.45 -10.46 -7.86
C ASP A 11 -6.82 -9.42 -6.94
N ARG A 12 -6.35 -9.87 -5.77
CA ARG A 12 -5.73 -8.98 -4.81
C ARG A 12 -4.54 -8.26 -5.41
N THR A 13 -3.97 -8.85 -6.47
CA THR A 13 -2.81 -8.27 -7.13
C THR A 13 -3.08 -6.83 -7.56
N GLN A 14 -4.31 -6.57 -7.99
CA GLN A 14 -4.70 -5.23 -8.41
C GLN A 14 -5.95 -4.76 -7.67
N PHE A 15 -6.10 -3.44 -7.56
CA PHE A 15 -7.25 -2.86 -6.87
C PHE A 15 -8.19 -2.17 -7.85
N SER A 16 -9.48 -2.21 -7.55
CA SER A 16 -10.48 -1.60 -8.41
C SER A 16 -10.49 -0.08 -8.24
N ASP A 17 -10.80 0.62 -9.33
CA ASP A 17 -10.83 2.08 -9.31
C ASP A 17 -11.42 2.59 -8.00
N ARG A 18 -12.44 1.90 -7.51
CA ARG A 18 -13.11 2.28 -6.26
C ARG A 18 -12.20 2.02 -5.06
N ASP A 19 -11.67 0.80 -4.98
CA ASP A 19 -10.80 0.42 -3.89
C ASP A 19 -9.59 1.35 -3.81
N LEU A 20 -8.90 1.52 -4.94
CA LEU A 20 -7.73 2.39 -4.99
C LEU A 20 -8.03 3.75 -4.36
N ALA A 21 -9.08 4.40 -4.84
CA ALA A 21 -9.48 5.71 -4.34
C ALA A 21 -9.24 5.79 -2.83
N THR A 22 -9.61 4.74 -2.11
CA THR A 22 -9.45 4.70 -0.67
C THR A 22 -7.98 4.67 -0.28
N LEU A 23 -7.24 3.73 -0.87
CA LEU A 23 -5.80 3.59 -0.59
C LEU A 23 -5.08 4.92 -0.84
N LYS A 24 -5.28 5.48 -2.03
CA LYS A 24 -4.64 6.73 -2.40
C LYS A 24 -4.96 7.82 -1.38
N LYS A 25 -6.23 7.92 -1.01
CA LYS A 25 -6.67 8.91 -0.04
C LYS A 25 -5.74 8.95 1.17
N TYR A 26 -5.39 7.77 1.67
CA TYR A 26 -4.52 7.66 2.83
C TYR A 26 -3.08 8.02 2.46
N TRP A 27 -2.68 7.66 1.24
CA TRP A 27 -1.33 7.94 0.77
C TRP A 27 -1.01 9.43 0.90
N ASP A 28 -2.02 10.26 0.76
CA ASP A 28 -1.85 11.71 0.88
C ASP A 28 -1.25 12.07 2.24
N ASN A 29 -1.40 11.18 3.21
CA ASN A 29 -0.87 11.42 4.54
C ASN A 29 0.48 10.74 4.73
N GLY A 30 1.20 10.56 3.62
CA GLY A 30 2.50 9.92 3.68
C GLY A 30 2.42 8.43 3.97
N MET A 31 1.24 7.86 3.75
CA MET A 31 1.03 6.44 3.99
C MET A 31 2.02 5.60 3.20
N THR A 32 2.54 6.17 2.11
CA THR A 32 3.50 5.46 1.27
C THR A 32 4.54 4.73 2.12
N SER A 33 4.72 5.19 3.36
CA SER A 33 5.68 4.58 4.26
C SER A 33 5.11 3.31 4.89
N LEU A 34 6.00 2.42 5.31
CA LEU A 34 5.58 1.17 5.93
C LEU A 34 5.85 1.19 7.44
N GLY A 35 6.89 1.91 7.83
CA GLY A 35 7.24 2.00 9.25
C GLY A 35 6.03 1.99 10.14
N SER A 36 6.17 1.40 11.33
CA SER A 36 5.07 1.32 12.28
C SER A 36 4.28 2.62 12.32
N VAL A 37 5.00 3.75 12.31
CA VAL A 37 4.37 5.06 12.35
C VAL A 37 3.12 5.09 11.47
N CYS A 38 3.21 4.46 10.31
CA CYS A 38 2.08 4.41 9.37
C CYS A 38 1.30 3.12 9.54
N ARG A 39 1.96 2.08 10.05
CA ARG A 39 1.31 0.79 10.25
C ARG A 39 -0.07 0.97 10.87
N GLU A 40 -0.17 1.92 11.80
CA GLU A 40 -1.44 2.18 12.47
C GLU A 40 -2.53 2.54 11.46
N LYS A 41 -2.25 3.51 10.61
CA LYS A 41 -3.20 3.95 9.59
C LYS A 41 -3.62 2.77 8.71
N ILE A 42 -2.65 1.97 8.31
CA ILE A 42 -2.92 0.81 7.46
C ILE A 42 -4.03 -0.06 8.06
N GLU A 43 -4.03 -0.18 9.39
CA GLU A 43 -5.03 -0.99 10.08
C GLU A 43 -6.44 -0.50 9.76
N ALA A 44 -6.54 0.77 9.37
CA ALA A 44 -7.83 1.37 9.03
C ALA A 44 -8.19 1.10 7.58
N VAL A 45 -7.37 1.60 6.67
CA VAL A 45 -7.60 1.42 5.24
C VAL A 45 -7.88 -0.04 4.91
N ALA A 46 -7.40 -0.93 5.77
CA ALA A 46 -7.58 -2.37 5.56
C ALA A 46 -8.99 -2.79 5.99
N THR A 47 -9.42 -2.32 7.16
CA THR A 47 -10.73 -2.66 7.69
C THR A 47 -11.83 -1.95 6.90
N GLU A 48 -11.47 -0.86 6.23
CA GLU A 48 -12.43 -0.09 5.44
C GLU A 48 -12.71 -0.77 4.11
N LEU A 49 -11.66 -1.38 3.54
CA LEU A 49 -11.79 -2.06 2.26
C LEU A 49 -12.06 -3.55 2.47
N ASN A 50 -11.99 -4.00 3.71
CA ASN A 50 -12.24 -5.39 4.05
C ASN A 50 -11.22 -6.30 3.37
N VAL A 51 -9.94 -5.90 3.42
CA VAL A 51 -8.87 -6.67 2.82
C VAL A 51 -7.75 -6.93 3.81
N ASP A 52 -7.15 -8.12 3.73
CA ASP A 52 -6.06 -8.49 4.62
C ASP A 52 -5.07 -7.34 4.77
N CYS A 53 -4.78 -6.96 6.01
CA CYS A 53 -3.85 -5.87 6.28
C CYS A 53 -2.58 -6.02 5.46
N GLU A 54 -2.11 -7.27 5.34
CA GLU A 54 -0.90 -7.54 4.57
C GLU A 54 -1.02 -7.03 3.14
N ILE A 55 -2.18 -7.24 2.54
CA ILE A 55 -2.44 -6.80 1.18
C ILE A 55 -2.11 -5.33 1.01
N VAL A 56 -2.49 -4.53 2.00
CA VAL A 56 -2.24 -3.09 1.97
C VAL A 56 -0.76 -2.79 2.17
N ARG A 57 -0.21 -3.26 3.28
CA ARG A 57 1.20 -3.04 3.59
C ARG A 57 2.08 -3.38 2.39
N THR A 58 1.74 -4.45 1.70
CA THR A 58 2.51 -4.89 0.54
C THR A 58 2.28 -3.96 -0.65
N TRP A 59 1.05 -3.48 -0.79
CA TRP A 59 0.71 -2.57 -1.89
C TRP A 59 1.48 -1.26 -1.75
N ILE A 60 1.51 -0.71 -0.55
CA ILE A 60 2.21 0.54 -0.29
C ILE A 60 3.60 0.53 -0.91
N GLY A 61 4.46 -0.36 -0.41
CA GLY A 61 5.81 -0.46 -0.92
C GLY A 61 5.84 -0.71 -2.42
N ASN A 62 4.86 -1.45 -2.92
CA ASN A 62 4.78 -1.77 -4.34
C ASN A 62 4.73 -0.49 -5.18
N ARG A 63 3.80 0.40 -4.84
CA ARG A 63 3.64 1.65 -5.57
C ARG A 63 4.92 2.46 -5.51
N ARG A 64 5.54 2.51 -4.33
CA ARG A 64 6.77 3.27 -4.14
C ARG A 64 7.71 3.09 -5.34
N ARG A 65 7.96 1.84 -5.71
CA ARG A 65 8.83 1.53 -6.83
C ARG A 65 8.22 2.02 -8.14
N LYS A 66 6.97 1.64 -8.39
CA LYS A 66 6.27 2.04 -9.60
C LYS A 66 6.66 3.46 -10.01
N TYR A 67 6.97 4.29 -9.03
CA TYR A 67 7.36 5.67 -9.28
C TYR A 67 8.85 5.77 -9.62
N ARG A 68 9.68 5.12 -8.81
CA ARG A 68 11.12 5.13 -9.02
C ARG A 68 11.49 4.31 -10.25
N LEU A 69 11.09 3.04 -10.25
CA LEU A 69 11.38 2.16 -11.37
C LEU A 69 11.06 2.83 -12.70
N MET A 70 10.04 3.68 -12.69
CA MET A 70 9.62 4.39 -13.90
C MET A 70 10.54 5.58 -14.17
N GLY A 71 11.16 6.11 -13.12
CA GLY A 71 12.05 7.23 -13.26
C GLY A 71 11.52 8.48 -12.57
N ILE A 72 10.88 8.29 -11.43
CA ILE A 72 10.34 9.41 -10.67
C ILE A 72 10.85 9.41 -9.23
N GLU A 73 10.98 10.60 -8.65
CA GLU A 73 11.45 10.73 -7.28
C GLU A 73 10.29 10.95 -6.33
N VAL A 74 9.74 9.85 -5.81
CA VAL A 74 8.62 9.92 -4.87
C VAL A 74 9.11 9.91 -3.44
N SER A 75 10.28 9.33 -3.22
CA SER A 75 10.86 9.24 -1.88
C SER A 75 11.36 10.60 -1.42
N GLY A 76 12.06 11.31 -2.32
CA GLY A 76 12.58 12.62 -1.99
C GLY A 76 13.85 12.94 -2.75
N PRO A 77 14.32 14.19 -2.63
CA PRO A 77 15.53 14.65 -3.30
C PRO A 77 16.79 14.01 -2.71
N SER A 78 17.90 14.13 -3.45
CA SER A 78 19.17 13.56 -3.00
C SER A 78 19.57 14.12 -1.65
N SER A 79 19.71 13.24 -0.67
CA SER A 79 20.08 13.64 0.68
C SER A 79 21.32 12.88 1.15
N GLY A 80 22.11 13.51 2.02
CA GLY A 80 23.31 12.88 2.53
C GLY A 80 24.45 12.93 1.54
N GLY A 1 12.77 -16.61 -8.13
CA GLY A 1 12.13 -17.59 -8.99
C GLY A 1 12.76 -18.96 -8.88
N SER A 2 12.18 -19.83 -8.07
CA SER A 2 12.69 -21.18 -7.88
C SER A 2 11.63 -22.23 -8.19
N SER A 3 12.08 -23.46 -8.45
CA SER A 3 11.17 -24.54 -8.76
C SER A 3 10.60 -25.17 -7.49
N GLY A 4 9.35 -24.83 -7.18
CA GLY A 4 8.71 -25.37 -5.99
C GLY A 4 8.49 -26.86 -6.07
N SER A 5 8.75 -27.57 -4.96
CA SER A 5 8.58 -29.01 -4.92
C SER A 5 7.19 -29.38 -4.40
N SER A 6 6.83 -28.85 -3.24
CA SER A 6 5.53 -29.11 -2.64
C SER A 6 4.42 -28.42 -3.41
N GLY A 7 4.65 -27.16 -3.76
CA GLY A 7 3.66 -26.40 -4.51
C GLY A 7 3.94 -24.92 -4.49
N ALA A 8 3.68 -24.25 -5.61
CA ALA A 8 3.92 -22.82 -5.73
C ALA A 8 2.70 -22.03 -5.23
N LEU A 9 2.95 -20.85 -4.67
CA LEU A 9 1.88 -20.00 -4.17
C LEU A 9 2.03 -18.57 -4.69
N GLN A 10 0.91 -17.83 -4.69
CA GLN A 10 0.92 -16.45 -5.17
C GLN A 10 -0.44 -15.80 -4.94
N ASP A 11 -0.43 -14.59 -4.41
CA ASP A 11 -1.66 -13.86 -4.14
C ASP A 11 -1.96 -12.88 -5.28
N ARG A 12 -2.84 -13.30 -6.18
CA ARG A 12 -3.23 -12.46 -7.32
C ARG A 12 -4.52 -11.70 -7.02
N THR A 13 -4.36 -10.42 -6.68
CA THR A 13 -5.52 -9.57 -6.38
C THR A 13 -5.40 -8.21 -7.06
N GLN A 14 -6.51 -7.73 -7.62
CA GLN A 14 -6.53 -6.44 -8.30
C GLN A 14 -7.39 -5.45 -7.53
N PHE A 15 -7.10 -4.17 -7.72
CA PHE A 15 -7.86 -3.11 -7.05
C PHE A 15 -8.62 -2.27 -8.07
N SER A 16 -9.87 -1.96 -7.75
CA SER A 16 -10.72 -1.16 -8.63
C SER A 16 -10.66 0.31 -8.25
N ASP A 17 -10.82 1.17 -9.25
CA ASP A 17 -10.79 2.61 -9.03
C ASP A 17 -11.49 2.98 -7.73
N ARG A 18 -12.67 2.41 -7.52
CA ARG A 18 -13.46 2.69 -6.32
C ARG A 18 -12.64 2.37 -5.06
N ASP A 19 -12.01 1.20 -5.05
CA ASP A 19 -11.20 0.78 -3.91
C ASP A 19 -10.01 1.72 -3.72
N LEU A 20 -9.13 1.76 -4.70
CA LEU A 20 -7.94 2.61 -4.64
C LEU A 20 -8.26 3.93 -3.93
N ALA A 21 -9.39 4.53 -4.30
CA ALA A 21 -9.80 5.80 -3.70
C ALA A 21 -9.51 5.82 -2.21
N THR A 22 -9.89 4.75 -1.51
CA THR A 22 -9.68 4.66 -0.08
C THR A 22 -8.18 4.74 0.26
N LEU A 23 -7.40 3.82 -0.30
CA LEU A 23 -5.96 3.79 -0.07
C LEU A 23 -5.33 5.13 -0.42
N LYS A 24 -5.43 5.50 -1.69
CA LYS A 24 -4.87 6.77 -2.16
C LYS A 24 -5.15 7.89 -1.17
N LYS A 25 -6.35 7.88 -0.58
CA LYS A 25 -6.75 8.89 0.38
C LYS A 25 -5.70 9.03 1.48
N TYR A 26 -5.32 7.92 2.09
CA TYR A 26 -4.32 7.92 3.15
C TYR A 26 -2.96 8.35 2.62
N TRP A 27 -2.68 7.99 1.37
CA TRP A 27 -1.41 8.34 0.74
C TRP A 27 -1.17 9.84 0.81
N ASP A 28 -2.24 10.61 0.78
CA ASP A 28 -2.15 12.06 0.84
C ASP A 28 -1.52 12.52 2.15
N ASN A 29 -1.47 11.61 3.12
CA ASN A 29 -0.90 11.92 4.43
C ASN A 29 0.47 11.27 4.58
N GLY A 30 1.14 11.02 3.46
CA GLY A 30 2.45 10.41 3.49
C GLY A 30 2.39 8.94 3.88
N MET A 31 1.38 8.24 3.38
CA MET A 31 1.22 6.82 3.68
C MET A 31 2.17 5.97 2.85
N THR A 32 3.44 6.39 2.81
CA THR A 32 4.45 5.67 2.04
C THR A 32 5.22 4.70 2.93
N SER A 33 5.48 5.11 4.16
CA SER A 33 6.21 4.27 5.11
C SER A 33 5.40 3.03 5.47
N LEU A 34 6.10 1.98 5.89
CA LEU A 34 5.45 0.73 6.27
C LEU A 34 5.43 0.55 7.78
N GLY A 35 6.49 1.01 8.43
CA GLY A 35 6.58 0.90 9.88
C GLY A 35 5.33 1.39 10.57
N SER A 36 5.31 1.27 11.90
CA SER A 36 4.16 1.69 12.69
C SER A 36 3.74 3.11 12.31
N VAL A 37 4.72 3.99 12.12
CA VAL A 37 4.45 5.38 11.76
C VAL A 37 3.27 5.48 10.81
N CYS A 38 3.16 4.51 9.90
CA CYS A 38 2.06 4.49 8.94
C CYS A 38 1.09 3.35 9.23
N ARG A 39 1.64 2.23 9.69
CA ARG A 39 0.83 1.06 10.02
C ARG A 39 -0.50 1.48 10.64
N GLU A 40 -0.44 2.42 11.58
CA GLU A 40 -1.64 2.91 12.25
C GLU A 40 -2.74 3.20 11.24
N LYS A 41 -2.39 3.88 10.16
CA LYS A 41 -3.35 4.23 9.12
C LYS A 41 -3.70 3.00 8.28
N ILE A 42 -2.70 2.17 8.00
CA ILE A 42 -2.91 0.97 7.21
C ILE A 42 -3.93 0.04 7.87
N GLU A 43 -3.89 -0.02 9.20
CA GLU A 43 -4.81 -0.86 9.96
C GLU A 43 -6.26 -0.51 9.64
N ALA A 44 -6.48 0.72 9.20
CA ALA A 44 -7.81 1.18 8.86
C ALA A 44 -8.18 0.80 7.42
N VAL A 45 -7.44 1.34 6.47
CA VAL A 45 -7.67 1.06 5.06
C VAL A 45 -7.83 -0.43 4.81
N ALA A 46 -7.25 -1.24 5.70
CA ALA A 46 -7.33 -2.68 5.59
C ALA A 46 -8.68 -3.20 6.06
N THR A 47 -9.15 -2.67 7.19
CA THR A 47 -10.43 -3.07 7.75
C THR A 47 -11.60 -2.49 6.96
N GLU A 48 -11.33 -1.40 6.24
CA GLU A 48 -12.36 -0.75 5.44
C GLU A 48 -12.60 -1.51 4.14
N LEU A 49 -11.52 -1.98 3.53
CA LEU A 49 -11.61 -2.73 2.28
C LEU A 49 -11.83 -4.21 2.54
N ASN A 50 -11.80 -4.59 3.81
CA ASN A 50 -12.00 -5.98 4.20
C ASN A 50 -10.90 -6.87 3.61
N VAL A 51 -9.67 -6.41 3.68
CA VAL A 51 -8.54 -7.16 3.15
C VAL A 51 -7.42 -7.28 4.19
N ASP A 52 -6.70 -8.39 4.15
CA ASP A 52 -5.60 -8.62 5.08
C ASP A 52 -4.62 -7.45 5.06
N CYS A 53 -4.27 -6.95 6.24
CA CYS A 53 -3.34 -5.84 6.36
C CYS A 53 -2.22 -5.96 5.33
N GLU A 54 -1.74 -7.18 5.12
CA GLU A 54 -0.67 -7.43 4.17
C GLU A 54 -1.03 -6.90 2.79
N ILE A 55 -2.23 -7.25 2.33
CA ILE A 55 -2.70 -6.80 1.02
C ILE A 55 -2.35 -5.33 0.78
N VAL A 56 -2.57 -4.50 1.79
CA VAL A 56 -2.27 -3.08 1.69
C VAL A 56 -0.78 -2.82 1.84
N ARG A 57 -0.23 -3.16 3.00
CA ARG A 57 1.18 -2.96 3.27
C ARG A 57 2.02 -3.25 2.02
N THR A 58 1.68 -4.33 1.33
CA THR A 58 2.40 -4.71 0.12
C THR A 58 2.22 -3.68 -0.99
N TRP A 59 0.99 -3.18 -1.13
CA TRP A 59 0.69 -2.19 -2.15
C TRP A 59 1.57 -0.96 -1.99
N ILE A 60 1.75 -0.52 -0.75
CA ILE A 60 2.57 0.65 -0.46
C ILE A 60 3.99 0.47 -1.02
N GLY A 61 4.69 -0.55 -0.52
CA GLY A 61 6.04 -0.82 -0.97
C GLY A 61 6.11 -1.10 -2.45
N ASN A 62 5.24 -2.00 -2.93
CA ASN A 62 5.21 -2.36 -4.34
C ASN A 62 5.16 -1.11 -5.22
N ARG A 63 4.23 -0.21 -4.89
CA ARG A 63 4.07 1.02 -5.65
C ARG A 63 5.32 1.89 -5.56
N ARG A 64 5.86 2.02 -4.35
CA ARG A 64 7.06 2.82 -4.13
C ARG A 64 8.22 2.30 -4.98
N ARG A 65 8.41 0.98 -4.98
CA ARG A 65 9.49 0.36 -5.74
C ARG A 65 9.20 0.46 -7.24
N LYS A 66 7.97 0.19 -7.63
CA LYS A 66 7.57 0.24 -9.03
C LYS A 66 7.94 1.59 -9.64
N TYR A 67 7.93 2.63 -8.82
CA TYR A 67 8.26 3.98 -9.28
C TYR A 67 9.76 4.24 -9.16
N ARG A 68 10.31 3.97 -7.98
CA ARG A 68 11.72 4.18 -7.74
C ARG A 68 12.58 3.47 -8.78
N LEU A 69 12.20 2.22 -9.08
CA LEU A 69 12.94 1.42 -10.07
C LEU A 69 13.30 2.26 -11.29
N MET A 70 12.29 2.91 -11.87
CA MET A 70 12.51 3.75 -13.05
C MET A 70 13.34 4.98 -12.69
N GLY A 71 13.31 5.36 -11.42
CA GLY A 71 14.06 6.52 -10.97
C GLY A 71 13.16 7.67 -10.55
N ILE A 72 12.21 7.38 -9.67
CA ILE A 72 11.28 8.40 -9.19
C ILE A 72 11.44 8.62 -7.69
N GLU A 73 11.22 9.86 -7.26
CA GLU A 73 11.34 10.20 -5.84
C GLU A 73 9.98 10.51 -5.24
N VAL A 74 9.33 9.47 -4.72
CA VAL A 74 8.01 9.63 -4.11
C VAL A 74 7.98 10.81 -3.15
N SER A 75 9.06 10.98 -2.39
CA SER A 75 9.16 12.07 -1.44
C SER A 75 10.07 13.17 -1.96
N GLY A 76 11.25 12.78 -2.44
CA GLY A 76 12.19 13.75 -2.97
C GLY A 76 12.77 14.65 -1.89
N PRO A 77 13.28 15.82 -2.29
CA PRO A 77 13.87 16.79 -1.37
C PRO A 77 12.83 17.43 -0.46
N SER A 78 11.65 17.72 -1.02
CA SER A 78 10.57 18.34 -0.26
C SER A 78 10.02 17.38 0.79
N SER A 79 9.39 17.94 1.81
CA SER A 79 8.83 17.13 2.89
C SER A 79 7.34 17.45 3.07
N GLY A 80 6.67 16.67 3.93
CA GLY A 80 5.27 16.87 4.17
C GLY A 80 4.55 15.59 4.56
N GLY A 1 18.23 -19.40 -6.81
CA GLY A 1 18.39 -18.05 -6.32
C GLY A 1 18.16 -17.00 -7.41
N SER A 2 17.34 -16.01 -7.10
CA SER A 2 17.03 -14.95 -8.06
C SER A 2 16.35 -15.52 -9.30
N SER A 3 15.41 -16.44 -9.07
CA SER A 3 14.68 -17.06 -10.17
C SER A 3 13.24 -16.56 -10.23
N GLY A 4 13.03 -15.48 -10.97
CA GLY A 4 11.70 -14.91 -11.10
C GLY A 4 10.69 -15.91 -11.63
N SER A 5 9.46 -15.46 -11.82
CA SER A 5 8.39 -16.32 -12.32
C SER A 5 8.54 -16.54 -13.83
N SER A 6 8.01 -17.65 -14.31
CA SER A 6 8.08 -17.99 -15.73
C SER A 6 7.93 -16.74 -16.59
N GLY A 7 6.83 -16.01 -16.36
CA GLY A 7 6.59 -14.80 -17.13
C GLY A 7 5.11 -14.43 -17.16
N ALA A 8 4.29 -15.32 -17.71
CA ALA A 8 2.85 -15.09 -17.79
C ALA A 8 2.21 -15.09 -16.41
N LEU A 9 1.60 -13.96 -16.05
CA LEU A 9 0.95 -13.82 -14.76
C LEU A 9 0.15 -15.07 -14.41
N GLN A 10 0.01 -15.35 -13.12
CA GLN A 10 -0.74 -16.52 -12.67
C GLN A 10 -1.94 -16.09 -11.83
N ASP A 11 -1.68 -15.36 -10.75
CA ASP A 11 -2.75 -14.91 -9.87
C ASP A 11 -3.37 -13.61 -10.39
N ARG A 12 -4.68 -13.48 -10.24
CA ARG A 12 -5.40 -12.29 -10.70
C ARG A 12 -5.80 -11.42 -9.52
N THR A 13 -4.87 -10.61 -9.04
CA THR A 13 -5.13 -9.71 -7.92
C THR A 13 -4.97 -8.25 -8.32
N GLN A 14 -6.05 -7.67 -8.84
CA GLN A 14 -6.03 -6.28 -9.28
C GLN A 14 -7.11 -5.47 -8.55
N PHE A 15 -6.77 -4.22 -8.22
CA PHE A 15 -7.70 -3.35 -7.52
C PHE A 15 -8.54 -2.55 -8.50
N SER A 16 -9.64 -1.98 -8.02
CA SER A 16 -10.54 -1.19 -8.86
C SER A 16 -10.51 0.28 -8.47
N ASP A 17 -10.74 1.15 -9.44
CA ASP A 17 -10.73 2.59 -9.19
C ASP A 17 -11.33 2.90 -7.82
N ARG A 18 -12.52 2.36 -7.56
CA ARG A 18 -13.19 2.58 -6.29
C ARG A 18 -12.30 2.20 -5.11
N ASP A 19 -11.77 0.98 -5.16
CA ASP A 19 -10.89 0.49 -4.09
C ASP A 19 -9.65 1.37 -3.98
N LEU A 20 -8.95 1.56 -5.09
CA LEU A 20 -7.74 2.38 -5.09
C LEU A 20 -7.99 3.74 -4.45
N ALA A 21 -9.04 4.41 -4.91
CA ALA A 21 -9.40 5.72 -4.38
C ALA A 21 -9.18 5.78 -2.87
N THR A 22 -9.70 4.79 -2.16
CA THR A 22 -9.55 4.74 -0.71
C THR A 22 -8.09 4.71 -0.30
N LEU A 23 -7.30 3.86 -0.96
CA LEU A 23 -5.88 3.74 -0.66
C LEU A 23 -5.17 5.08 -0.87
N LYS A 24 -5.28 5.61 -2.09
CA LYS A 24 -4.65 6.88 -2.42
C LYS A 24 -4.98 7.94 -1.38
N LYS A 25 -6.23 7.93 -0.90
CA LYS A 25 -6.67 8.89 0.10
C LYS A 25 -5.73 8.89 1.30
N TYR A 26 -5.42 7.71 1.81
CA TYR A 26 -4.53 7.58 2.96
C TYR A 26 -3.10 7.96 2.59
N TRP A 27 -2.70 7.61 1.37
CA TRP A 27 -1.35 7.92 0.90
C TRP A 27 -1.03 9.40 1.10
N ASP A 28 -2.04 10.25 0.96
CA ASP A 28 -1.86 11.69 1.13
C ASP A 28 -1.23 12.00 2.48
N ASN A 29 -1.45 11.12 3.45
CA ASN A 29 -0.90 11.29 4.79
C ASN A 29 0.44 10.58 4.92
N GLY A 30 1.18 10.49 3.83
CA GLY A 30 2.48 9.84 3.85
C GLY A 30 2.37 8.35 4.13
N MET A 31 1.21 7.78 3.84
CA MET A 31 0.98 6.36 4.07
C MET A 31 1.98 5.52 3.29
N THR A 32 2.46 6.05 2.17
CA THR A 32 3.41 5.34 1.33
C THR A 32 4.49 4.68 2.18
N SER A 33 4.77 5.25 3.34
CA SER A 33 5.78 4.72 4.25
C SER A 33 5.18 3.67 5.18
N LEU A 34 5.96 2.66 5.52
CA LEU A 34 5.51 1.59 6.41
C LEU A 34 5.88 1.91 7.86
N GLY A 35 7.15 1.75 8.19
CA GLY A 35 7.61 2.02 9.54
C GLY A 35 6.57 1.65 10.58
N SER A 36 6.29 2.57 11.50
CA SER A 36 5.32 2.33 12.56
C SER A 36 4.22 3.39 12.54
N VAL A 37 4.61 4.63 12.30
CA VAL A 37 3.66 5.74 12.25
C VAL A 37 2.54 5.46 11.28
N CYS A 38 2.88 4.86 10.14
CA CYS A 38 1.89 4.53 9.12
C CYS A 38 1.26 3.17 9.39
N ARG A 39 2.06 2.25 9.90
CA ARG A 39 1.58 0.90 10.19
C ARG A 39 0.17 0.94 10.77
N GLU A 40 -0.05 1.81 11.75
CA GLU A 40 -1.36 1.96 12.38
C GLU A 40 -2.42 2.32 11.35
N LYS A 41 -2.13 3.34 10.55
CA LYS A 41 -3.06 3.79 9.51
C LYS A 41 -3.51 2.63 8.64
N ILE A 42 -2.56 1.82 8.19
CA ILE A 42 -2.86 0.67 7.35
C ILE A 42 -3.91 -0.23 7.99
N GLU A 43 -3.82 -0.35 9.32
CA GLU A 43 -4.77 -1.18 10.06
C GLU A 43 -6.20 -0.74 9.81
N ALA A 44 -6.38 0.53 9.44
CA ALA A 44 -7.70 1.07 9.15
C ALA A 44 -8.11 0.79 7.71
N VAL A 45 -7.37 1.36 6.76
CA VAL A 45 -7.67 1.17 5.35
C VAL A 45 -7.93 -0.30 5.04
N ALA A 46 -7.34 -1.19 5.83
CA ALA A 46 -7.50 -2.62 5.64
C ALA A 46 -8.87 -3.08 6.11
N THR A 47 -9.28 -2.59 7.29
CA THR A 47 -10.57 -2.96 7.85
C THR A 47 -11.71 -2.27 7.12
N GLU A 48 -11.40 -1.16 6.46
CA GLU A 48 -12.40 -0.40 5.71
C GLU A 48 -12.71 -1.07 4.38
N LEU A 49 -11.68 -1.61 3.74
CA LEU A 49 -11.84 -2.27 2.45
C LEU A 49 -12.14 -3.76 2.65
N ASN A 50 -12.17 -4.18 3.91
CA ASN A 50 -12.45 -5.58 4.22
C ASN A 50 -11.37 -6.49 3.66
N VAL A 51 -10.12 -6.06 3.77
CA VAL A 51 -8.99 -6.84 3.27
C VAL A 51 -7.87 -6.90 4.30
N ASP A 52 -7.20 -8.05 4.38
CA ASP A 52 -6.11 -8.24 5.32
C ASP A 52 -5.07 -7.13 5.17
N CYS A 53 -4.59 -6.62 6.30
CA CYS A 53 -3.59 -5.56 6.29
C CYS A 53 -2.51 -5.83 5.25
N GLU A 54 -2.03 -7.06 5.21
CA GLU A 54 -1.00 -7.45 4.25
C GLU A 54 -1.35 -6.98 2.85
N ILE A 55 -2.62 -7.10 2.49
CA ILE A 55 -3.08 -6.69 1.18
C ILE A 55 -2.67 -5.25 0.87
N VAL A 56 -2.77 -4.39 1.88
CA VAL A 56 -2.40 -2.99 1.72
C VAL A 56 -0.90 -2.79 1.94
N ARG A 57 -0.44 -3.07 3.16
CA ARG A 57 0.97 -2.91 3.49
C ARG A 57 1.85 -3.32 2.32
N THR A 58 1.46 -4.37 1.62
CA THR A 58 2.21 -4.88 0.48
C THR A 58 2.06 -3.95 -0.73
N TRP A 59 0.83 -3.49 -0.96
CA TRP A 59 0.55 -2.60 -2.08
C TRP A 59 1.35 -1.31 -1.96
N ILE A 60 1.48 -0.81 -0.75
CA ILE A 60 2.23 0.42 -0.50
C ILE A 60 3.63 0.32 -1.07
N GLY A 61 4.44 -0.58 -0.52
CA GLY A 61 5.80 -0.76 -0.98
C GLY A 61 5.88 -0.92 -2.49
N ASN A 62 4.99 -1.73 -3.04
CA ASN A 62 4.96 -1.98 -4.48
C ASN A 62 4.92 -0.66 -5.25
N ARG A 63 4.08 0.26 -4.79
CA ARG A 63 3.95 1.56 -5.44
C ARG A 63 5.26 2.35 -5.37
N ARG A 64 5.87 2.35 -4.18
CA ARG A 64 7.12 3.07 -3.98
C ARG A 64 8.11 2.78 -5.11
N ARG A 65 8.24 1.50 -5.45
CA ARG A 65 9.14 1.09 -6.52
C ARG A 65 8.67 1.60 -7.87
N LYS A 66 7.36 1.81 -8.00
CA LYS A 66 6.78 2.30 -9.24
C LYS A 66 7.05 3.78 -9.42
N TYR A 67 6.97 4.53 -8.32
CA TYR A 67 7.22 5.96 -8.36
C TYR A 67 8.67 6.29 -8.03
N ARG A 68 9.10 5.91 -6.83
CA ARG A 68 10.47 6.16 -6.40
C ARG A 68 11.46 5.79 -7.51
N LEU A 69 11.06 4.87 -8.37
CA LEU A 69 11.92 4.42 -9.47
C LEU A 69 12.16 5.56 -10.46
N MET A 70 11.10 6.28 -10.81
CA MET A 70 11.20 7.39 -11.74
C MET A 70 11.74 8.64 -11.03
N GLY A 71 11.52 8.72 -9.73
CA GLY A 71 11.99 9.86 -8.97
C GLY A 71 10.89 10.88 -8.72
N ILE A 72 9.67 10.40 -8.50
CA ILE A 72 8.54 11.27 -8.25
C ILE A 72 8.58 11.84 -6.84
N GLU A 73 9.65 12.58 -6.54
CA GLU A 73 9.81 13.18 -5.22
C GLU A 73 9.23 12.28 -4.13
N VAL A 74 9.52 10.99 -4.22
CA VAL A 74 9.02 10.03 -3.24
C VAL A 74 10.14 9.13 -2.75
N SER A 75 11.30 9.71 -2.50
CA SER A 75 12.46 8.95 -2.02
C SER A 75 12.96 9.50 -0.69
N GLY A 76 12.30 9.11 0.39
CA GLY A 76 12.69 9.58 1.71
C GLY A 76 13.29 8.47 2.56
N PRO A 77 14.59 8.22 2.37
CA PRO A 77 15.31 7.18 3.11
C PRO A 77 15.49 7.54 4.58
N SER A 78 15.33 8.82 4.89
CA SER A 78 15.48 9.30 6.26
C SER A 78 14.42 8.71 7.17
N SER A 79 13.16 8.97 6.84
CA SER A 79 12.04 8.47 7.63
C SER A 79 11.70 7.04 7.23
N GLY A 80 11.97 6.10 8.13
CA GLY A 80 11.69 4.70 7.84
C GLY A 80 10.40 4.52 7.07
N GLY A 1 -9.33 -6.29 15.97
CA GLY A 1 -7.96 -6.78 16.00
C GLY A 1 -7.60 -7.56 14.75
N SER A 2 -6.32 -7.87 14.59
CA SER A 2 -5.85 -8.61 13.42
C SER A 2 -5.45 -10.03 13.80
N SER A 3 -6.15 -11.00 13.21
CA SER A 3 -5.87 -12.41 13.49
C SER A 3 -4.47 -12.79 13.00
N GLY A 4 -3.92 -13.86 13.57
CA GLY A 4 -2.60 -14.31 13.18
C GLY A 4 -2.56 -14.81 11.74
N SER A 5 -1.36 -15.07 11.25
CA SER A 5 -1.18 -15.54 9.88
C SER A 5 -0.68 -16.99 9.86
N SER A 6 -1.39 -17.84 9.12
CA SER A 6 -1.02 -19.25 9.02
C SER A 6 -0.24 -19.51 7.74
N GLY A 7 -0.87 -19.25 6.60
CA GLY A 7 -0.22 -19.48 5.33
C GLY A 7 -0.73 -18.55 4.24
N ALA A 8 0.14 -17.68 3.74
CA ALA A 8 -0.23 -16.74 2.69
C ALA A 8 -0.91 -17.45 1.52
N LEU A 9 -1.42 -16.67 0.58
CA LEU A 9 -2.09 -17.23 -0.59
C LEU A 9 -1.29 -16.96 -1.86
N GLN A 10 -0.98 -15.69 -2.10
CA GLN A 10 -0.21 -15.30 -3.28
C GLN A 10 -1.04 -15.49 -4.54
N ASP A 11 -2.31 -15.11 -4.47
CA ASP A 11 -3.21 -15.23 -5.61
C ASP A 11 -3.28 -13.93 -6.39
N ARG A 12 -4.01 -13.94 -7.50
CA ARG A 12 -4.16 -12.75 -8.34
C ARG A 12 -5.38 -11.93 -7.91
N THR A 13 -5.14 -10.95 -7.03
CA THR A 13 -6.22 -10.10 -6.54
C THR A 13 -5.97 -8.64 -6.90
N GLN A 14 -6.58 -8.20 -8.00
CA GLN A 14 -6.42 -6.82 -8.46
C GLN A 14 -7.41 -5.90 -7.74
N PHE A 15 -7.07 -4.62 -7.69
CA PHE A 15 -7.93 -3.63 -7.04
C PHE A 15 -8.75 -2.85 -8.07
N SER A 16 -9.87 -2.30 -7.62
CA SER A 16 -10.75 -1.54 -8.50
C SER A 16 -10.63 -0.05 -8.23
N ASP A 17 -11.00 0.77 -9.22
CA ASP A 17 -10.94 2.21 -9.08
C ASP A 17 -11.49 2.65 -7.72
N ARG A 18 -12.63 2.08 -7.35
CA ARG A 18 -13.26 2.42 -6.07
C ARG A 18 -12.38 2.02 -4.90
N ASP A 19 -11.88 0.78 -4.94
CA ASP A 19 -11.01 0.27 -3.88
C ASP A 19 -9.77 1.14 -3.72
N LEU A 20 -9.04 1.33 -4.82
CA LEU A 20 -7.84 2.14 -4.80
C LEU A 20 -8.11 3.52 -4.19
N ALA A 21 -9.16 4.17 -4.68
CA ALA A 21 -9.52 5.48 -4.19
C ALA A 21 -9.34 5.58 -2.68
N THR A 22 -9.62 4.49 -1.98
CA THR A 22 -9.49 4.45 -0.53
C THR A 22 -8.02 4.43 -0.12
N LEU A 23 -7.21 3.69 -0.86
CA LEU A 23 -5.78 3.58 -0.58
C LEU A 23 -5.09 4.94 -0.74
N LYS A 24 -5.04 5.42 -1.98
CA LYS A 24 -4.42 6.70 -2.29
C LYS A 24 -4.84 7.76 -1.27
N LYS A 25 -6.13 7.77 -0.94
CA LYS A 25 -6.67 8.74 0.01
C LYS A 25 -5.74 8.89 1.21
N TYR A 26 -5.33 7.77 1.78
CA TYR A 26 -4.45 7.77 2.94
C TYR A 26 -3.04 8.23 2.54
N TRP A 27 -2.62 7.85 1.34
CA TRP A 27 -1.30 8.22 0.85
C TRP A 27 -1.11 9.74 0.90
N ASP A 28 -2.21 10.47 0.76
CA ASP A 28 -2.16 11.93 0.78
C ASP A 28 -1.73 12.44 2.16
N ASN A 29 -1.61 11.51 3.11
CA ASN A 29 -1.21 11.86 4.46
C ASN A 29 0.16 11.29 4.80
N GLY A 30 0.87 10.84 3.76
CA GLY A 30 2.19 10.27 3.96
C GLY A 30 2.14 8.78 4.24
N MET A 31 1.17 8.10 3.65
CA MET A 31 1.01 6.66 3.85
C MET A 31 1.99 5.88 2.98
N THR A 32 3.24 6.35 2.94
CA THR A 32 4.27 5.70 2.14
C THR A 32 5.32 5.04 3.03
N SER A 33 4.87 4.19 3.95
CA SER A 33 5.78 3.51 4.86
C SER A 33 5.19 2.17 5.30
N LEU A 34 6.06 1.27 5.77
CA LEU A 34 5.62 -0.04 6.23
C LEU A 34 5.69 -0.14 7.75
N GLY A 35 6.58 0.64 8.34
CA GLY A 35 6.73 0.63 9.79
C GLY A 35 5.46 1.04 10.51
N SER A 36 5.52 1.07 11.83
CA SER A 36 4.37 1.45 12.64
C SER A 36 3.87 2.84 12.26
N VAL A 37 4.80 3.69 11.83
CA VAL A 37 4.46 5.05 11.44
C VAL A 37 3.25 5.07 10.51
N CYS A 38 3.16 4.07 9.63
CA CYS A 38 2.05 3.97 8.70
C CYS A 38 1.12 2.83 9.08
N ARG A 39 1.70 1.74 9.55
CA ARG A 39 0.91 0.57 9.95
C ARG A 39 -0.36 1.00 10.66
N GLU A 40 -0.23 1.86 11.66
CA GLU A 40 -1.38 2.34 12.42
C GLU A 40 -2.52 2.74 11.49
N LYS A 41 -2.20 3.51 10.45
CA LYS A 41 -3.19 3.96 9.49
C LYS A 41 -3.64 2.80 8.60
N ILE A 42 -2.69 2.01 8.13
CA ILE A 42 -2.99 0.87 7.28
C ILE A 42 -4.08 -0.02 7.90
N GLU A 43 -3.95 -0.25 9.20
CA GLU A 43 -4.92 -1.08 9.92
C GLU A 43 -6.34 -0.58 9.68
N ALA A 44 -6.47 0.69 9.35
CA ALA A 44 -7.77 1.29 9.09
C ALA A 44 -8.22 1.04 7.66
N VAL A 45 -7.46 1.57 6.71
CA VAL A 45 -7.79 1.41 5.30
C VAL A 45 -8.08 -0.06 4.96
N ALA A 46 -7.47 -0.96 5.73
CA ALA A 46 -7.66 -2.39 5.52
C ALA A 46 -9.00 -2.85 6.09
N THR A 47 -9.30 -2.41 7.31
CA THR A 47 -10.55 -2.78 7.96
C THR A 47 -11.74 -2.09 7.31
N GLU A 48 -11.48 -0.99 6.60
CA GLU A 48 -12.53 -0.24 5.93
C GLU A 48 -12.88 -0.87 4.59
N LEU A 49 -11.87 -1.44 3.93
CA LEU A 49 -12.06 -2.08 2.64
C LEU A 49 -12.28 -3.58 2.80
N ASN A 50 -12.21 -4.06 4.04
CA ASN A 50 -12.39 -5.47 4.33
C ASN A 50 -11.34 -6.32 3.61
N VAL A 51 -10.09 -5.87 3.67
CA VAL A 51 -8.99 -6.58 3.02
C VAL A 51 -7.87 -6.86 4.02
N ASP A 52 -7.11 -7.91 3.75
CA ASP A 52 -5.99 -8.30 4.62
C ASP A 52 -5.00 -7.16 4.76
N CYS A 53 -4.74 -6.76 6.00
CA CYS A 53 -3.81 -5.67 6.29
C CYS A 53 -2.54 -5.83 5.45
N GLU A 54 -2.20 -7.07 5.12
CA GLU A 54 -1.00 -7.35 4.34
C GLU A 54 -1.13 -6.80 2.93
N ILE A 55 -2.30 -6.99 2.33
CA ILE A 55 -2.57 -6.51 0.98
C ILE A 55 -2.20 -5.04 0.84
N VAL A 56 -2.52 -4.25 1.87
CA VAL A 56 -2.22 -2.83 1.85
C VAL A 56 -0.73 -2.58 2.03
N ARG A 57 -0.17 -3.11 3.12
CA ARG A 57 1.24 -2.94 3.42
C ARG A 57 2.08 -3.18 2.16
N THR A 58 1.75 -4.22 1.41
CA THR A 58 2.48 -4.55 0.20
C THR A 58 2.20 -3.52 -0.90
N TRP A 59 0.96 -3.09 -1.00
CA TRP A 59 0.57 -2.11 -2.01
C TRP A 59 1.43 -0.85 -1.90
N ILE A 60 1.71 -0.43 -0.67
CA ILE A 60 2.52 0.75 -0.44
C ILE A 60 3.93 0.57 -0.98
N GLY A 61 4.65 -0.40 -0.44
CA GLY A 61 6.00 -0.67 -0.89
C GLY A 61 6.10 -0.84 -2.39
N ASN A 62 5.12 -1.54 -2.96
CA ASN A 62 5.10 -1.79 -4.39
C ASN A 62 5.09 -0.48 -5.16
N ARG A 63 4.17 0.41 -4.80
CA ARG A 63 4.05 1.71 -5.47
C ARG A 63 5.38 2.45 -5.45
N ARG A 64 5.96 2.60 -4.26
CA ARG A 64 7.23 3.29 -4.10
C ARG A 64 8.27 2.73 -5.08
N ARG A 65 8.41 1.41 -5.09
CA ARG A 65 9.37 0.76 -5.97
C ARG A 65 9.06 1.05 -7.43
N LYS A 66 7.80 0.91 -7.80
CA LYS A 66 7.36 1.16 -9.17
C LYS A 66 7.87 2.51 -9.67
N TYR A 67 7.49 3.56 -8.96
CA TYR A 67 7.90 4.92 -9.32
C TYR A 67 9.41 4.99 -9.53
N ARG A 68 10.16 4.67 -8.47
CA ARG A 68 11.62 4.70 -8.54
C ARG A 68 12.12 4.01 -9.80
N LEU A 69 11.76 2.73 -9.96
CA LEU A 69 12.17 1.96 -11.12
C LEU A 69 11.78 2.67 -12.42
N MET A 70 10.57 3.22 -12.43
CA MET A 70 10.08 3.93 -13.61
C MET A 70 10.87 5.22 -13.85
N GLY A 71 11.44 5.75 -12.77
CA GLY A 71 12.22 6.97 -12.89
C GLY A 71 12.01 7.91 -11.71
N ILE A 72 10.79 7.94 -11.19
CA ILE A 72 10.46 8.79 -10.05
C ILE A 72 10.98 8.20 -8.75
N GLU A 73 12.17 8.65 -8.34
CA GLU A 73 12.79 8.16 -7.11
C GLU A 73 12.01 8.65 -5.89
N VAL A 74 11.80 7.74 -4.94
CA VAL A 74 11.07 8.09 -3.72
C VAL A 74 11.40 7.10 -2.60
N SER A 75 11.52 7.62 -1.38
CA SER A 75 11.83 6.78 -0.22
C SER A 75 11.27 7.40 1.06
N GLY A 76 11.04 6.57 2.07
CA GLY A 76 10.51 7.05 3.32
C GLY A 76 11.59 7.66 4.21
N PRO A 77 11.21 8.68 4.99
CA PRO A 77 12.14 9.38 5.89
C PRO A 77 12.55 8.51 7.07
N SER A 78 13.59 7.70 6.87
CA SER A 78 14.09 6.82 7.91
C SER A 78 15.56 7.08 8.19
N SER A 79 15.89 7.30 9.46
CA SER A 79 17.27 7.56 9.86
C SER A 79 17.51 7.12 11.30
N GLY A 80 18.57 6.37 11.52
CA GLY A 80 18.90 5.90 12.85
C GLY A 80 20.39 5.75 13.07
N GLY A 1 -28.35 -15.35 -9.93
CA GLY A 1 -27.48 -15.37 -8.76
C GLY A 1 -28.08 -16.14 -7.61
N SER A 2 -27.22 -16.56 -6.68
CA SER A 2 -27.67 -17.33 -5.52
C SER A 2 -26.69 -17.16 -4.35
N SER A 3 -27.03 -17.77 -3.23
CA SER A 3 -26.18 -17.70 -2.04
C SER A 3 -25.11 -18.78 -2.07
N GLY A 4 -24.01 -18.54 -1.35
CA GLY A 4 -22.92 -19.49 -1.31
C GLY A 4 -21.76 -19.02 -0.47
N SER A 5 -20.98 -19.95 0.05
CA SER A 5 -19.82 -19.62 0.88
C SER A 5 -18.57 -19.48 0.04
N SER A 6 -17.88 -18.34 0.18
CA SER A 6 -16.67 -18.08 -0.57
C SER A 6 -15.44 -18.15 0.33
N GLY A 7 -14.43 -18.90 -0.09
CA GLY A 7 -13.23 -19.04 0.69
C GLY A 7 -12.01 -19.36 -0.16
N ALA A 8 -12.19 -20.29 -1.10
CA ALA A 8 -11.09 -20.69 -1.98
C ALA A 8 -11.37 -20.25 -3.42
N LEU A 9 -11.88 -19.02 -3.57
CA LEU A 9 -12.18 -18.48 -4.89
C LEU A 9 -10.97 -18.59 -5.81
N GLN A 10 -9.99 -17.72 -5.60
CA GLN A 10 -8.79 -17.71 -6.41
C GLN A 10 -7.78 -16.69 -5.88
N ASP A 11 -6.55 -17.13 -5.67
CA ASP A 11 -5.50 -16.26 -5.16
C ASP A 11 -5.16 -15.17 -6.19
N ARG A 12 -5.63 -13.96 -5.94
CA ARG A 12 -5.37 -12.84 -6.83
C ARG A 12 -5.48 -11.51 -6.09
N THR A 13 -4.45 -10.68 -6.24
CA THR A 13 -4.43 -9.38 -5.58
C THR A 13 -4.68 -8.26 -6.58
N GLN A 14 -5.95 -7.93 -6.80
CA GLN A 14 -6.33 -6.88 -7.73
C GLN A 14 -7.18 -5.83 -7.03
N PHE A 15 -6.92 -4.56 -7.33
CA PHE A 15 -7.67 -3.46 -6.74
C PHE A 15 -8.53 -2.75 -7.79
N SER A 16 -9.70 -2.28 -7.37
CA SER A 16 -10.60 -1.59 -8.27
C SER A 16 -10.55 -0.08 -8.06
N ASP A 17 -10.92 0.68 -9.09
CA ASP A 17 -10.91 2.13 -9.01
C ASP A 17 -11.49 2.61 -7.69
N ARG A 18 -12.71 2.17 -7.38
CA ARG A 18 -13.37 2.56 -6.14
C ARG A 18 -12.49 2.23 -4.93
N ASP A 19 -11.97 1.01 -4.90
CA ASP A 19 -11.12 0.56 -3.81
C ASP A 19 -9.91 1.46 -3.66
N LEU A 20 -9.04 1.45 -4.68
CA LEU A 20 -7.83 2.26 -4.66
C LEU A 20 -8.08 3.60 -3.96
N ALA A 21 -9.13 4.29 -4.39
CA ALA A 21 -9.48 5.58 -3.80
C ALA A 21 -9.18 5.60 -2.30
N THR A 22 -9.67 4.59 -1.59
CA THR A 22 -9.46 4.49 -0.15
C THR A 22 -7.96 4.49 0.19
N LEU A 23 -7.22 3.58 -0.44
CA LEU A 23 -5.79 3.47 -0.20
C LEU A 23 -5.08 4.77 -0.60
N LYS A 24 -5.22 5.15 -1.86
CA LYS A 24 -4.59 6.36 -2.36
C LYS A 24 -4.92 7.55 -1.46
N LYS A 25 -6.12 7.55 -0.88
CA LYS A 25 -6.54 8.62 0.00
C LYS A 25 -5.58 8.78 1.18
N TYR A 26 -5.22 7.66 1.80
CA TYR A 26 -4.30 7.67 2.93
C TYR A 26 -2.90 8.09 2.49
N TRP A 27 -2.54 7.74 1.26
CA TRP A 27 -1.22 8.07 0.72
C TRP A 27 -0.99 9.57 0.76
N ASP A 28 -2.07 10.34 0.72
CA ASP A 28 -1.97 11.80 0.75
C ASP A 28 -1.47 12.28 2.10
N ASN A 29 -1.35 11.36 3.05
CA ASN A 29 -0.87 11.68 4.39
C ASN A 29 0.49 11.05 4.65
N GLY A 30 1.18 10.69 3.56
CA GLY A 30 2.50 10.08 3.70
C GLY A 30 2.43 8.60 4.00
N MET A 31 1.38 7.94 3.51
CA MET A 31 1.20 6.52 3.73
C MET A 31 2.11 5.70 2.83
N THR A 32 3.38 6.07 2.78
CA THR A 32 4.36 5.38 1.96
C THR A 32 5.30 4.53 2.80
N SER A 33 5.57 4.99 4.02
CA SER A 33 6.45 4.28 4.93
C SER A 33 5.73 3.09 5.57
N LEU A 34 6.45 1.97 5.69
CA LEU A 34 5.88 0.77 6.28
C LEU A 34 5.95 0.82 7.81
N GLY A 35 6.98 1.48 8.33
CA GLY A 35 7.15 1.59 9.76
C GLY A 35 5.83 1.78 10.48
N SER A 36 5.81 1.47 11.77
CA SER A 36 4.60 1.61 12.57
C SER A 36 3.96 2.98 12.35
N VAL A 37 4.79 4.00 12.23
CA VAL A 37 4.30 5.36 12.02
C VAL A 37 3.09 5.37 11.09
N CYS A 38 3.07 4.46 10.13
CA CYS A 38 1.97 4.36 9.17
C CYS A 38 1.12 3.12 9.47
N ARG A 39 1.76 2.05 9.92
CA ARG A 39 1.06 0.82 10.23
C ARG A 39 -0.30 1.10 10.86
N GLU A 40 -0.33 2.11 11.72
CA GLU A 40 -1.57 2.50 12.41
C GLU A 40 -2.66 2.86 11.40
N LYS A 41 -2.28 3.63 10.39
CA LYS A 41 -3.22 4.06 9.36
C LYS A 41 -3.69 2.86 8.53
N ILE A 42 -2.74 2.02 8.13
CA ILE A 42 -3.05 0.84 7.33
C ILE A 42 -4.17 0.02 7.98
N GLU A 43 -4.06 -0.18 9.29
CA GLU A 43 -5.05 -0.94 10.03
C GLU A 43 -6.47 -0.43 9.74
N ALA A 44 -6.56 0.82 9.29
CA ALA A 44 -7.84 1.42 8.96
C ALA A 44 -8.24 1.12 7.52
N VAL A 45 -7.46 1.64 6.57
CA VAL A 45 -7.75 1.42 5.15
C VAL A 45 -8.01 -0.05 4.86
N ALA A 46 -7.43 -0.93 5.68
CA ALA A 46 -7.60 -2.36 5.52
C ALA A 46 -8.96 -2.82 6.02
N THR A 47 -9.36 -2.33 7.19
CA THR A 47 -10.64 -2.68 7.78
C THR A 47 -11.79 -2.02 7.02
N GLU A 48 -11.48 -0.93 6.33
CA GLU A 48 -12.49 -0.20 5.57
C GLU A 48 -12.81 -0.92 4.26
N LEU A 49 -11.81 -1.60 3.70
CA LEU A 49 -11.99 -2.33 2.45
C LEU A 49 -12.30 -3.80 2.73
N ASN A 50 -12.23 -4.19 3.99
CA ASN A 50 -12.49 -5.57 4.38
C ASN A 50 -11.51 -6.53 3.72
N VAL A 51 -10.24 -6.13 3.68
CA VAL A 51 -9.21 -6.96 3.07
C VAL A 51 -8.07 -7.23 4.05
N ASP A 52 -7.18 -8.14 3.68
CA ASP A 52 -6.04 -8.50 4.52
C ASP A 52 -5.02 -7.37 4.56
N CYS A 53 -4.76 -6.86 5.76
CA CYS A 53 -3.80 -5.77 5.94
C CYS A 53 -2.58 -5.97 5.02
N GLU A 54 -2.06 -7.18 5.00
CA GLU A 54 -0.90 -7.49 4.17
C GLU A 54 -1.05 -6.91 2.77
N ILE A 55 -2.17 -7.21 2.13
CA ILE A 55 -2.44 -6.72 0.79
C ILE A 55 -2.16 -5.22 0.69
N VAL A 56 -2.53 -4.48 1.74
CA VAL A 56 -2.32 -3.04 1.78
C VAL A 56 -0.84 -2.70 1.98
N ARG A 57 -0.29 -3.17 3.10
CA ARG A 57 1.11 -2.91 3.41
C ARG A 57 2.01 -3.24 2.22
N THR A 58 1.65 -4.31 1.50
CA THR A 58 2.42 -4.72 0.34
C THR A 58 2.21 -3.77 -0.84
N TRP A 59 0.98 -3.30 -1.00
CA TRP A 59 0.66 -2.37 -2.08
C TRP A 59 1.50 -1.10 -1.99
N ILE A 60 1.77 -0.68 -0.76
CA ILE A 60 2.57 0.54 -0.54
C ILE A 60 3.99 0.36 -1.07
N GLY A 61 4.71 -0.62 -0.53
CA GLY A 61 6.07 -0.88 -0.96
C GLY A 61 6.18 -1.01 -2.46
N ASN A 62 5.21 -1.69 -3.07
CA ASN A 62 5.22 -1.88 -4.52
C ASN A 62 5.15 -0.54 -5.25
N ARG A 63 4.20 0.29 -4.83
CA ARG A 63 4.03 1.61 -5.45
C ARG A 63 5.34 2.39 -5.45
N ARG A 64 5.89 2.61 -4.26
CA ARG A 64 7.15 3.34 -4.12
C ARG A 64 8.14 2.91 -5.19
N ARG A 65 8.24 1.61 -5.42
CA ARG A 65 9.16 1.08 -6.41
C ARG A 65 8.80 1.57 -7.80
N LYS A 66 7.57 1.27 -8.23
CA LYS A 66 7.10 1.69 -9.54
C LYS A 66 7.61 3.07 -9.90
N TYR A 67 7.55 3.98 -8.94
CA TYR A 67 8.00 5.35 -9.15
C TYR A 67 9.52 5.40 -9.34
N ARG A 68 10.25 4.89 -8.36
CA ARG A 68 11.70 4.87 -8.43
C ARG A 68 12.18 4.33 -9.77
N LEU A 69 11.49 3.32 -10.27
CA LEU A 69 11.84 2.72 -11.56
C LEU A 69 11.88 3.77 -12.66
N MET A 70 10.88 4.64 -12.68
CA MET A 70 10.80 5.69 -13.68
C MET A 70 11.82 6.78 -13.40
N GLY A 71 12.21 6.92 -12.14
CA GLY A 71 13.19 7.93 -11.76
C GLY A 71 12.57 9.05 -10.94
N ILE A 72 11.59 8.70 -10.11
CA ILE A 72 10.93 9.69 -9.27
C ILE A 72 11.31 9.52 -7.81
N GLU A 73 11.21 10.60 -7.04
CA GLU A 73 11.55 10.56 -5.62
C GLU A 73 10.33 10.92 -4.76
N VAL A 74 10.17 10.22 -3.65
CA VAL A 74 9.06 10.46 -2.74
C VAL A 74 9.55 10.96 -1.39
N SER A 75 8.69 11.72 -0.71
CA SER A 75 9.04 12.26 0.60
C SER A 75 9.86 11.25 1.41
N GLY A 76 11.15 11.54 1.57
CA GLY A 76 12.01 10.65 2.33
C GLY A 76 12.50 11.27 3.62
N PRO A 77 12.67 10.43 4.66
CA PRO A 77 13.13 10.89 5.97
C PRO A 77 14.59 11.32 5.96
N SER A 78 15.04 11.90 7.07
CA SER A 78 16.42 12.37 7.18
C SER A 78 17.28 11.34 7.92
N SER A 79 18.14 10.66 7.18
CA SER A 79 19.02 9.65 7.76
C SER A 79 20.26 10.30 8.38
N GLY A 80 20.13 10.72 9.64
CA GLY A 80 21.24 11.34 10.32
C GLY A 80 21.18 12.86 10.26
N GLY A 1 10.58 -9.64 -3.89
CA GLY A 1 11.88 -10.18 -3.55
C GLY A 1 11.78 -11.49 -2.80
N SER A 2 11.03 -12.44 -3.35
CA SER A 2 10.85 -13.74 -2.72
C SER A 2 12.02 -14.66 -3.04
N SER A 3 12.40 -15.49 -2.07
CA SER A 3 13.50 -16.42 -2.25
C SER A 3 13.36 -17.20 -3.55
N GLY A 4 14.09 -16.75 -4.58
CA GLY A 4 14.03 -17.41 -5.87
C GLY A 4 12.81 -16.99 -6.69
N SER A 5 13.00 -16.83 -7.98
CA SER A 5 11.92 -16.42 -8.87
C SER A 5 11.38 -17.62 -9.65
N SER A 6 10.10 -17.94 -9.44
CA SER A 6 9.46 -19.05 -10.12
C SER A 6 9.79 -19.04 -11.60
N GLY A 7 9.43 -17.95 -12.27
CA GLY A 7 9.68 -17.83 -13.70
C GLY A 7 8.89 -16.71 -14.34
N ALA A 8 8.08 -17.06 -15.33
CA ALA A 8 7.25 -16.08 -16.03
C ALA A 8 5.87 -15.97 -15.40
N LEU A 9 5.34 -14.75 -15.32
CA LEU A 9 4.03 -14.52 -14.75
C LEU A 9 2.94 -14.67 -15.81
N GLN A 10 1.69 -14.76 -15.35
CA GLN A 10 0.56 -14.91 -16.26
C GLN A 10 -0.50 -13.84 -15.99
N ASP A 11 -1.05 -13.87 -14.78
CA ASP A 11 -2.07 -12.90 -14.40
C ASP A 11 -1.96 -12.56 -12.91
N ARG A 12 -2.04 -11.27 -12.59
CA ARG A 12 -1.95 -10.81 -11.22
C ARG A 12 -3.26 -10.18 -10.76
N THR A 13 -3.34 -9.85 -9.48
CA THR A 13 -4.54 -9.24 -8.92
C THR A 13 -4.39 -7.72 -8.80
N GLN A 14 -5.12 -7.00 -9.63
CA GLN A 14 -5.07 -5.55 -9.63
C GLN A 14 -6.20 -4.96 -8.80
N PHE A 15 -5.98 -3.77 -8.26
CA PHE A 15 -6.98 -3.10 -7.44
C PHE A 15 -7.98 -2.35 -8.30
N SER A 16 -9.26 -2.39 -7.92
CA SER A 16 -10.30 -1.71 -8.67
C SER A 16 -10.23 -0.20 -8.45
N ASP A 17 -10.48 0.55 -9.52
CA ASP A 17 -10.45 2.01 -9.45
C ASP A 17 -11.06 2.50 -8.14
N ARG A 18 -12.25 1.98 -7.83
CA ARG A 18 -12.94 2.37 -6.60
C ARG A 18 -12.09 2.09 -5.37
N ASP A 19 -11.64 0.84 -5.26
CA ASP A 19 -10.82 0.43 -4.13
C ASP A 19 -9.60 1.35 -3.98
N LEU A 20 -8.87 1.52 -5.07
CA LEU A 20 -7.68 2.38 -5.07
C LEU A 20 -7.99 3.73 -4.45
N ALA A 21 -9.02 4.39 -4.97
CA ALA A 21 -9.42 5.70 -4.46
C ALA A 21 -9.20 5.79 -2.96
N THR A 22 -9.66 4.79 -2.23
CA THR A 22 -9.52 4.76 -0.78
C THR A 22 -8.05 4.74 -0.38
N LEU A 23 -7.31 3.76 -0.88
CA LEU A 23 -5.89 3.63 -0.58
C LEU A 23 -5.16 4.94 -0.85
N LYS A 24 -5.18 5.36 -2.11
CA LYS A 24 -4.52 6.61 -2.51
C LYS A 24 -4.87 7.75 -1.57
N LYS A 25 -6.11 7.77 -1.12
CA LYS A 25 -6.59 8.80 -0.20
C LYS A 25 -5.69 8.88 1.04
N TYR A 26 -5.38 7.71 1.61
CA TYR A 26 -4.53 7.65 2.79
C TYR A 26 -3.10 8.04 2.46
N TRP A 27 -2.64 7.65 1.27
CA TRP A 27 -1.29 7.95 0.84
C TRP A 27 -0.99 9.45 0.97
N ASP A 28 -2.03 10.26 0.78
CA ASP A 28 -1.87 11.71 0.89
C ASP A 28 -1.26 12.10 2.23
N ASN A 29 -1.46 11.24 3.23
CA ASN A 29 -0.92 11.49 4.57
C ASN A 29 0.43 10.83 4.76
N GLY A 30 1.15 10.65 3.64
CA GLY A 30 2.46 10.02 3.71
C GLY A 30 2.37 8.54 4.04
N MET A 31 1.20 7.96 3.85
CA MET A 31 0.99 6.54 4.13
C MET A 31 2.00 5.69 3.39
N THR A 32 2.56 6.23 2.31
CA THR A 32 3.54 5.52 1.51
C THR A 32 4.56 4.81 2.40
N SER A 33 4.80 5.36 3.58
CA SER A 33 5.75 4.78 4.52
C SER A 33 5.22 3.46 5.06
N LEU A 34 6.14 2.52 5.32
CA LEU A 34 5.78 1.21 5.84
C LEU A 34 5.97 1.17 7.36
N GLY A 35 7.02 1.81 7.83
CA GLY A 35 7.31 1.84 9.25
C GLY A 35 6.05 1.85 10.09
N SER A 36 6.13 1.28 11.29
CA SER A 36 4.98 1.23 12.20
C SER A 36 4.21 2.55 12.18
N VAL A 37 4.95 3.66 12.26
CA VAL A 37 4.35 4.99 12.25
C VAL A 37 3.10 5.02 11.36
N CYS A 38 3.18 4.31 10.23
CA CYS A 38 2.07 4.26 9.30
C CYS A 38 1.23 3.00 9.51
N ARG A 39 1.90 1.90 9.88
CA ARG A 39 1.23 0.63 10.12
C ARG A 39 -0.12 0.85 10.81
N GLU A 40 -0.15 1.79 11.75
CA GLU A 40 -1.37 2.09 12.49
C GLU A 40 -2.50 2.46 11.53
N LYS A 41 -2.21 3.39 10.63
CA LYS A 41 -3.21 3.84 9.66
C LYS A 41 -3.66 2.69 8.76
N ILE A 42 -2.71 1.90 8.29
CA ILE A 42 -3.01 0.77 7.43
C ILE A 42 -4.08 -0.12 8.05
N GLU A 43 -3.97 -0.34 9.36
CA GLU A 43 -4.93 -1.17 10.07
C GLU A 43 -6.36 -0.67 9.83
N ALA A 44 -6.49 0.61 9.54
CA ALA A 44 -7.80 1.22 9.30
C ALA A 44 -8.24 1.00 7.85
N VAL A 45 -7.46 1.53 6.92
CA VAL A 45 -7.77 1.39 5.50
C VAL A 45 -8.00 -0.06 5.12
N ALA A 46 -7.44 -0.97 5.92
CA ALA A 46 -7.59 -2.40 5.67
C ALA A 46 -8.93 -2.91 6.20
N THR A 47 -9.28 -2.48 7.41
CA THR A 47 -10.53 -2.89 8.03
C THR A 47 -11.73 -2.24 7.35
N GLU A 48 -11.47 -1.11 6.69
CA GLU A 48 -12.54 -0.38 6.00
C GLU A 48 -12.89 -1.06 4.67
N LEU A 49 -11.87 -1.54 3.97
CA LEU A 49 -12.07 -2.21 2.68
C LEU A 49 -12.31 -3.69 2.89
N ASN A 50 -12.19 -4.16 4.13
CA ASN A 50 -12.41 -5.56 4.45
C ASN A 50 -11.32 -6.43 3.81
N VAL A 51 -10.09 -5.94 3.82
CA VAL A 51 -8.97 -6.67 3.24
C VAL A 51 -7.83 -6.81 4.23
N ASP A 52 -7.20 -7.98 4.26
CA ASP A 52 -6.08 -8.23 5.16
C ASP A 52 -5.07 -7.10 5.11
N CYS A 53 -4.70 -6.60 6.29
CA CYS A 53 -3.74 -5.51 6.38
C CYS A 53 -2.57 -5.71 5.40
N GLU A 54 -1.95 -6.89 5.48
CA GLU A 54 -0.83 -7.21 4.60
C GLU A 54 -1.10 -6.74 3.18
N ILE A 55 -2.31 -7.01 2.69
CA ILE A 55 -2.69 -6.61 1.34
C ILE A 55 -2.37 -5.14 1.09
N VAL A 56 -2.61 -4.31 2.09
CA VAL A 56 -2.35 -2.88 1.98
C VAL A 56 -0.86 -2.58 2.14
N ARG A 57 -0.32 -2.93 3.29
CA ARG A 57 1.10 -2.70 3.57
C ARG A 57 1.96 -3.10 2.37
N THR A 58 1.56 -4.17 1.70
CA THR A 58 2.30 -4.66 0.53
C THR A 58 2.08 -3.75 -0.68
N TRP A 59 0.82 -3.35 -0.89
CA TRP A 59 0.49 -2.48 -2.01
C TRP A 59 1.24 -1.16 -1.92
N ILE A 60 1.37 -0.64 -0.71
CA ILE A 60 2.08 0.62 -0.50
C ILE A 60 3.46 0.60 -1.14
N GLY A 61 4.31 -0.29 -0.66
CA GLY A 61 5.66 -0.40 -1.20
C GLY A 61 5.66 -0.56 -2.71
N ASN A 62 4.76 -1.39 -3.22
CA ASN A 62 4.66 -1.64 -4.65
C ASN A 62 4.71 -0.33 -5.43
N ARG A 63 3.97 0.67 -4.94
CA ARG A 63 3.93 1.97 -5.60
C ARG A 63 5.29 2.64 -5.57
N ARG A 64 5.85 2.79 -4.37
CA ARG A 64 7.16 3.41 -4.20
C ARG A 64 8.15 2.90 -5.25
N ARG A 65 8.14 1.59 -5.46
CA ARG A 65 9.03 0.97 -6.44
C ARG A 65 8.68 1.41 -7.85
N LYS A 66 7.39 1.47 -8.15
CA LYS A 66 6.92 1.87 -9.46
C LYS A 66 7.34 3.31 -9.78
N TYR A 67 6.99 4.23 -8.88
CA TYR A 67 7.33 5.64 -9.06
C TYR A 67 8.82 5.79 -9.37
N ARG A 68 9.66 5.22 -8.52
CA ARG A 68 11.11 5.30 -8.71
C ARG A 68 11.51 4.76 -10.07
N LEU A 69 11.02 3.57 -10.40
CA LEU A 69 11.34 2.94 -11.68
C LEU A 69 11.31 3.96 -12.81
N MET A 70 10.36 4.89 -12.74
CA MET A 70 10.22 5.93 -13.75
C MET A 70 11.12 7.11 -13.44
N GLY A 71 11.44 7.30 -12.16
CA GLY A 71 12.29 8.40 -11.75
C GLY A 71 11.79 9.09 -10.50
N ILE A 72 10.47 9.03 -10.28
CA ILE A 72 9.86 9.65 -9.12
C ILE A 72 10.29 8.96 -7.84
N GLU A 73 11.26 9.55 -7.14
CA GLU A 73 11.75 8.98 -5.89
C GLU A 73 11.04 9.62 -4.69
N VAL A 74 9.81 9.19 -4.45
CA VAL A 74 9.02 9.70 -3.34
C VAL A 74 9.79 9.58 -2.02
N SER A 75 9.70 10.62 -1.20
CA SER A 75 10.40 10.64 0.09
C SER A 75 9.97 11.85 0.91
N GLY A 76 9.32 11.59 2.04
CA GLY A 76 8.87 12.66 2.91
C GLY A 76 10.01 13.53 3.40
N PRO A 77 9.76 14.84 3.50
CA PRO A 77 10.77 15.80 3.96
C PRO A 77 11.09 15.65 5.44
N SER A 78 12.16 14.91 5.74
CA SER A 78 12.57 14.68 7.12
C SER A 78 13.04 15.97 7.76
N SER A 79 13.88 16.71 7.04
CA SER A 79 14.42 17.96 7.55
C SER A 79 13.87 19.15 6.75
N GLY A 80 12.71 19.65 7.17
CA GLY A 80 12.10 20.77 6.48
C GLY A 80 12.84 22.07 6.73
N GLY A 1 6.19 -10.80 -23.52
CA GLY A 1 6.28 -9.54 -24.25
C GLY A 1 6.34 -8.34 -23.32
N SER A 2 5.23 -8.07 -22.63
CA SER A 2 5.17 -6.94 -21.71
C SER A 2 5.52 -7.37 -20.29
N SER A 3 6.10 -6.46 -19.52
CA SER A 3 6.48 -6.75 -18.14
C SER A 3 7.18 -8.10 -18.05
N GLY A 4 8.06 -8.36 -19.01
CA GLY A 4 8.78 -9.63 -19.01
C GLY A 4 10.20 -9.49 -18.46
N SER A 5 10.30 -9.13 -17.18
CA SER A 5 11.60 -8.95 -16.54
C SER A 5 11.82 -10.01 -15.47
N SER A 6 13.05 -10.47 -15.34
CA SER A 6 13.40 -11.48 -14.34
C SER A 6 12.60 -11.27 -13.06
N GLY A 7 12.26 -12.37 -12.39
CA GLY A 7 11.51 -12.29 -11.16
C GLY A 7 10.26 -13.16 -11.18
N ALA A 8 10.09 -13.95 -10.13
CA ALA A 8 8.93 -14.84 -10.03
C ALA A 8 7.71 -14.09 -9.50
N LEU A 9 7.47 -12.90 -10.03
CA LEU A 9 6.33 -12.09 -9.61
C LEU A 9 5.04 -12.59 -10.23
N GLN A 10 3.92 -12.35 -9.55
CA GLN A 10 2.62 -12.78 -10.05
C GLN A 10 1.51 -11.88 -9.50
N ASP A 11 0.51 -11.61 -10.33
CA ASP A 11 -0.61 -10.76 -9.93
C ASP A 11 -1.74 -11.60 -9.33
N ARG A 12 -1.99 -11.41 -8.05
CA ARG A 12 -3.03 -12.15 -7.35
C ARG A 12 -4.10 -11.20 -6.81
N THR A 13 -3.67 -10.19 -6.06
CA THR A 13 -4.58 -9.21 -5.49
C THR A 13 -4.56 -7.91 -6.28
N GLN A 14 -5.62 -7.66 -7.04
CA GLN A 14 -5.72 -6.44 -7.82
C GLN A 14 -6.73 -5.47 -7.21
N PHE A 15 -6.55 -4.18 -7.51
CA PHE A 15 -7.44 -3.15 -6.99
C PHE A 15 -8.12 -2.39 -8.13
N SER A 16 -9.32 -1.88 -7.86
CA SER A 16 -10.07 -1.15 -8.86
C SER A 16 -10.17 0.34 -8.49
N ASP A 17 -10.35 1.18 -9.49
CA ASP A 17 -10.46 2.62 -9.26
C ASP A 17 -11.22 2.92 -7.98
N ARG A 18 -12.32 2.19 -7.76
CA ARG A 18 -13.14 2.38 -6.57
C ARG A 18 -12.34 2.08 -5.31
N ASP A 19 -11.76 0.88 -5.24
CA ASP A 19 -10.97 0.48 -4.09
C ASP A 19 -9.77 1.41 -3.91
N LEU A 20 -8.95 1.52 -4.95
CA LEU A 20 -7.76 2.37 -4.90
C LEU A 20 -8.06 3.69 -4.22
N ALA A 21 -9.12 4.36 -4.68
CA ALA A 21 -9.52 5.63 -4.10
C ALA A 21 -9.28 5.66 -2.59
N THR A 22 -9.79 4.65 -1.89
CA THR A 22 -9.64 4.55 -0.45
C THR A 22 -8.17 4.59 -0.05
N LEU A 23 -7.37 3.74 -0.70
CA LEU A 23 -5.94 3.67 -0.42
C LEU A 23 -5.27 5.02 -0.68
N LYS A 24 -5.32 5.46 -1.93
CA LYS A 24 -4.71 6.73 -2.32
C LYS A 24 -5.05 7.82 -1.30
N LYS A 25 -6.25 7.74 -0.74
CA LYS A 25 -6.69 8.72 0.25
C LYS A 25 -5.70 8.82 1.40
N TYR A 26 -5.36 7.68 1.99
CA TYR A 26 -4.42 7.65 3.11
C TYR A 26 -3.03 8.07 2.65
N TRP A 27 -2.69 7.74 1.41
CA TRP A 27 -1.38 8.08 0.86
C TRP A 27 -1.13 9.58 0.95
N ASP A 28 -2.21 10.36 0.89
CA ASP A 28 -2.10 11.82 0.96
C ASP A 28 -1.58 12.25 2.33
N ASN A 29 -1.54 11.31 3.27
CA ASN A 29 -1.07 11.60 4.62
C ASN A 29 0.31 10.98 4.85
N GLY A 30 1.02 10.71 3.76
CA GLY A 30 2.35 10.12 3.87
C GLY A 30 2.31 8.64 4.14
N MET A 31 1.27 7.97 3.63
CA MET A 31 1.12 6.53 3.82
C MET A 31 2.05 5.76 2.91
N THR A 32 3.33 6.16 2.92
CA THR A 32 4.33 5.50 2.09
C THR A 32 5.38 4.81 2.95
N SER A 33 4.93 4.10 3.98
CA SER A 33 5.83 3.39 4.88
C SER A 33 5.14 2.16 5.47
N LEU A 34 5.95 1.19 5.87
CA LEU A 34 5.44 -0.05 6.46
C LEU A 34 5.51 0.00 7.99
N GLY A 35 6.54 0.65 8.50
CA GLY A 35 6.71 0.76 9.93
C GLY A 35 5.43 1.19 10.64
N SER A 36 5.45 1.15 11.96
CA SER A 36 4.30 1.54 12.76
C SER A 36 3.86 2.96 12.42
N VAL A 37 4.83 3.82 12.13
CA VAL A 37 4.55 5.21 11.79
C VAL A 37 3.39 5.32 10.82
N CYS A 38 3.27 4.33 9.93
CA CYS A 38 2.20 4.31 8.94
C CYS A 38 1.19 3.21 9.27
N ARG A 39 1.67 2.12 9.85
CA ARG A 39 0.82 0.99 10.21
C ARG A 39 -0.50 1.47 10.80
N GLU A 40 -0.40 2.36 11.80
CA GLU A 40 -1.59 2.90 12.45
C GLU A 40 -2.69 3.18 11.44
N LYS A 41 -2.31 3.78 10.31
CA LYS A 41 -3.27 4.12 9.27
C LYS A 41 -3.65 2.87 8.47
N ILE A 42 -2.67 2.05 8.16
CA ILE A 42 -2.91 0.82 7.40
C ILE A 42 -3.95 -0.06 8.10
N GLU A 43 -3.87 -0.11 9.42
CA GLU A 43 -4.81 -0.91 10.20
C GLU A 43 -6.25 -0.46 9.96
N ALA A 44 -6.40 0.73 9.39
CA ALA A 44 -7.72 1.28 9.10
C ALA A 44 -8.14 0.96 7.68
N VAL A 45 -7.37 1.45 6.71
CA VAL A 45 -7.67 1.21 5.30
C VAL A 45 -7.94 -0.27 5.04
N ALA A 46 -7.37 -1.12 5.87
CA ALA A 46 -7.55 -2.56 5.73
C ALA A 46 -8.92 -2.99 6.26
N THR A 47 -9.29 -2.47 7.42
CA THR A 47 -10.57 -2.80 8.05
C THR A 47 -11.72 -2.13 7.32
N GLU A 48 -11.42 -1.05 6.60
CA GLU A 48 -12.43 -0.32 5.86
C GLU A 48 -12.77 -1.02 4.55
N LEU A 49 -11.74 -1.52 3.87
CA LEU A 49 -11.93 -2.21 2.60
C LEU A 49 -12.18 -3.70 2.83
N ASN A 50 -11.93 -4.16 4.05
CA ASN A 50 -12.15 -5.55 4.40
C ASN A 50 -11.17 -6.45 3.66
N VAL A 51 -9.90 -6.05 3.62
CA VAL A 51 -8.86 -6.81 2.94
C VAL A 51 -7.69 -7.09 3.87
N ASP A 52 -7.05 -8.24 3.67
CA ASP A 52 -5.90 -8.61 4.49
C ASP A 52 -4.89 -7.47 4.60
N CYS A 53 -4.63 -7.02 5.82
CA CYS A 53 -3.70 -5.93 6.06
C CYS A 53 -2.47 -6.06 5.15
N GLU A 54 -2.06 -7.30 4.90
CA GLU A 54 -0.91 -7.55 4.05
C GLU A 54 -1.11 -6.96 2.66
N ILE A 55 -2.29 -7.18 2.10
CA ILE A 55 -2.63 -6.67 0.77
C ILE A 55 -2.28 -5.19 0.66
N VAL A 56 -2.53 -4.45 1.73
CA VAL A 56 -2.25 -3.01 1.75
C VAL A 56 -0.76 -2.75 2.00
N ARG A 57 -0.28 -3.18 3.16
CA ARG A 57 1.12 -2.99 3.52
C ARG A 57 2.04 -3.30 2.34
N THR A 58 1.72 -4.39 1.64
CA THR A 58 2.52 -4.80 0.48
C THR A 58 2.33 -3.85 -0.69
N TRP A 59 1.10 -3.38 -0.86
CA TRP A 59 0.77 -2.47 -1.95
C TRP A 59 1.61 -1.20 -1.86
N ILE A 60 1.76 -0.67 -0.64
CA ILE A 60 2.55 0.54 -0.42
C ILE A 60 3.97 0.37 -0.95
N GLY A 61 4.70 -0.58 -0.39
CA GLY A 61 6.06 -0.81 -0.82
C GLY A 61 6.18 -0.99 -2.32
N ASN A 62 5.15 -1.59 -2.92
CA ASN A 62 5.14 -1.81 -4.37
C ASN A 62 5.05 -0.50 -5.13
N ARG A 63 3.93 0.19 -4.99
CA ARG A 63 3.72 1.47 -5.66
C ARG A 63 5.00 2.29 -5.65
N ARG A 64 5.64 2.38 -4.49
CA ARG A 64 6.88 3.14 -4.35
C ARG A 64 7.86 2.79 -5.47
N ARG A 65 8.20 1.51 -5.54
CA ARG A 65 9.15 1.03 -6.56
C ARG A 65 8.55 1.17 -7.95
N LYS A 66 7.33 0.66 -8.13
CA LYS A 66 6.65 0.74 -9.41
C LYS A 66 6.98 2.02 -10.14
N TYR A 67 6.93 3.14 -9.42
CA TYR A 67 7.23 4.44 -10.00
C TYR A 67 8.67 4.52 -10.45
N ARG A 68 9.59 4.36 -9.51
CA ARG A 68 11.02 4.41 -9.80
C ARG A 68 11.34 3.61 -11.07
N LEU A 69 10.81 2.40 -11.14
CA LEU A 69 11.04 1.53 -12.30
C LEU A 69 10.99 2.33 -13.59
N MET A 70 9.99 3.20 -13.71
CA MET A 70 9.85 4.03 -14.90
C MET A 70 10.70 5.30 -14.80
N GLY A 71 10.98 5.71 -13.56
CA GLY A 71 11.78 6.90 -13.35
C GLY A 71 11.15 7.86 -12.37
N ILE A 72 9.85 7.70 -12.15
CA ILE A 72 9.12 8.57 -11.22
C ILE A 72 9.54 8.29 -9.78
N GLU A 73 9.77 9.35 -9.02
CA GLU A 73 10.17 9.23 -7.63
C GLU A 73 9.20 9.97 -6.71
N VAL A 74 8.82 9.33 -5.60
CA VAL A 74 7.90 9.93 -4.65
C VAL A 74 8.64 10.45 -3.42
N SER A 75 9.80 11.07 -3.66
CA SER A 75 10.60 11.62 -2.57
C SER A 75 11.30 12.90 -3.01
N GLY A 76 11.33 13.88 -2.11
CA GLY A 76 11.97 15.14 -2.42
C GLY A 76 11.72 16.20 -1.35
N PRO A 77 10.69 17.03 -1.57
CA PRO A 77 10.32 18.10 -0.63
C PRO A 77 9.72 17.55 0.66
N SER A 78 10.60 17.26 1.62
CA SER A 78 10.16 16.73 2.92
C SER A 78 10.98 17.32 4.05
N SER A 79 10.50 17.14 5.27
CA SER A 79 11.18 17.66 6.46
C SER A 79 12.19 16.65 6.98
N GLY A 80 11.72 15.45 7.29
CA GLY A 80 12.59 14.40 7.80
C GLY A 80 12.37 13.08 7.12
N GLY A 1 -11.44 -11.76 15.14
CA GLY A 1 -12.00 -10.45 14.87
C GLY A 1 -13.51 -10.45 14.91
N SER A 2 -14.10 -9.26 14.86
CA SER A 2 -15.56 -9.12 14.89
C SER A 2 -16.13 -9.12 13.47
N SER A 3 -17.28 -9.78 13.31
CA SER A 3 -17.93 -9.86 12.01
C SER A 3 -16.95 -10.29 10.93
N GLY A 4 -16.10 -11.27 11.26
CA GLY A 4 -15.12 -11.75 10.30
C GLY A 4 -15.25 -13.25 10.06
N SER A 5 -15.50 -13.62 8.81
CA SER A 5 -15.64 -15.02 8.45
C SER A 5 -14.82 -15.34 7.20
N SER A 6 -14.62 -16.63 6.95
CA SER A 6 -13.85 -17.08 5.80
C SER A 6 -14.39 -16.47 4.52
N GLY A 7 -13.53 -16.35 3.51
CA GLY A 7 -13.94 -15.78 2.24
C GLY A 7 -13.55 -16.65 1.06
N ALA A 8 -12.68 -16.12 0.20
CA ALA A 8 -12.23 -16.86 -0.97
C ALA A 8 -10.79 -16.50 -1.33
N LEU A 9 -10.12 -17.39 -2.04
CA LEU A 9 -8.73 -17.17 -2.43
C LEU A 9 -8.60 -17.13 -3.95
N GLN A 10 -7.80 -16.20 -4.44
CA GLN A 10 -7.59 -16.04 -5.88
C GLN A 10 -6.24 -15.39 -6.16
N ASP A 11 -5.73 -15.61 -7.37
CA ASP A 11 -4.44 -15.04 -7.76
C ASP A 11 -4.39 -13.55 -7.46
N ARG A 12 -3.20 -12.98 -7.53
CA ARG A 12 -3.01 -11.56 -7.26
C ARG A 12 -4.11 -10.73 -7.91
N THR A 13 -5.01 -10.20 -7.09
CA THR A 13 -6.12 -9.39 -7.59
C THR A 13 -5.67 -7.96 -7.85
N GLN A 14 -6.39 -7.26 -8.72
CA GLN A 14 -6.08 -5.88 -9.05
C GLN A 14 -7.07 -4.92 -8.41
N PHE A 15 -6.56 -3.83 -7.86
CA PHE A 15 -7.41 -2.83 -7.22
C PHE A 15 -8.07 -1.92 -8.24
N SER A 16 -9.38 -1.76 -8.14
CA SER A 16 -10.13 -0.92 -9.06
C SER A 16 -10.15 0.53 -8.59
N ASP A 17 -10.39 1.44 -9.53
CA ASP A 17 -10.44 2.86 -9.21
C ASP A 17 -11.18 3.10 -7.91
N ARG A 18 -12.29 2.38 -7.72
CA ARG A 18 -13.09 2.52 -6.52
C ARG A 18 -12.28 2.17 -5.27
N ASP A 19 -11.77 0.95 -5.24
CA ASP A 19 -10.97 0.49 -4.10
C ASP A 19 -9.77 1.41 -3.87
N LEU A 20 -9.00 1.63 -4.92
CA LEU A 20 -7.82 2.49 -4.85
C LEU A 20 -8.15 3.79 -4.11
N ALA A 21 -9.20 4.46 -4.54
CA ALA A 21 -9.62 5.71 -3.93
C ALA A 21 -9.36 5.70 -2.42
N THR A 22 -9.83 4.64 -1.76
CA THR A 22 -9.65 4.51 -0.31
C THR A 22 -8.17 4.60 0.06
N LEU A 23 -7.37 3.72 -0.52
CA LEU A 23 -5.94 3.71 -0.25
C LEU A 23 -5.29 5.05 -0.56
N LYS A 24 -5.35 5.44 -1.83
CA LYS A 24 -4.78 6.71 -2.27
C LYS A 24 -5.12 7.83 -1.28
N LYS A 25 -6.28 7.73 -0.65
CA LYS A 25 -6.71 8.72 0.32
C LYS A 25 -5.69 8.90 1.42
N TYR A 26 -5.35 7.79 2.08
CA TYR A 26 -4.37 7.83 3.16
C TYR A 26 -2.99 8.26 2.64
N TRP A 27 -2.69 7.89 1.41
CA TRP A 27 -1.41 8.24 0.80
C TRP A 27 -1.19 9.75 0.84
N ASP A 28 -2.29 10.50 0.82
CA ASP A 28 -2.20 11.96 0.85
C ASP A 28 -1.56 12.44 2.15
N ASN A 29 -1.49 11.54 3.13
CA ASN A 29 -0.90 11.87 4.43
C ASN A 29 0.48 11.24 4.58
N GLY A 30 1.10 10.92 3.45
CA GLY A 30 2.41 10.31 3.48
C GLY A 30 2.37 8.84 3.85
N MET A 31 1.35 8.14 3.36
CA MET A 31 1.19 6.72 3.66
C MET A 31 2.12 5.88 2.79
N THR A 32 3.38 6.31 2.69
CA THR A 32 4.37 5.60 1.89
C THR A 32 5.43 4.95 2.78
N SER A 33 4.98 4.24 3.80
CA SER A 33 5.89 3.57 4.73
C SER A 33 5.24 2.33 5.32
N LEU A 34 6.07 1.43 5.84
CA LEU A 34 5.57 0.20 6.45
C LEU A 34 5.60 0.29 7.98
N GLY A 35 6.67 0.89 8.51
CA GLY A 35 6.79 1.03 9.95
C GLY A 35 5.52 1.55 10.60
N SER A 36 5.48 1.53 11.92
CA SER A 36 4.31 1.99 12.65
C SER A 36 3.78 3.30 12.06
N VAL A 37 4.69 4.21 11.73
CA VAL A 37 4.31 5.49 11.16
C VAL A 37 3.11 5.35 10.23
N CYS A 38 3.08 4.25 9.48
CA CYS A 38 1.98 4.00 8.56
C CYS A 38 1.11 2.86 9.05
N ARG A 39 1.75 1.82 9.59
CA ARG A 39 1.03 0.66 10.10
C ARG A 39 -0.28 1.07 10.76
N GLU A 40 -0.22 2.14 11.56
CA GLU A 40 -1.40 2.63 12.26
C GLU A 40 -2.53 2.94 11.27
N LYS A 41 -2.22 3.72 10.25
CA LYS A 41 -3.21 4.08 9.23
C LYS A 41 -3.64 2.85 8.44
N ILE A 42 -2.68 2.02 8.06
CA ILE A 42 -2.96 0.82 7.30
C ILE A 42 -4.02 -0.03 8.00
N GLU A 43 -3.90 -0.15 9.32
CA GLU A 43 -4.85 -0.94 10.10
C GLU A 43 -6.28 -0.48 9.84
N ALA A 44 -6.43 0.77 9.40
CA ALA A 44 -7.75 1.32 9.11
C ALA A 44 -8.18 0.99 7.68
N VAL A 45 -7.43 1.50 6.72
CA VAL A 45 -7.73 1.25 5.31
C VAL A 45 -7.99 -0.22 5.05
N ALA A 46 -7.41 -1.07 5.89
CA ALA A 46 -7.58 -2.51 5.75
C ALA A 46 -8.92 -2.97 6.29
N THR A 47 -9.28 -2.48 7.47
CA THR A 47 -10.55 -2.84 8.08
C THR A 47 -11.73 -2.22 7.34
N GLU A 48 -11.45 -1.15 6.61
CA GLU A 48 -12.49 -0.45 5.85
C GLU A 48 -12.82 -1.22 4.56
N LEU A 49 -11.80 -1.80 3.95
CA LEU A 49 -11.98 -2.55 2.72
C LEU A 49 -12.21 -4.03 3.02
N ASN A 50 -11.97 -4.42 4.27
CA ASN A 50 -12.15 -5.80 4.69
C ASN A 50 -11.21 -6.73 3.91
N VAL A 51 -9.95 -6.32 3.79
CA VAL A 51 -8.95 -7.11 3.09
C VAL A 51 -7.73 -7.38 3.97
N ASP A 52 -7.01 -8.44 3.66
CA ASP A 52 -5.82 -8.81 4.42
C ASP A 52 -4.85 -7.63 4.51
N CYS A 53 -4.60 -7.17 5.74
CA CYS A 53 -3.69 -6.05 5.96
C CYS A 53 -2.48 -6.14 5.04
N GLU A 54 -1.99 -7.36 4.82
CA GLU A 54 -0.83 -7.58 3.96
C GLU A 54 -1.06 -6.97 2.58
N ILE A 55 -2.25 -7.19 2.03
CA ILE A 55 -2.59 -6.66 0.72
C ILE A 55 -2.28 -5.17 0.62
N VAL A 56 -2.60 -4.44 1.68
CA VAL A 56 -2.36 -3.00 1.71
C VAL A 56 -0.87 -2.70 1.97
N ARG A 57 -0.41 -3.05 3.17
CA ARG A 57 0.97 -2.82 3.55
C ARG A 57 1.91 -3.13 2.38
N THR A 58 1.66 -4.26 1.71
CA THR A 58 2.48 -4.67 0.58
C THR A 58 2.31 -3.72 -0.61
N TRP A 59 1.07 -3.27 -0.82
CA TRP A 59 0.77 -2.36 -1.92
C TRP A 59 1.63 -1.10 -1.82
N ILE A 60 1.80 -0.60 -0.60
CA ILE A 60 2.60 0.60 -0.38
C ILE A 60 4.03 0.42 -0.86
N GLY A 61 4.74 -0.51 -0.23
CA GLY A 61 6.12 -0.78 -0.61
C GLY A 61 6.27 -1.05 -2.09
N ASN A 62 5.33 -1.81 -2.65
CA ASN A 62 5.36 -2.16 -4.06
C ASN A 62 5.27 -0.90 -4.92
N ARG A 63 4.22 -0.12 -4.72
CA ARG A 63 4.01 1.10 -5.47
C ARG A 63 5.29 1.94 -5.52
N ARG A 64 5.73 2.39 -4.35
CA ARG A 64 6.95 3.20 -4.26
C ARG A 64 7.98 2.76 -5.29
N ARG A 65 8.13 1.45 -5.44
CA ARG A 65 9.08 0.90 -6.40
C ARG A 65 8.60 1.11 -7.84
N LYS A 66 7.38 0.67 -8.11
CA LYS A 66 6.80 0.81 -9.44
C LYS A 66 7.02 2.22 -9.99
N TYR A 67 6.89 3.22 -9.12
CA TYR A 67 7.08 4.61 -9.50
C TYR A 67 8.53 4.88 -9.88
N ARG A 68 9.44 4.55 -8.98
CA ARG A 68 10.86 4.75 -9.21
C ARG A 68 11.27 4.21 -10.58
N LEU A 69 10.66 3.09 -10.98
CA LEU A 69 10.96 2.47 -12.27
C LEU A 69 10.71 3.45 -13.41
N MET A 70 9.54 4.08 -13.40
CA MET A 70 9.18 5.04 -14.43
C MET A 70 10.06 6.29 -14.35
N GLY A 71 10.58 6.56 -13.16
CA GLY A 71 11.44 7.72 -12.97
C GLY A 71 11.15 8.45 -11.67
N ILE A 72 9.91 8.34 -11.21
CA ILE A 72 9.51 9.00 -9.97
C ILE A 72 10.15 8.33 -8.75
N GLU A 73 11.29 8.86 -8.33
CA GLU A 73 12.01 8.31 -7.19
C GLU A 73 11.35 8.74 -5.88
N VAL A 74 10.77 7.78 -5.16
CA VAL A 74 10.11 8.05 -3.89
C VAL A 74 10.58 7.10 -2.81
N SER A 75 10.90 7.66 -1.63
CA SER A 75 11.37 6.86 -0.52
C SER A 75 10.35 6.85 0.62
N GLY A 76 9.97 8.04 1.06
CA GLY A 76 9.00 8.15 2.14
C GLY A 76 8.13 9.39 2.01
N PRO A 77 7.54 9.82 3.13
CA PRO A 77 6.66 10.99 3.16
C PRO A 77 7.43 12.30 2.95
N SER A 78 8.75 12.18 2.87
CA SER A 78 9.61 13.35 2.66
C SER A 78 9.34 13.99 1.31
N SER A 79 8.72 15.17 1.31
CA SER A 79 8.41 15.88 0.08
C SER A 79 7.90 17.29 0.39
N GLY A 80 8.19 18.22 -0.53
CA GLY A 80 7.74 19.59 -0.34
C GLY A 80 7.05 20.14 -1.57
N GLY A 1 9.16 -9.22 1.39
CA GLY A 1 9.09 -9.69 2.76
C GLY A 1 10.30 -10.53 3.14
N SER A 2 10.38 -10.89 4.42
CA SER A 2 11.50 -11.69 4.92
C SER A 2 10.99 -12.99 5.54
N SER A 3 9.95 -12.88 6.37
CA SER A 3 9.38 -14.04 7.04
C SER A 3 7.91 -14.21 6.67
N GLY A 4 7.66 -14.81 5.52
CA GLY A 4 6.29 -15.01 5.08
C GLY A 4 6.19 -16.03 3.97
N SER A 5 4.97 -16.53 3.72
CA SER A 5 4.76 -17.52 2.67
C SER A 5 3.60 -17.11 1.77
N SER A 6 3.65 -17.55 0.52
CA SER A 6 2.61 -17.23 -0.44
C SER A 6 1.30 -17.93 -0.10
N GLY A 7 0.26 -17.65 -0.88
CA GLY A 7 -1.04 -18.25 -0.64
C GLY A 7 -2.18 -17.34 -1.00
N ALA A 8 -2.08 -16.07 -0.61
CA ALA A 8 -3.12 -15.09 -0.90
C ALA A 8 -3.00 -14.57 -2.34
N LEU A 9 -1.85 -13.99 -2.65
CA LEU A 9 -1.61 -13.45 -3.99
C LEU A 9 -0.64 -14.34 -4.76
N GLN A 10 -1.08 -14.78 -5.94
CA GLN A 10 -0.24 -15.64 -6.79
C GLN A 10 0.78 -14.81 -7.56
N ASP A 11 0.29 -13.82 -8.29
CA ASP A 11 1.16 -12.96 -9.08
C ASP A 11 0.93 -11.48 -8.73
N ARG A 12 -0.30 -11.02 -8.93
CA ARG A 12 -0.64 -9.63 -8.64
C ARG A 12 -2.16 -9.46 -8.55
N THR A 13 -2.60 -8.55 -7.69
CA THR A 13 -4.02 -8.29 -7.51
C THR A 13 -4.40 -6.93 -8.07
N GLN A 14 -5.33 -6.93 -9.02
CA GLN A 14 -5.79 -5.70 -9.65
C GLN A 14 -6.76 -4.96 -8.74
N PHE A 15 -6.52 -3.67 -8.53
CA PHE A 15 -7.38 -2.85 -7.68
C PHE A 15 -8.24 -1.92 -8.53
N SER A 16 -9.55 -2.01 -8.35
CA SER A 16 -10.49 -1.17 -9.10
C SER A 16 -10.43 0.27 -8.61
N ASP A 17 -10.69 1.20 -9.52
CA ASP A 17 -10.67 2.62 -9.17
C ASP A 17 -11.25 2.86 -7.79
N ARG A 18 -12.48 2.39 -7.58
CA ARG A 18 -13.14 2.56 -6.29
C ARG A 18 -12.25 2.08 -5.15
N ASP A 19 -11.68 0.89 -5.33
CA ASP A 19 -10.80 0.32 -4.31
C ASP A 19 -9.60 1.22 -4.05
N LEU A 20 -8.91 1.60 -5.11
CA LEU A 20 -7.74 2.47 -5.00
C LEU A 20 -8.08 3.75 -4.25
N ALA A 21 -9.17 4.40 -4.67
CA ALA A 21 -9.61 5.63 -4.02
C ALA A 21 -9.32 5.62 -2.53
N THR A 22 -9.83 4.59 -1.85
CA THR A 22 -9.63 4.46 -0.41
C THR A 22 -8.14 4.47 -0.05
N LEU A 23 -7.37 3.66 -0.78
CA LEU A 23 -5.93 3.58 -0.54
C LEU A 23 -5.27 4.93 -0.75
N LYS A 24 -5.34 5.43 -1.98
CA LYS A 24 -4.76 6.72 -2.32
C LYS A 24 -5.09 7.78 -1.27
N LYS A 25 -6.31 7.70 -0.76
CA LYS A 25 -6.76 8.65 0.26
C LYS A 25 -5.73 8.79 1.37
N TYR A 26 -5.35 7.66 1.96
CA TYR A 26 -4.37 7.65 3.04
C TYR A 26 -2.99 8.05 2.52
N TRP A 27 -2.69 7.67 1.29
CA TRP A 27 -1.41 7.98 0.67
C TRP A 27 -1.13 9.48 0.73
N ASP A 28 -2.20 10.27 0.66
CA ASP A 28 -2.07 11.73 0.70
C ASP A 28 -1.46 12.18 2.02
N ASN A 29 -1.43 11.29 2.99
CA ASN A 29 -0.86 11.60 4.30
C ASN A 29 0.50 10.95 4.47
N GLY A 30 1.16 10.66 3.35
CA GLY A 30 2.47 10.05 3.40
C GLY A 30 2.41 8.57 3.73
N MET A 31 1.34 7.90 3.30
CA MET A 31 1.17 6.48 3.56
C MET A 31 2.07 5.65 2.65
N THR A 32 3.35 6.02 2.60
CA THR A 32 4.32 5.30 1.78
C THR A 32 5.40 4.66 2.63
N SER A 33 5.00 4.09 3.77
CA SER A 33 5.93 3.45 4.67
C SER A 33 5.34 2.17 5.25
N LEU A 34 6.18 1.17 5.47
CA LEU A 34 5.74 -0.11 6.01
C LEU A 34 5.80 -0.10 7.54
N GLY A 35 6.81 0.58 8.07
CA GLY A 35 6.97 0.66 9.52
C GLY A 35 5.68 1.02 10.22
N SER A 36 5.70 0.97 11.55
CA SER A 36 4.52 1.29 12.35
C SER A 36 4.05 2.72 12.08
N VAL A 37 5.02 3.62 11.86
CA VAL A 37 4.71 5.01 11.59
C VAL A 37 3.47 5.14 10.70
N CYS A 38 3.33 4.22 9.77
CA CYS A 38 2.19 4.23 8.85
C CYS A 38 1.24 3.08 9.15
N ARG A 39 1.80 1.96 9.59
CA ARG A 39 1.00 0.78 9.91
C ARG A 39 -0.32 1.19 10.56
N GLU A 40 -0.24 1.98 11.62
CA GLU A 40 -1.42 2.43 12.33
C GLU A 40 -2.53 2.83 11.34
N LYS A 41 -2.15 3.55 10.30
CA LYS A 41 -3.10 4.00 9.28
C LYS A 41 -3.57 2.83 8.43
N ILE A 42 -2.63 1.98 8.03
CA ILE A 42 -2.95 0.82 7.20
C ILE A 42 -4.00 -0.05 7.87
N GLU A 43 -3.91 -0.17 9.20
CA GLU A 43 -4.85 -0.98 9.96
C GLU A 43 -6.29 -0.53 9.69
N ALA A 44 -6.45 0.73 9.32
CA ALA A 44 -7.77 1.29 9.04
C ALA A 44 -8.19 0.98 7.61
N VAL A 45 -7.45 1.53 6.64
CA VAL A 45 -7.75 1.31 5.24
C VAL A 45 -8.01 -0.17 4.95
N ALA A 46 -7.40 -1.03 5.75
CA ALA A 46 -7.55 -2.47 5.59
C ALA A 46 -8.92 -2.94 6.08
N THR A 47 -9.32 -2.45 7.25
CA THR A 47 -10.61 -2.82 7.84
C THR A 47 -11.75 -2.14 7.09
N GLU A 48 -11.45 -1.05 6.41
CA GLU A 48 -12.47 -0.30 5.66
C GLU A 48 -12.80 -1.01 4.36
N LEU A 49 -11.77 -1.55 3.70
CA LEU A 49 -11.96 -2.26 2.44
C LEU A 49 -12.22 -3.74 2.67
N ASN A 50 -12.16 -4.15 3.94
CA ASN A 50 -12.40 -5.54 4.30
C ASN A 50 -11.28 -6.44 3.79
N VAL A 51 -10.05 -5.92 3.84
CA VAL A 51 -8.89 -6.67 3.39
C VAL A 51 -7.84 -6.77 4.48
N ASP A 52 -7.06 -7.85 4.47
CA ASP A 52 -6.01 -8.06 5.46
C ASP A 52 -4.94 -6.97 5.34
N CYS A 53 -4.55 -6.41 6.48
CA CYS A 53 -3.54 -5.36 6.51
C CYS A 53 -2.48 -5.60 5.44
N GLU A 54 -1.96 -6.82 5.39
CA GLU A 54 -0.94 -7.17 4.41
C GLU A 54 -1.28 -6.62 3.03
N ILE A 55 -2.44 -7.01 2.52
CA ILE A 55 -2.90 -6.55 1.21
C ILE A 55 -2.47 -5.11 0.96
N VAL A 56 -2.53 -4.30 2.00
CA VAL A 56 -2.14 -2.89 1.90
C VAL A 56 -0.65 -2.71 2.15
N ARG A 57 -0.20 -3.07 3.34
CA ARG A 57 1.20 -2.94 3.70
C ARG A 57 2.11 -3.31 2.52
N THR A 58 1.73 -4.36 1.80
CA THR A 58 2.50 -4.80 0.64
C THR A 58 2.28 -3.89 -0.55
N TRP A 59 1.02 -3.52 -0.79
CA TRP A 59 0.68 -2.65 -1.91
C TRP A 59 1.49 -1.36 -1.85
N ILE A 60 1.70 -0.85 -0.64
CA ILE A 60 2.46 0.39 -0.46
C ILE A 60 3.88 0.24 -0.99
N GLY A 61 4.64 -0.69 -0.41
CA GLY A 61 6.01 -0.92 -0.84
C GLY A 61 6.12 -1.05 -2.35
N ASN A 62 5.19 -1.79 -2.95
CA ASN A 62 5.21 -2.00 -4.39
C ASN A 62 5.01 -0.67 -5.13
N ARG A 63 4.07 0.13 -4.65
CA ARG A 63 3.79 1.42 -5.27
C ARG A 63 5.02 2.32 -5.21
N ARG A 64 5.55 2.53 -4.01
CA ARG A 64 6.71 3.38 -3.83
C ARG A 64 7.69 3.23 -4.99
N ARG A 65 8.09 1.98 -5.26
CA ARG A 65 9.01 1.71 -6.35
C ARG A 65 8.44 2.16 -7.69
N LYS A 66 7.27 1.64 -8.02
CA LYS A 66 6.61 1.99 -9.28
C LYS A 66 6.81 3.46 -9.61
N TYR A 67 6.59 4.33 -8.62
CA TYR A 67 6.74 5.76 -8.80
C TYR A 67 8.21 6.12 -9.03
N ARG A 68 9.09 5.51 -8.26
CA ARG A 68 10.53 5.76 -8.37
C ARG A 68 11.02 5.43 -9.77
N LEU A 69 10.56 4.31 -10.31
CA LEU A 69 10.96 3.87 -11.64
C LEU A 69 11.04 5.05 -12.60
N MET A 70 9.95 5.82 -12.67
CA MET A 70 9.89 6.99 -13.55
C MET A 70 10.69 8.14 -12.96
N GLY A 71 10.84 8.15 -11.64
CA GLY A 71 11.59 9.21 -10.98
C GLY A 71 10.69 10.27 -10.38
N ILE A 72 9.61 9.83 -9.73
CA ILE A 72 8.67 10.74 -9.11
C ILE A 72 9.17 11.22 -7.75
N GLU A 73 8.94 12.49 -7.46
CA GLU A 73 9.38 13.07 -6.19
C GLU A 73 8.45 12.65 -5.05
N VAL A 74 8.73 11.52 -4.45
CA VAL A 74 7.91 11.01 -3.35
C VAL A 74 8.71 10.95 -2.05
N SER A 75 10.00 10.59 -2.16
CA SER A 75 10.87 10.49 -1.00
C SER A 75 10.91 11.81 -0.24
N GLY A 76 11.05 12.91 -0.97
CA GLY A 76 11.10 14.22 -0.36
C GLY A 76 12.09 15.15 -1.04
N PRO A 77 11.91 16.46 -0.84
CA PRO A 77 12.78 17.49 -1.44
C PRO A 77 14.17 17.48 -0.82
N SER A 78 15.18 17.79 -1.63
CA SER A 78 16.55 17.83 -1.18
C SER A 78 17.44 18.59 -2.16
N SER A 79 18.24 19.52 -1.63
CA SER A 79 19.13 20.32 -2.46
C SER A 79 20.14 19.43 -3.19
N GLY A 80 20.65 19.93 -4.30
CA GLY A 80 21.63 19.17 -5.08
C GLY A 80 21.21 19.00 -6.52
N GLY A 1 -23.57 -10.53 6.98
CA GLY A 1 -22.72 -10.62 5.80
C GLY A 1 -22.70 -12.02 5.22
N SER A 2 -21.78 -12.25 4.28
CA SER A 2 -21.67 -13.55 3.63
C SER A 2 -20.23 -13.81 3.17
N SER A 3 -19.98 -15.02 2.66
CA SER A 3 -18.66 -15.39 2.21
C SER A 3 -18.51 -15.13 0.71
N GLY A 4 -17.28 -15.21 0.22
CA GLY A 4 -17.03 -14.98 -1.19
C GLY A 4 -16.29 -16.14 -1.84
N SER A 5 -15.09 -15.86 -2.34
CA SER A 5 -14.28 -16.89 -3.00
C SER A 5 -12.83 -16.45 -3.11
N SER A 6 -11.96 -17.10 -2.35
CA SER A 6 -10.54 -16.78 -2.36
C SER A 6 -9.70 -18.01 -2.71
N GLY A 7 -8.49 -17.77 -3.19
CA GLY A 7 -7.61 -18.87 -3.56
C GLY A 7 -6.19 -18.42 -3.80
N ALA A 8 -5.24 -19.10 -3.17
CA ALA A 8 -3.82 -18.76 -3.32
C ALA A 8 -3.30 -19.18 -4.69
N LEU A 9 -3.82 -18.54 -5.73
CA LEU A 9 -3.42 -18.84 -7.09
C LEU A 9 -2.45 -17.79 -7.62
N GLN A 10 -1.30 -18.25 -8.14
CA GLN A 10 -0.29 -17.34 -8.67
C GLN A 10 -0.92 -16.31 -9.61
N ASP A 11 -1.17 -15.12 -9.08
CA ASP A 11 -1.77 -14.05 -9.87
C ASP A 11 -1.47 -12.68 -9.25
N ARG A 12 -1.88 -11.62 -9.94
CA ARG A 12 -1.65 -10.26 -9.46
C ARG A 12 -2.88 -9.73 -8.73
N THR A 13 -2.74 -8.56 -8.13
CA THR A 13 -3.84 -7.94 -7.39
C THR A 13 -4.38 -6.72 -8.13
N GLN A 14 -5.42 -6.94 -8.94
CA GLN A 14 -6.03 -5.86 -9.70
C GLN A 14 -7.04 -5.09 -8.85
N PHE A 15 -6.75 -3.83 -8.58
CA PHE A 15 -7.64 -2.99 -7.79
C PHE A 15 -8.56 -2.17 -8.68
N SER A 16 -9.65 -1.68 -8.09
CA SER A 16 -10.62 -0.88 -8.83
C SER A 16 -10.63 0.56 -8.33
N ASP A 17 -10.92 1.49 -9.23
CA ASP A 17 -10.97 2.90 -8.89
C ASP A 17 -11.53 3.11 -7.50
N ARG A 18 -12.60 2.38 -7.17
CA ARG A 18 -13.23 2.48 -5.86
C ARG A 18 -12.26 2.08 -4.76
N ASP A 19 -11.78 0.84 -4.81
CA ASP A 19 -10.84 0.33 -3.81
C ASP A 19 -9.63 1.25 -3.70
N LEU A 20 -9.07 1.63 -4.84
CA LEU A 20 -7.89 2.50 -4.86
C LEU A 20 -8.20 3.82 -4.17
N ALA A 21 -9.29 4.47 -4.57
CA ALA A 21 -9.69 5.74 -3.98
C ALA A 21 -9.37 5.78 -2.49
N THR A 22 -9.72 4.71 -1.79
CA THR A 22 -9.49 4.62 -0.36
C THR A 22 -8.00 4.68 -0.04
N LEU A 23 -7.22 3.85 -0.75
CA LEU A 23 -5.78 3.80 -0.54
C LEU A 23 -5.15 5.16 -0.80
N LYS A 24 -5.30 5.65 -2.04
CA LYS A 24 -4.74 6.94 -2.43
C LYS A 24 -5.03 7.99 -1.37
N LYS A 25 -6.23 7.93 -0.78
CA LYS A 25 -6.62 8.87 0.25
C LYS A 25 -5.58 8.94 1.36
N TYR A 26 -5.25 7.79 1.94
CA TYR A 26 -4.26 7.73 3.01
C TYR A 26 -2.88 8.16 2.50
N TRP A 27 -2.58 7.79 1.27
CA TRP A 27 -1.29 8.13 0.66
C TRP A 27 -1.08 9.64 0.66
N ASP A 28 -2.18 10.39 0.67
CA ASP A 28 -2.11 11.84 0.67
C ASP A 28 -1.82 12.38 2.07
N ASN A 29 -1.77 11.48 3.04
CA ASN A 29 -1.51 11.86 4.43
C ASN A 29 -0.14 11.35 4.88
N GLY A 30 0.70 10.97 3.91
CA GLY A 30 2.02 10.48 4.23
C GLY A 30 2.05 8.97 4.38
N MET A 31 1.04 8.30 3.85
CA MET A 31 0.96 6.85 3.94
C MET A 31 1.82 6.20 2.86
N THR A 32 3.03 6.73 2.67
CA THR A 32 3.95 6.20 1.68
C THR A 32 4.81 5.08 2.26
N SER A 33 5.25 5.27 3.51
CA SER A 33 6.08 4.28 4.18
C SER A 33 5.22 3.36 5.06
N LEU A 34 5.85 2.33 5.61
CA LEU A 34 5.15 1.38 6.47
C LEU A 34 5.60 1.53 7.92
N GLY A 35 6.85 1.14 8.19
CA GLY A 35 7.38 1.24 9.53
C GLY A 35 6.33 0.96 10.59
N SER A 36 6.07 1.97 11.43
CA SER A 36 5.08 1.82 12.50
C SER A 36 4.07 2.96 12.46
N VAL A 37 4.56 4.18 12.36
CA VAL A 37 3.71 5.36 12.32
C VAL A 37 2.60 5.19 11.28
N CYS A 38 2.95 4.60 10.14
CA CYS A 38 1.98 4.38 9.07
C CYS A 38 1.14 3.14 9.36
N ARG A 39 1.76 2.11 9.91
CA ARG A 39 1.06 0.87 10.23
C ARG A 39 -0.32 1.16 10.79
N GLU A 40 -0.41 2.16 11.67
CA GLU A 40 -1.68 2.54 12.28
C GLU A 40 -2.74 2.80 11.21
N LYS A 41 -2.39 3.65 10.25
CA LYS A 41 -3.31 4.00 9.18
C LYS A 41 -3.72 2.76 8.39
N ILE A 42 -2.74 1.93 8.04
CA ILE A 42 -3.00 0.71 7.29
C ILE A 42 -4.08 -0.13 7.96
N GLU A 43 -4.06 -0.15 9.29
CA GLU A 43 -5.04 -0.91 10.07
C GLU A 43 -6.45 -0.46 9.74
N ALA A 44 -6.58 0.79 9.32
CA ALA A 44 -7.89 1.35 8.98
C ALA A 44 -8.27 1.01 7.54
N VAL A 45 -7.45 1.44 6.60
CA VAL A 45 -7.69 1.18 5.18
C VAL A 45 -7.90 -0.31 4.92
N ALA A 46 -7.35 -1.14 5.81
CA ALA A 46 -7.48 -2.58 5.69
C ALA A 46 -8.83 -3.06 6.19
N THR A 47 -9.26 -2.54 7.33
CA THR A 47 -10.53 -2.92 7.91
C THR A 47 -11.70 -2.31 7.15
N GLU A 48 -11.42 -1.22 6.44
CA GLU A 48 -12.44 -0.53 5.65
C GLU A 48 -12.70 -1.27 4.34
N LEU A 49 -11.64 -1.74 3.70
CA LEU A 49 -11.75 -2.46 2.44
C LEU A 49 -11.93 -3.96 2.67
N ASN A 50 -11.74 -4.37 3.92
CA ASN A 50 -11.89 -5.78 4.28
C ASN A 50 -10.82 -6.63 3.58
N VAL A 51 -9.59 -6.15 3.60
CA VAL A 51 -8.48 -6.86 2.97
C VAL A 51 -7.34 -7.10 3.96
N ASP A 52 -6.69 -8.25 3.83
CA ASP A 52 -5.58 -8.60 4.70
C ASP A 52 -4.55 -7.47 4.76
N CYS A 53 -4.12 -7.12 5.96
CA CYS A 53 -3.14 -6.06 6.15
C CYS A 53 -2.09 -6.10 5.05
N GLU A 54 -1.58 -7.29 4.75
CA GLU A 54 -0.56 -7.47 3.73
C GLU A 54 -1.00 -6.82 2.42
N ILE A 55 -2.27 -7.01 2.07
CA ILE A 55 -2.80 -6.45 0.83
C ILE A 55 -2.48 -4.96 0.72
N VAL A 56 -2.52 -4.27 1.85
CA VAL A 56 -2.22 -2.83 1.88
C VAL A 56 -0.73 -2.59 2.04
N ARG A 57 -0.21 -2.90 3.22
CA ARG A 57 1.20 -2.71 3.52
C ARG A 57 2.06 -3.10 2.32
N THR A 58 1.63 -4.12 1.59
CA THR A 58 2.36 -4.59 0.41
C THR A 58 2.13 -3.66 -0.77
N TRP A 59 0.88 -3.28 -1.01
CA TRP A 59 0.55 -2.40 -2.11
C TRP A 59 1.39 -1.12 -2.07
N ILE A 60 1.60 -0.60 -0.86
CA ILE A 60 2.39 0.61 -0.68
C ILE A 60 3.80 0.44 -1.21
N GLY A 61 4.54 -0.49 -0.61
CA GLY A 61 5.90 -0.75 -1.04
C GLY A 61 5.99 -1.09 -2.51
N ASN A 62 5.12 -1.98 -2.97
CA ASN A 62 5.11 -2.37 -4.37
C ASN A 62 5.07 -1.16 -5.29
N ARG A 63 4.19 -0.22 -4.99
CA ARG A 63 4.06 0.99 -5.78
C ARG A 63 5.31 1.85 -5.69
N ARG A 64 5.64 2.28 -4.47
CA ARG A 64 6.82 3.11 -4.25
C ARG A 64 8.03 2.54 -4.97
N ARG A 65 8.23 1.24 -4.86
CA ARG A 65 9.35 0.57 -5.50
C ARG A 65 9.20 0.61 -7.01
N LYS A 66 8.09 0.09 -7.52
CA LYS A 66 7.82 0.07 -8.95
C LYS A 66 8.17 1.42 -9.58
N TYR A 67 7.90 2.50 -8.86
CA TYR A 67 8.18 3.83 -9.36
C TYR A 67 9.68 4.13 -9.31
N ARG A 68 10.27 3.96 -8.14
CA ARG A 68 11.70 4.22 -7.96
C ARG A 68 12.52 3.44 -8.99
N LEU A 69 12.24 2.14 -9.11
CA LEU A 69 12.96 1.29 -10.05
C LEU A 69 13.15 2.01 -11.40
N MET A 70 12.05 2.55 -11.92
CA MET A 70 12.10 3.27 -13.19
C MET A 70 12.86 4.58 -13.05
N GLY A 71 12.88 5.12 -11.84
CA GLY A 71 13.58 6.37 -11.60
C GLY A 71 12.63 7.53 -11.39
N ILE A 72 11.54 7.27 -10.68
CA ILE A 72 10.54 8.30 -10.40
C ILE A 72 10.72 8.89 -9.01
N GLU A 73 10.33 10.16 -8.85
CA GLU A 73 10.46 10.82 -7.57
C GLU A 73 9.22 10.61 -6.71
N VAL A 74 9.42 10.20 -5.47
CA VAL A 74 8.31 9.96 -4.55
C VAL A 74 8.77 9.99 -3.10
N SER A 75 8.19 10.88 -2.31
CA SER A 75 8.54 11.02 -0.91
C SER A 75 7.53 11.89 -0.17
N GLY A 76 7.40 11.67 1.13
CA GLY A 76 6.47 12.43 1.93
C GLY A 76 6.71 12.28 3.43
N PRO A 77 7.82 12.88 3.90
CA PRO A 77 8.19 12.83 5.32
C PRO A 77 7.24 13.64 6.20
N SER A 78 6.19 12.98 6.68
CA SER A 78 5.20 13.64 7.53
C SER A 78 5.90 14.49 8.60
N SER A 79 6.89 13.92 9.26
CA SER A 79 7.63 14.62 10.30
C SER A 79 7.85 16.08 9.91
N GLY A 80 8.32 16.30 8.68
CA GLY A 80 8.56 17.65 8.22
C GLY A 80 7.53 18.11 7.19
N GLY A 1 9.89 -14.58 10.80
CA GLY A 1 9.87 -15.16 9.47
C GLY A 1 10.70 -16.43 9.37
N SER A 2 10.40 -17.25 8.36
CA SER A 2 11.11 -18.50 8.17
C SER A 2 12.09 -18.38 7.01
N SER A 3 13.37 -18.28 7.33
CA SER A 3 14.42 -18.17 6.32
C SER A 3 14.60 -19.48 5.58
N GLY A 4 14.23 -19.49 4.30
CA GLY A 4 14.36 -20.69 3.49
C GLY A 4 13.02 -21.19 2.99
N SER A 5 12.21 -20.29 2.45
CA SER A 5 10.90 -20.65 1.93
C SER A 5 10.69 -20.08 0.53
N SER A 6 10.42 -20.96 -0.43
CA SER A 6 10.20 -20.56 -1.82
C SER A 6 9.35 -19.29 -1.88
N GLY A 7 9.37 -18.64 -3.03
CA GLY A 7 8.60 -17.42 -3.21
C GLY A 7 7.52 -17.56 -4.26
N ALA A 8 7.84 -17.16 -5.49
CA ALA A 8 6.90 -17.24 -6.60
C ALA A 8 5.69 -16.34 -6.37
N LEU A 9 5.94 -15.14 -5.86
CA LEU A 9 4.88 -14.19 -5.58
C LEU A 9 4.18 -13.77 -6.87
N GLN A 10 2.91 -13.40 -6.75
CA GLN A 10 2.13 -12.98 -7.91
C GLN A 10 0.85 -12.26 -7.47
N ASP A 11 0.51 -11.19 -8.17
CA ASP A 11 -0.69 -10.43 -7.86
C ASP A 11 -1.91 -11.01 -8.55
N ARG A 12 -2.82 -11.59 -7.78
CA ARG A 12 -4.03 -12.19 -8.31
C ARG A 12 -5.14 -11.16 -8.43
N THR A 13 -5.45 -10.50 -7.32
CA THR A 13 -6.51 -9.50 -7.30
C THR A 13 -5.91 -8.09 -7.38
N GLN A 14 -6.58 -7.21 -8.14
CA GLN A 14 -6.12 -5.84 -8.29
C GLN A 14 -7.16 -4.86 -7.77
N PHE A 15 -6.70 -3.67 -7.37
CA PHE A 15 -7.59 -2.64 -6.86
C PHE A 15 -8.01 -1.68 -7.95
N SER A 16 -9.31 -1.63 -8.24
CA SER A 16 -9.83 -0.75 -9.28
C SER A 16 -9.78 0.71 -8.83
N ASP A 17 -10.12 1.61 -9.74
CA ASP A 17 -10.12 3.04 -9.44
C ASP A 17 -10.85 3.32 -8.13
N ARG A 18 -11.98 2.66 -7.92
CA ARG A 18 -12.76 2.84 -6.71
C ARG A 18 -11.98 2.36 -5.48
N ASP A 19 -11.57 1.10 -5.50
CA ASP A 19 -10.82 0.51 -4.40
C ASP A 19 -9.61 1.36 -4.07
N LEU A 20 -8.75 1.58 -5.06
CA LEU A 20 -7.54 2.38 -4.86
C LEU A 20 -7.86 3.69 -4.16
N ALA A 21 -8.86 4.40 -4.68
CA ALA A 21 -9.27 5.68 -4.10
C ALA A 21 -9.12 5.66 -2.59
N THR A 22 -9.58 4.60 -1.95
CA THR A 22 -9.49 4.46 -0.50
C THR A 22 -8.05 4.52 -0.03
N LEU A 23 -7.21 3.66 -0.59
CA LEU A 23 -5.80 3.60 -0.23
C LEU A 23 -5.13 4.95 -0.50
N LYS A 24 -5.38 5.51 -1.68
CA LYS A 24 -4.80 6.79 -2.06
C LYS A 24 -5.12 7.86 -1.03
N LYS A 25 -6.39 7.98 -0.68
CA LYS A 25 -6.83 8.97 0.30
C LYS A 25 -5.84 9.06 1.46
N TYR A 26 -5.43 7.90 1.97
CA TYR A 26 -4.48 7.85 3.07
C TYR A 26 -3.09 8.26 2.62
N TRP A 27 -2.74 7.89 1.39
CA TRP A 27 -1.44 8.22 0.83
C TRP A 27 -1.17 9.72 0.91
N ASP A 28 -2.24 10.51 0.91
CA ASP A 28 -2.12 11.96 0.99
C ASP A 28 -1.46 12.39 2.30
N ASN A 29 -1.48 11.49 3.27
CA ASN A 29 -0.90 11.78 4.58
C ASN A 29 0.46 11.09 4.74
N GLY A 30 1.12 10.85 3.60
CA GLY A 30 2.41 10.20 3.63
C GLY A 30 2.32 8.72 3.98
N MET A 31 1.24 8.08 3.54
CA MET A 31 1.03 6.66 3.82
C MET A 31 1.93 5.81 2.93
N THR A 32 2.80 6.45 2.17
CA THR A 32 3.71 5.75 1.27
C THR A 32 4.93 5.24 2.02
N SER A 33 4.71 4.74 3.24
CA SER A 33 5.79 4.23 4.06
C SER A 33 5.34 3.00 4.85
N LEU A 34 6.27 2.08 5.08
CA LEU A 34 5.97 0.87 5.83
C LEU A 34 6.14 1.08 7.33
N GLY A 35 7.09 1.93 7.69
CA GLY A 35 7.33 2.23 9.10
C GLY A 35 6.06 2.20 9.92
N SER A 36 6.16 1.70 11.15
CA SER A 36 5.00 1.62 12.03
C SER A 36 4.10 2.85 11.88
N VAL A 37 4.72 4.02 11.82
CA VAL A 37 3.99 5.27 11.67
C VAL A 37 2.75 5.07 10.80
N CYS A 38 2.91 4.33 9.70
CA CYS A 38 1.79 4.07 8.80
C CYS A 38 0.97 2.88 9.27
N ARG A 39 1.65 1.87 9.83
CA ARG A 39 0.98 0.68 10.32
C ARG A 39 -0.36 1.03 10.96
N GLU A 40 -0.35 2.08 11.79
CA GLU A 40 -1.56 2.52 12.47
C GLU A 40 -2.67 2.82 11.46
N LYS A 41 -2.36 3.67 10.49
CA LYS A 41 -3.33 4.04 9.46
C LYS A 41 -3.76 2.82 8.65
N ILE A 42 -2.79 2.00 8.25
CA ILE A 42 -3.07 0.81 7.47
C ILE A 42 -4.17 -0.02 8.12
N GLU A 43 -4.12 -0.12 9.45
CA GLU A 43 -5.12 -0.89 10.20
C GLU A 43 -6.53 -0.44 9.84
N ALA A 44 -6.66 0.82 9.44
CA ALA A 44 -7.95 1.38 9.06
C ALA A 44 -8.31 1.03 7.63
N VAL A 45 -7.52 1.52 6.69
CA VAL A 45 -7.75 1.24 5.27
C VAL A 45 -7.97 -0.24 5.02
N ALA A 46 -7.38 -1.07 5.88
CA ALA A 46 -7.51 -2.52 5.75
C ALA A 46 -8.87 -2.99 6.24
N THR A 47 -9.29 -2.49 7.40
CA THR A 47 -10.57 -2.86 7.97
C THR A 47 -11.73 -2.24 7.20
N GLU A 48 -11.44 -1.17 6.48
CA GLU A 48 -12.46 -0.47 5.69
C GLU A 48 -12.73 -1.22 4.39
N LEU A 49 -11.66 -1.71 3.75
CA LEU A 49 -11.78 -2.44 2.50
C LEU A 49 -11.95 -3.94 2.76
N ASN A 50 -11.83 -4.33 4.01
CA ASN A 50 -11.99 -5.74 4.38
C ASN A 50 -10.92 -6.60 3.70
N VAL A 51 -9.68 -6.14 3.74
CA VAL A 51 -8.58 -6.87 3.13
C VAL A 51 -7.45 -7.11 4.13
N ASP A 52 -6.76 -8.23 3.97
CA ASP A 52 -5.66 -8.59 4.87
C ASP A 52 -4.68 -7.43 5.00
N CYS A 53 -4.45 -7.00 6.24
CA CYS A 53 -3.53 -5.90 6.50
C CYS A 53 -2.27 -6.02 5.65
N GLU A 54 -1.81 -7.26 5.44
CA GLU A 54 -0.62 -7.52 4.64
C GLU A 54 -0.81 -7.02 3.21
N ILE A 55 -1.98 -7.32 2.64
CA ILE A 55 -2.28 -6.91 1.28
C ILE A 55 -2.05 -5.41 1.09
N VAL A 56 -2.45 -4.63 2.07
CA VAL A 56 -2.29 -3.18 2.01
C VAL A 56 -0.82 -2.79 2.17
N ARG A 57 -0.23 -3.18 3.29
CA ARG A 57 1.17 -2.87 3.57
C ARG A 57 2.05 -3.19 2.36
N THR A 58 1.71 -4.28 1.66
CA THR A 58 2.47 -4.70 0.50
C THR A 58 2.21 -3.77 -0.69
N TRP A 59 0.98 -3.30 -0.81
CA TRP A 59 0.61 -2.40 -1.89
C TRP A 59 1.45 -1.13 -1.86
N ILE A 60 1.69 -0.62 -0.65
CA ILE A 60 2.49 0.59 -0.49
C ILE A 60 3.89 0.42 -1.06
N GLY A 61 4.66 -0.49 -0.46
CA GLY A 61 6.01 -0.74 -0.92
C GLY A 61 6.08 -0.97 -2.42
N ASN A 62 5.20 -1.83 -2.92
CA ASN A 62 5.15 -2.15 -4.35
C ASN A 62 4.93 -0.89 -5.18
N ARG A 63 3.85 -0.17 -4.89
CA ARG A 63 3.53 1.05 -5.60
C ARG A 63 4.76 1.95 -5.72
N ARG A 64 5.37 2.26 -4.57
CA ARG A 64 6.55 3.11 -4.54
C ARG A 64 7.48 2.80 -5.70
N ARG A 65 7.73 1.51 -5.92
CA ARG A 65 8.61 1.07 -7.00
C ARG A 65 8.12 1.60 -8.34
N LYS A 66 6.84 1.41 -8.61
CA LYS A 66 6.24 1.86 -9.87
C LYS A 66 6.73 3.27 -10.22
N TYR A 67 6.46 4.21 -9.34
CA TYR A 67 6.87 5.59 -9.55
C TYR A 67 8.40 5.73 -9.51
N ARG A 68 8.98 5.43 -8.36
CA ARG A 68 10.43 5.51 -8.19
C ARG A 68 11.15 5.12 -9.48
N LEU A 69 10.74 3.99 -10.06
CA LEU A 69 11.35 3.51 -11.29
C LEU A 69 11.60 4.66 -12.26
N MET A 70 10.57 5.46 -12.50
CA MET A 70 10.68 6.59 -13.41
C MET A 70 11.54 7.70 -12.79
N GLY A 71 11.60 7.73 -11.46
CA GLY A 71 12.37 8.74 -10.78
C GLY A 71 11.52 9.82 -10.15
N ILE A 72 10.46 9.41 -9.46
CA ILE A 72 9.56 10.36 -8.82
C ILE A 72 9.95 10.58 -7.36
N GLU A 73 9.88 11.84 -6.93
CA GLU A 73 10.23 12.20 -5.56
C GLU A 73 8.97 12.29 -4.69
N VAL A 74 8.48 11.13 -4.27
CA VAL A 74 7.28 11.07 -3.43
C VAL A 74 7.61 11.40 -1.98
N SER A 75 8.89 11.30 -1.62
CA SER A 75 9.34 11.59 -0.27
C SER A 75 10.31 12.77 -0.26
N GLY A 76 9.76 13.98 -0.30
CA GLY A 76 10.59 15.17 -0.30
C GLY A 76 9.83 16.41 0.11
N PRO A 77 9.68 16.62 1.43
CA PRO A 77 8.96 17.77 1.98
C PRO A 77 9.72 19.08 1.74
N SER A 78 9.09 20.00 1.01
CA SER A 78 9.69 21.29 0.71
C SER A 78 8.75 22.43 1.09
N SER A 79 9.26 23.38 1.86
CA SER A 79 8.47 24.52 2.30
C SER A 79 9.34 25.76 2.44
N GLY A 80 8.70 26.94 2.43
CA GLY A 80 9.44 28.18 2.56
C GLY A 80 9.57 28.63 4.00
N GLY A 1 11.29 -5.02 7.96
CA GLY A 1 11.11 -6.46 7.90
C GLY A 1 9.69 -6.85 7.57
N SER A 2 9.42 -7.08 6.28
CA SER A 2 8.08 -7.45 5.83
C SER A 2 7.54 -8.63 6.65
N SER A 3 6.22 -8.78 6.65
CA SER A 3 5.59 -9.86 7.39
C SER A 3 4.72 -10.72 6.47
N GLY A 4 4.63 -12.00 6.79
CA GLY A 4 3.84 -12.91 5.97
C GLY A 4 4.15 -14.37 6.25
N SER A 5 3.46 -15.27 5.57
CA SER A 5 3.66 -16.70 5.76
C SER A 5 3.81 -17.41 4.41
N SER A 6 4.33 -18.63 4.45
CA SER A 6 4.54 -19.41 3.24
C SER A 6 3.28 -19.39 2.36
N GLY A 7 3.46 -19.05 1.09
CA GLY A 7 2.34 -19.00 0.16
C GLY A 7 1.85 -17.59 -0.06
N ALA A 8 2.53 -16.85 -0.95
CA ALA A 8 2.15 -15.49 -1.26
C ALA A 8 0.91 -15.44 -2.15
N LEU A 9 0.07 -14.44 -1.93
CA LEU A 9 -1.16 -14.28 -2.71
C LEU A 9 -0.83 -14.16 -4.20
N GLN A 10 -0.30 -13.01 -4.59
CA GLN A 10 0.06 -12.76 -5.98
C GLN A 10 0.76 -11.41 -6.13
N ASP A 11 2.06 -11.45 -6.36
CA ASP A 11 2.84 -10.23 -6.53
C ASP A 11 2.05 -9.17 -7.28
N ARG A 12 1.45 -9.58 -8.40
CA ARG A 12 0.66 -8.67 -9.21
C ARG A 12 -0.64 -8.29 -8.50
N THR A 13 -0.63 -7.14 -7.83
CA THR A 13 -1.80 -6.66 -7.11
C THR A 13 -2.64 -5.73 -7.97
N GLN A 14 -3.94 -6.00 -8.03
CA GLN A 14 -4.85 -5.18 -8.83
C GLN A 14 -5.96 -4.61 -7.96
N PHE A 15 -6.18 -3.30 -8.08
CA PHE A 15 -7.23 -2.63 -7.30
C PHE A 15 -8.14 -1.80 -8.21
N SER A 16 -9.42 -1.77 -7.87
CA SER A 16 -10.40 -1.03 -8.66
C SER A 16 -10.40 0.45 -8.26
N ASP A 17 -10.68 1.31 -9.23
CA ASP A 17 -10.72 2.74 -8.98
C ASP A 17 -11.41 3.05 -7.65
N ARG A 18 -12.61 2.48 -7.46
CA ARG A 18 -13.37 2.69 -6.24
C ARG A 18 -12.52 2.38 -5.02
N ASP A 19 -11.99 1.16 -4.97
CA ASP A 19 -11.16 0.73 -3.84
C ASP A 19 -9.96 1.66 -3.68
N LEU A 20 -9.14 1.76 -4.73
CA LEU A 20 -7.96 2.61 -4.70
C LEU A 20 -8.24 3.92 -3.98
N ALA A 21 -9.31 4.60 -4.39
CA ALA A 21 -9.69 5.87 -3.78
C ALA A 21 -9.37 5.88 -2.29
N THR A 22 -9.83 4.86 -1.58
CA THR A 22 -9.60 4.75 -0.15
C THR A 22 -8.10 4.74 0.16
N LEU A 23 -7.39 3.79 -0.42
CA LEU A 23 -5.95 3.68 -0.21
C LEU A 23 -5.24 4.99 -0.55
N LYS A 24 -5.38 5.41 -1.81
CA LYS A 24 -4.76 6.64 -2.28
C LYS A 24 -4.96 7.77 -1.27
N LYS A 25 -6.17 7.89 -0.75
CA LYS A 25 -6.50 8.92 0.23
C LYS A 25 -5.44 8.98 1.33
N TYR A 26 -5.06 7.80 1.83
CA TYR A 26 -4.06 7.72 2.89
C TYR A 26 -2.67 8.11 2.36
N TRP A 27 -2.39 7.71 1.13
CA TRP A 27 -1.11 8.01 0.51
C TRP A 27 -0.87 9.52 0.45
N ASP A 28 -1.95 10.28 0.56
CA ASP A 28 -1.86 11.73 0.52
C ASP A 28 -1.50 12.30 1.89
N ASN A 29 -1.42 11.42 2.88
CA ASN A 29 -1.08 11.82 4.24
C ASN A 29 0.28 11.28 4.65
N GLY A 30 1.06 10.84 3.66
CA GLY A 30 2.38 10.30 3.94
C GLY A 30 2.35 8.80 4.15
N MET A 31 1.34 8.13 3.61
CA MET A 31 1.20 6.70 3.75
C MET A 31 2.05 5.96 2.70
N THR A 32 3.23 6.50 2.43
CA THR A 32 4.13 5.91 1.45
C THR A 32 4.96 4.79 2.08
N SER A 33 5.33 4.98 3.34
CA SER A 33 6.13 3.98 4.06
C SER A 33 5.25 3.14 4.97
N LEU A 34 5.85 2.12 5.58
CA LEU A 34 5.12 1.24 6.48
C LEU A 34 5.48 1.52 7.94
N GLY A 35 6.70 1.16 8.33
CA GLY A 35 7.14 1.39 9.69
C GLY A 35 6.02 1.24 10.70
N SER A 36 5.92 2.20 11.62
CA SER A 36 4.89 2.16 12.65
C SER A 36 3.98 3.38 12.54
N VAL A 37 4.58 4.54 12.30
CA VAL A 37 3.83 5.78 12.18
C VAL A 37 2.72 5.65 11.13
N CYS A 38 2.96 4.81 10.13
CA CYS A 38 2.00 4.59 9.06
C CYS A 38 1.20 3.32 9.29
N ARG A 39 1.84 2.32 9.90
CA ARG A 39 1.19 1.05 10.18
C ARG A 39 -0.24 1.27 10.67
N GLU A 40 -0.41 2.24 11.57
CA GLU A 40 -1.73 2.54 12.11
C GLU A 40 -2.73 2.78 11.00
N LYS A 41 -2.42 3.72 10.11
CA LYS A 41 -3.30 4.03 8.99
C LYS A 41 -3.72 2.77 8.24
N ILE A 42 -2.74 1.93 7.92
CA ILE A 42 -3.01 0.70 7.20
C ILE A 42 -4.07 -0.14 7.92
N GLU A 43 -3.96 -0.21 9.25
CA GLU A 43 -4.90 -0.97 10.05
C GLU A 43 -6.34 -0.52 9.77
N ALA A 44 -6.48 0.69 9.24
CA ALA A 44 -7.79 1.24 8.93
C ALA A 44 -8.22 0.86 7.51
N VAL A 45 -7.47 1.35 6.53
CA VAL A 45 -7.77 1.07 5.13
C VAL A 45 -8.02 -0.41 4.91
N ALA A 46 -7.42 -1.25 5.75
CA ALA A 46 -7.58 -2.69 5.65
C ALA A 46 -8.94 -3.13 6.18
N THR A 47 -9.30 -2.62 7.36
CA THR A 47 -10.58 -2.96 7.97
C THR A 47 -11.74 -2.31 7.24
N GLU A 48 -11.44 -1.24 6.50
CA GLU A 48 -12.47 -0.53 5.74
C GLU A 48 -12.76 -1.24 4.42
N LEU A 49 -11.71 -1.76 3.80
CA LEU A 49 -11.85 -2.47 2.53
C LEU A 49 -12.03 -3.96 2.75
N ASN A 50 -11.95 -4.39 4.01
CA ASN A 50 -12.11 -5.79 4.36
C ASN A 50 -11.10 -6.66 3.60
N VAL A 51 -9.84 -6.23 3.58
CA VAL A 51 -8.80 -6.96 2.89
C VAL A 51 -7.61 -7.23 3.82
N ASP A 52 -7.01 -8.39 3.66
CA ASP A 52 -5.85 -8.76 4.49
C ASP A 52 -4.84 -7.62 4.56
N CYS A 53 -4.55 -7.18 5.77
CA CYS A 53 -3.59 -6.10 5.98
C CYS A 53 -2.41 -6.24 5.04
N GLU A 54 -1.93 -7.47 4.87
CA GLU A 54 -0.79 -7.74 4.00
C GLU A 54 -1.01 -7.15 2.61
N ILE A 55 -2.20 -7.38 2.07
CA ILE A 55 -2.54 -6.88 0.75
C ILE A 55 -2.24 -5.40 0.63
N VAL A 56 -2.59 -4.63 1.65
CA VAL A 56 -2.35 -3.20 1.67
C VAL A 56 -0.88 -2.88 1.90
N ARG A 57 -0.38 -3.25 3.09
CA ARG A 57 1.01 -3.01 3.44
C ARG A 57 1.93 -3.36 2.28
N THR A 58 1.60 -4.44 1.57
CA THR A 58 2.40 -4.88 0.43
C THR A 58 2.23 -3.94 -0.76
N TRP A 59 1.00 -3.47 -0.95
CA TRP A 59 0.70 -2.57 -2.06
C TRP A 59 1.53 -1.29 -1.97
N ILE A 60 1.71 -0.80 -0.75
CA ILE A 60 2.50 0.41 -0.53
C ILE A 60 3.94 0.23 -1.00
N GLY A 61 4.66 -0.68 -0.33
CA GLY A 61 6.03 -0.93 -0.69
C GLY A 61 6.23 -1.12 -2.18
N ASN A 62 5.31 -1.85 -2.80
CA ASN A 62 5.37 -2.11 -4.24
C ASN A 62 5.26 -0.81 -5.03
N ARG A 63 4.29 0.02 -4.66
CA ARG A 63 4.06 1.29 -5.34
C ARG A 63 5.34 2.13 -5.34
N ARG A 64 5.84 2.44 -4.16
CA ARG A 64 7.05 3.24 -4.02
C ARG A 64 8.09 2.83 -5.07
N ARG A 65 8.09 1.56 -5.43
CA ARG A 65 9.03 1.04 -6.42
C ARG A 65 8.64 1.51 -7.82
N LYS A 66 7.39 1.27 -8.20
CA LYS A 66 6.90 1.67 -9.51
C LYS A 66 6.94 3.18 -9.68
N TYR A 67 6.79 3.91 -8.57
CA TYR A 67 6.81 5.36 -8.60
C TYR A 67 8.23 5.88 -8.83
N ARG A 68 9.16 5.45 -7.98
CA ARG A 68 10.55 5.87 -8.10
C ARG A 68 11.09 5.57 -9.49
N LEU A 69 10.75 4.40 -10.03
CA LEU A 69 11.20 3.99 -11.35
C LEU A 69 10.84 5.05 -12.40
N MET A 70 9.62 5.57 -12.31
CA MET A 70 9.16 6.59 -13.23
C MET A 70 9.87 7.92 -12.99
N GLY A 71 10.33 8.12 -11.76
CA GLY A 71 11.03 9.35 -11.43
C GLY A 71 10.21 10.24 -10.52
N ILE A 72 9.80 9.71 -9.38
CA ILE A 72 9.01 10.46 -8.42
C ILE A 72 9.83 10.82 -7.18
N GLU A 73 9.79 12.09 -6.79
CA GLU A 73 10.53 12.55 -5.62
C GLU A 73 9.77 12.24 -4.33
N VAL A 74 9.33 11.00 -4.20
CA VAL A 74 8.58 10.58 -3.02
C VAL A 74 9.51 10.28 -1.86
N SER A 75 9.15 10.78 -0.67
CA SER A 75 9.97 10.56 0.52
C SER A 75 9.28 9.59 1.48
N GLY A 76 9.96 9.26 2.57
CA GLY A 76 9.40 8.34 3.55
C GLY A 76 10.47 7.66 4.38
N PRO A 77 11.35 6.92 3.70
CA PRO A 77 12.45 6.19 4.36
C PRO A 77 13.51 7.13 4.93
N SER A 78 13.43 8.40 4.56
CA SER A 78 14.38 9.39 5.02
C SER A 78 14.10 9.79 6.46
N SER A 79 14.90 9.28 7.38
CA SER A 79 14.73 9.58 8.80
C SER A 79 15.80 10.57 9.28
N GLY A 80 17.05 10.31 8.93
CA GLY A 80 18.13 11.18 9.32
C GLY A 80 19.04 10.54 10.35
N GLY A 1 -10.20 -15.93 7.59
CA GLY A 1 -9.44 -17.18 7.54
C GLY A 1 -9.18 -17.65 6.13
N SER A 2 -7.93 -17.98 5.84
CA SER A 2 -7.55 -18.44 4.51
C SER A 2 -6.18 -19.10 4.54
N SER A 3 -6.08 -20.29 3.93
CA SER A 3 -4.82 -21.02 3.89
C SER A 3 -3.92 -20.50 2.78
N GLY A 4 -2.63 -20.85 2.84
CA GLY A 4 -1.69 -20.41 1.83
C GLY A 4 -1.12 -21.57 1.04
N SER A 5 -1.31 -21.53 -0.28
CA SER A 5 -0.82 -22.58 -1.15
C SER A 5 -0.14 -21.99 -2.39
N SER A 6 0.86 -22.69 -2.92
CA SER A 6 1.57 -22.24 -4.10
C SER A 6 0.61 -21.71 -5.16
N GLY A 7 1.12 -20.84 -6.03
CA GLY A 7 0.28 -20.27 -7.07
C GLY A 7 0.53 -20.91 -8.42
N ALA A 8 -0.45 -21.67 -8.91
CA ALA A 8 -0.34 -22.33 -10.20
C ALA A 8 0.21 -21.39 -11.26
N LEU A 9 -0.48 -20.28 -11.47
CA LEU A 9 -0.07 -19.30 -12.47
C LEU A 9 0.20 -17.95 -11.81
N GLN A 10 1.13 -17.19 -12.38
CA GLN A 10 1.48 -15.87 -11.86
C GLN A 10 0.54 -14.80 -12.41
N ASP A 11 -0.47 -14.45 -11.63
CA ASP A 11 -1.43 -13.43 -12.04
C ASP A 11 -1.49 -12.29 -11.02
N ARG A 12 -0.89 -11.17 -11.37
CA ARG A 12 -0.87 -10.01 -10.48
C ARG A 12 -2.29 -9.52 -10.21
N THR A 13 -2.48 -8.93 -9.03
CA THR A 13 -3.79 -8.41 -8.64
C THR A 13 -3.92 -6.93 -8.98
N GLN A 14 -4.95 -6.59 -9.74
CA GLN A 14 -5.20 -5.21 -10.13
C GLN A 14 -6.35 -4.61 -9.33
N PHE A 15 -6.08 -3.48 -8.69
CA PHE A 15 -7.10 -2.80 -7.89
C PHE A 15 -8.00 -1.93 -8.76
N SER A 16 -9.24 -1.76 -8.35
CA SER A 16 -10.20 -0.95 -9.09
C SER A 16 -10.16 0.51 -8.63
N ASP A 17 -10.69 1.40 -9.45
CA ASP A 17 -10.71 2.82 -9.13
C ASP A 17 -11.30 3.04 -7.74
N ARG A 18 -12.39 2.35 -7.44
CA ARG A 18 -13.04 2.48 -6.15
C ARG A 18 -12.12 2.05 -5.02
N ASP A 19 -11.57 0.84 -5.13
CA ASP A 19 -10.66 0.31 -4.13
C ASP A 19 -9.47 1.24 -3.93
N LEU A 20 -8.86 1.67 -5.03
CA LEU A 20 -7.71 2.57 -4.97
C LEU A 20 -8.06 3.85 -4.22
N ALA A 21 -9.16 4.49 -4.60
CA ALA A 21 -9.59 5.71 -3.96
C ALA A 21 -9.26 5.71 -2.48
N THR A 22 -9.62 4.63 -1.80
CA THR A 22 -9.35 4.50 -0.37
C THR A 22 -7.86 4.58 -0.07
N LEU A 23 -7.09 3.70 -0.71
CA LEU A 23 -5.64 3.68 -0.53
C LEU A 23 -5.04 5.06 -0.76
N LYS A 24 -5.19 5.56 -1.98
CA LYS A 24 -4.66 6.87 -2.34
C LYS A 24 -4.95 7.90 -1.26
N LYS A 25 -6.17 7.85 -0.72
CA LYS A 25 -6.57 8.77 0.33
C LYS A 25 -5.51 8.85 1.43
N TYR A 26 -5.17 7.69 1.98
CA TYR A 26 -4.17 7.62 3.05
C TYR A 26 -2.80 8.03 2.53
N TRP A 27 -2.50 7.65 1.29
CA TRP A 27 -1.22 7.99 0.68
C TRP A 27 -1.00 9.49 0.66
N ASP A 28 -2.09 10.25 0.66
CA ASP A 28 -2.02 11.71 0.65
C ASP A 28 -1.75 12.25 2.05
N ASN A 29 -1.71 11.35 3.03
CA ASN A 29 -1.47 11.74 4.41
C ASN A 29 -0.10 11.25 4.88
N GLY A 30 0.75 10.91 3.93
CA GLY A 30 2.08 10.43 4.27
C GLY A 30 2.14 8.92 4.41
N MET A 31 1.10 8.25 3.91
CA MET A 31 1.04 6.79 3.99
C MET A 31 1.89 6.15 2.90
N THR A 32 3.10 6.68 2.72
CA THR A 32 4.02 6.16 1.72
C THR A 32 4.88 5.02 2.28
N SER A 33 5.34 5.20 3.52
CA SER A 33 6.16 4.18 4.17
C SER A 33 5.31 3.29 5.09
N LEU A 34 5.93 2.26 5.63
CA LEU A 34 5.24 1.33 6.52
C LEU A 34 5.70 1.51 7.97
N GLY A 35 6.95 1.15 8.24
CA GLY A 35 7.49 1.28 9.57
C GLY A 35 6.46 1.01 10.65
N SER A 36 6.14 2.02 11.44
CA SER A 36 5.16 1.88 12.51
C SER A 36 4.12 2.98 12.45
N VAL A 37 4.59 4.23 12.36
CA VAL A 37 3.68 5.37 12.29
C VAL A 37 2.58 5.15 11.26
N CYS A 38 2.95 4.59 10.12
CA CYS A 38 1.99 4.31 9.06
C CYS A 38 1.16 3.07 9.38
N ARG A 39 1.81 2.06 9.94
CA ARG A 39 1.14 0.82 10.29
C ARG A 39 -0.26 1.09 10.83
N GLU A 40 -0.37 2.10 11.69
CA GLU A 40 -1.66 2.46 12.27
C GLU A 40 -2.69 2.75 11.18
N LYS A 41 -2.33 3.61 10.25
CA LYS A 41 -3.22 3.97 9.15
C LYS A 41 -3.67 2.72 8.38
N ILE A 42 -2.71 1.88 8.02
CA ILE A 42 -3.00 0.65 7.29
C ILE A 42 -4.09 -0.15 7.98
N GLU A 43 -4.02 -0.22 9.31
CA GLU A 43 -5.00 -0.97 10.09
C GLU A 43 -6.41 -0.48 9.79
N ALA A 44 -6.52 0.75 9.30
CA ALA A 44 -7.82 1.33 8.96
C ALA A 44 -8.23 0.97 7.54
N VAL A 45 -7.43 1.38 6.57
CA VAL A 45 -7.71 1.10 5.16
C VAL A 45 -7.96 -0.39 4.94
N ALA A 46 -7.41 -1.22 5.84
CA ALA A 46 -7.58 -2.66 5.74
C ALA A 46 -8.94 -3.09 6.26
N THR A 47 -9.35 -2.51 7.39
CA THR A 47 -10.64 -2.85 7.99
C THR A 47 -11.78 -2.21 7.21
N GLU A 48 -11.48 -1.16 6.48
CA GLU A 48 -12.49 -0.46 5.68
C GLU A 48 -12.75 -1.19 4.37
N LEU A 49 -11.69 -1.74 3.78
CA LEU A 49 -11.81 -2.47 2.53
C LEU A 49 -12.05 -3.95 2.77
N ASN A 50 -12.01 -4.35 4.04
CA ASN A 50 -12.23 -5.74 4.41
C ASN A 50 -11.17 -6.64 3.78
N VAL A 51 -9.92 -6.21 3.85
CA VAL A 51 -8.82 -6.98 3.29
C VAL A 51 -7.66 -7.09 4.28
N ASP A 52 -6.98 -8.23 4.25
CA ASP A 52 -5.85 -8.47 5.15
C ASP A 52 -4.83 -7.34 5.04
N CYS A 53 -4.38 -6.85 6.19
CA CYS A 53 -3.40 -5.76 6.23
C CYS A 53 -2.36 -5.94 5.13
N GLU A 54 -1.81 -7.14 5.03
CA GLU A 54 -0.80 -7.44 4.03
C GLU A 54 -1.18 -6.85 2.68
N ILE A 55 -2.44 -6.99 2.31
CA ILE A 55 -2.94 -6.48 1.04
C ILE A 55 -2.53 -5.02 0.85
N VAL A 56 -2.63 -4.23 1.93
CA VAL A 56 -2.28 -2.83 1.89
C VAL A 56 -0.78 -2.63 2.07
N ARG A 57 -0.29 -2.93 3.27
CA ARG A 57 1.14 -2.79 3.57
C ARG A 57 1.99 -3.22 2.38
N THR A 58 1.59 -4.31 1.73
CA THR A 58 2.32 -4.83 0.58
C THR A 58 2.14 -3.91 -0.64
N TRP A 59 0.93 -3.38 -0.79
CA TRP A 59 0.64 -2.50 -1.91
C TRP A 59 1.48 -1.23 -1.86
N ILE A 60 1.59 -0.66 -0.66
CA ILE A 60 2.38 0.55 -0.47
C ILE A 60 3.79 0.39 -1.03
N GLY A 61 4.52 -0.58 -0.51
CA GLY A 61 5.88 -0.83 -0.97
C GLY A 61 5.96 -0.99 -2.47
N ASN A 62 5.02 -1.73 -3.03
CA ASN A 62 4.98 -1.97 -4.47
C ASN A 62 4.86 -0.65 -5.23
N ARG A 63 3.94 0.19 -4.79
CA ARG A 63 3.73 1.49 -5.44
C ARG A 63 5.03 2.28 -5.51
N ARG A 64 5.69 2.43 -4.36
CA ARG A 64 6.95 3.17 -4.30
C ARG A 64 7.89 2.74 -5.42
N ARG A 65 8.07 1.44 -5.57
CA ARG A 65 8.94 0.89 -6.60
C ARG A 65 8.50 1.36 -7.98
N LYS A 66 7.24 1.07 -8.33
CA LYS A 66 6.70 1.46 -9.62
C LYS A 66 7.14 2.87 -10.00
N TYR A 67 6.83 3.82 -9.12
CA TYR A 67 7.18 5.22 -9.36
C TYR A 67 8.65 5.35 -9.78
N ARG A 68 9.55 5.11 -8.82
CA ARG A 68 10.97 5.20 -9.09
C ARG A 68 11.35 4.40 -10.32
N LEU A 69 10.60 3.32 -10.57
CA LEU A 69 10.86 2.47 -11.74
C LEU A 69 10.76 3.26 -13.03
N MET A 70 9.65 3.98 -13.19
CA MET A 70 9.43 4.78 -14.40
C MET A 70 10.29 6.04 -14.37
N GLY A 71 10.65 6.48 -13.17
CA GLY A 71 11.48 7.67 -13.02
C GLY A 71 10.70 8.84 -12.46
N ILE A 72 9.87 8.57 -11.46
CA ILE A 72 9.07 9.62 -10.83
C ILE A 72 9.66 10.03 -9.49
N GLU A 73 9.83 11.35 -9.31
CA GLU A 73 10.39 11.87 -8.06
C GLU A 73 9.35 11.85 -6.94
N VAL A 74 9.45 10.85 -6.07
CA VAL A 74 8.52 10.72 -4.96
C VAL A 74 9.22 10.93 -3.62
N SER A 75 10.11 11.91 -3.57
CA SER A 75 10.86 12.21 -2.35
C SER A 75 10.26 13.42 -1.63
N GLY A 76 10.50 13.50 -0.34
CA GLY A 76 9.98 14.61 0.45
C GLY A 76 11.03 15.21 1.36
N PRO A 77 10.57 15.90 2.42
CA PRO A 77 11.46 16.55 3.39
C PRO A 77 12.21 15.53 4.25
N SER A 78 13.35 15.07 3.75
CA SER A 78 14.16 14.10 4.47
C SER A 78 13.40 12.79 4.67
N SER A 79 12.69 12.37 3.61
CA SER A 79 11.92 11.14 3.66
C SER A 79 12.78 9.97 4.16
N GLY A 80 12.17 9.09 4.94
CA GLY A 80 12.89 7.95 5.47
C GLY A 80 13.11 8.05 6.97
N GLY A 1 10.10 -11.30 16.59
CA GLY A 1 11.07 -12.33 16.27
C GLY A 1 10.42 -13.62 15.81
N SER A 2 10.09 -13.69 14.53
CA SER A 2 9.46 -14.88 13.97
C SER A 2 10.13 -15.29 12.67
N SER A 3 9.98 -16.56 12.30
CA SER A 3 10.58 -17.08 11.08
C SER A 3 9.86 -16.55 9.84
N GLY A 4 10.60 -15.90 8.96
CA GLY A 4 10.01 -15.35 7.75
C GLY A 4 9.60 -16.43 6.77
N SER A 5 8.32 -16.76 6.75
CA SER A 5 7.80 -17.78 5.84
C SER A 5 6.54 -17.30 5.14
N SER A 6 6.23 -17.92 4.00
CA SER A 6 5.07 -17.55 3.22
C SER A 6 4.76 -18.61 2.17
N GLY A 7 3.48 -18.91 2.00
CA GLY A 7 3.07 -19.91 1.02
C GLY A 7 2.08 -19.36 0.00
N ALA A 8 2.55 -19.13 -1.22
CA ALA A 8 1.70 -18.61 -2.27
C ALA A 8 2.36 -18.74 -3.64
N LEU A 9 1.61 -19.25 -4.61
CA LEU A 9 2.13 -19.43 -5.97
C LEU A 9 1.31 -18.65 -6.97
N GLN A 10 1.75 -17.44 -7.30
CA GLN A 10 1.05 -16.60 -8.25
C GLN A 10 -0.32 -16.18 -7.71
N ASP A 11 -0.36 -15.83 -6.43
CA ASP A 11 -1.60 -15.40 -5.79
C ASP A 11 -1.72 -13.88 -5.79
N ARG A 12 -1.36 -13.27 -6.92
CA ARG A 12 -1.44 -11.82 -7.05
C ARG A 12 -2.87 -11.35 -7.28
N THR A 13 -3.17 -10.15 -6.82
CA THR A 13 -4.52 -9.59 -6.98
C THR A 13 -4.46 -8.16 -7.47
N GLN A 14 -5.60 -7.66 -7.96
CA GLN A 14 -5.68 -6.30 -8.47
C GLN A 14 -6.80 -5.53 -7.78
N PHE A 15 -6.60 -4.22 -7.63
CA PHE A 15 -7.59 -3.36 -6.98
C PHE A 15 -8.40 -2.59 -8.02
N SER A 16 -9.62 -2.22 -7.64
CA SER A 16 -10.50 -1.48 -8.54
C SER A 16 -10.39 0.03 -8.29
N ASP A 17 -10.64 0.81 -9.33
CA ASP A 17 -10.58 2.27 -9.23
C ASP A 17 -11.27 2.76 -7.98
N ARG A 18 -12.43 2.18 -7.68
CA ARG A 18 -13.20 2.56 -6.51
C ARG A 18 -12.45 2.19 -5.23
N ASP A 19 -11.76 1.06 -5.26
CA ASP A 19 -11.00 0.59 -4.10
C ASP A 19 -9.76 1.45 -3.88
N LEU A 20 -8.92 1.53 -4.91
CA LEU A 20 -7.69 2.32 -4.83
C LEU A 20 -7.95 3.68 -4.18
N ALA A 21 -9.01 4.35 -4.63
CA ALA A 21 -9.38 5.65 -4.10
C ALA A 21 -9.15 5.71 -2.59
N THR A 22 -9.70 4.73 -1.88
CA THR A 22 -9.55 4.67 -0.43
C THR A 22 -8.08 4.67 -0.01
N LEU A 23 -7.30 3.82 -0.67
CA LEU A 23 -5.87 3.74 -0.36
C LEU A 23 -5.17 5.07 -0.62
N LYS A 24 -5.44 5.66 -1.78
CA LYS A 24 -4.85 6.93 -2.15
C LYS A 24 -5.13 7.99 -1.10
N LYS A 25 -6.41 8.14 -0.74
CA LYS A 25 -6.82 9.12 0.25
C LYS A 25 -5.85 9.13 1.43
N TYR A 26 -5.52 7.95 1.94
CA TYR A 26 -4.61 7.83 3.07
C TYR A 26 -3.19 8.21 2.66
N TRP A 27 -2.81 7.84 1.44
CA TRP A 27 -1.47 8.15 0.93
C TRP A 27 -1.18 9.64 1.06
N ASP A 28 -2.22 10.46 0.97
CA ASP A 28 -2.06 11.91 1.08
C ASP A 28 -1.40 12.28 2.40
N ASN A 29 -1.48 11.39 3.38
CA ASN A 29 -0.89 11.63 4.69
C ASN A 29 0.44 10.90 4.83
N GLY A 30 1.11 10.67 3.70
CA GLY A 30 2.39 9.98 3.71
C GLY A 30 2.24 8.51 4.08
N MET A 31 1.13 7.90 3.68
CA MET A 31 0.88 6.49 3.97
C MET A 31 1.81 5.60 3.15
N THR A 32 2.65 6.22 2.34
CA THR A 32 3.58 5.47 1.49
C THR A 32 4.82 5.04 2.28
N SER A 33 4.61 4.63 3.53
CA SER A 33 5.70 4.21 4.39
C SER A 33 5.32 2.97 5.20
N LEU A 34 6.18 1.96 5.18
CA LEU A 34 5.92 0.72 5.91
C LEU A 34 6.08 0.94 7.41
N GLY A 35 7.02 1.81 7.79
CA GLY A 35 7.26 2.08 9.19
C GLY A 35 5.99 2.03 10.02
N SER A 36 6.06 1.37 11.17
CA SER A 36 4.92 1.24 12.05
C SER A 36 4.13 2.55 12.12
N VAL A 37 4.85 3.65 12.25
CA VAL A 37 4.23 4.97 12.33
C VAL A 37 3.02 5.05 11.42
N CYS A 38 3.14 4.50 10.21
CA CYS A 38 2.06 4.51 9.25
C CYS A 38 1.15 3.29 9.43
N ARG A 39 1.75 2.19 9.84
CA ARG A 39 1.00 0.95 10.05
C ARG A 39 -0.35 1.23 10.69
N GLU A 40 -0.38 2.18 11.62
CA GLU A 40 -1.62 2.55 12.29
C GLU A 40 -2.72 2.87 11.29
N LYS A 41 -2.40 3.71 10.32
CA LYS A 41 -3.35 4.11 9.29
C LYS A 41 -3.76 2.91 8.45
N ILE A 42 -2.78 2.13 8.01
CA ILE A 42 -3.03 0.95 7.20
C ILE A 42 -4.07 0.05 7.85
N GLU A 43 -4.01 -0.05 9.17
CA GLU A 43 -4.95 -0.89 9.91
C GLU A 43 -6.39 -0.48 9.63
N ALA A 44 -6.58 0.78 9.26
CA ALA A 44 -7.91 1.30 8.95
C ALA A 44 -8.31 0.96 7.52
N VAL A 45 -7.54 1.48 6.56
CA VAL A 45 -7.82 1.24 5.15
C VAL A 45 -8.04 -0.24 4.88
N ALA A 46 -7.46 -1.08 5.72
CA ALA A 46 -7.59 -2.53 5.58
C ALA A 46 -8.93 -3.01 6.12
N THR A 47 -9.29 -2.53 7.31
CA THR A 47 -10.55 -2.91 7.93
C THR A 47 -11.74 -2.28 7.23
N GLU A 48 -11.48 -1.18 6.51
CA GLU A 48 -12.52 -0.49 5.80
C GLU A 48 -12.83 -1.17 4.47
N LEU A 49 -11.79 -1.70 3.82
CA LEU A 49 -11.94 -2.39 2.55
C LEU A 49 -12.16 -3.88 2.76
N ASN A 50 -12.04 -4.32 4.01
CA ASN A 50 -12.22 -5.73 4.34
C ASN A 50 -11.17 -6.59 3.67
N VAL A 51 -9.93 -6.11 3.67
CA VAL A 51 -8.82 -6.84 3.06
C VAL A 51 -7.68 -7.05 4.05
N ASP A 52 -6.98 -8.17 3.91
CA ASP A 52 -5.87 -8.48 4.79
C ASP A 52 -4.92 -7.29 4.93
N CYS A 53 -4.66 -6.89 6.17
CA CYS A 53 -3.78 -5.75 6.43
C CYS A 53 -2.48 -5.88 5.64
N GLU A 54 -2.12 -7.11 5.30
CA GLU A 54 -0.89 -7.37 4.55
C GLU A 54 -1.02 -6.88 3.11
N ILE A 55 -2.18 -7.14 2.50
CA ILE A 55 -2.43 -6.72 1.12
C ILE A 55 -2.14 -5.24 0.95
N VAL A 56 -2.45 -4.45 1.97
CA VAL A 56 -2.22 -3.00 1.93
C VAL A 56 -0.75 -2.68 2.11
N ARG A 57 -0.19 -3.13 3.23
CA ARG A 57 1.22 -2.89 3.54
C ARG A 57 2.10 -3.24 2.34
N THR A 58 1.74 -4.32 1.65
CA THR A 58 2.51 -4.77 0.49
C THR A 58 2.29 -3.85 -0.70
N TRP A 59 1.07 -3.37 -0.86
CA TRP A 59 0.73 -2.48 -1.96
C TRP A 59 1.62 -1.23 -1.94
N ILE A 60 1.87 -0.73 -0.73
CA ILE A 60 2.70 0.47 -0.58
C ILE A 60 4.11 0.23 -1.10
N GLY A 61 4.80 -0.73 -0.50
CA GLY A 61 6.16 -1.03 -0.93
C GLY A 61 6.27 -1.19 -2.43
N ASN A 62 5.25 -1.78 -3.04
CA ASN A 62 5.25 -2.00 -4.48
C ASN A 62 5.16 -0.67 -5.23
N ARG A 63 4.09 0.08 -4.97
CA ARG A 63 3.89 1.37 -5.61
C ARG A 63 5.20 2.16 -5.66
N ARG A 64 5.79 2.37 -4.49
CA ARG A 64 7.04 3.12 -4.40
C ARG A 64 7.98 2.75 -5.53
N ARG A 65 8.12 1.46 -5.78
CA ARG A 65 9.00 0.96 -6.84
C ARG A 65 8.57 1.52 -8.20
N LYS A 66 7.35 1.19 -8.60
CA LYS A 66 6.82 1.65 -9.88
C LYS A 66 7.29 3.07 -10.18
N TYR A 67 7.38 3.89 -9.14
CA TYR A 67 7.81 5.28 -9.30
C TYR A 67 9.33 5.38 -9.23
N ARG A 68 9.88 5.16 -8.05
CA ARG A 68 11.33 5.23 -7.84
C ARG A 68 12.07 4.63 -9.03
N LEU A 69 11.41 3.70 -9.73
CA LEU A 69 12.01 3.05 -10.89
C LEU A 69 12.44 4.09 -11.93
N MET A 70 11.52 4.98 -12.27
CA MET A 70 11.80 6.03 -13.26
C MET A 70 12.63 7.14 -12.63
N GLY A 71 12.53 7.30 -11.33
CA GLY A 71 13.28 8.33 -10.63
C GLY A 71 12.38 9.43 -10.10
N ILE A 72 11.19 9.05 -9.64
CA ILE A 72 10.24 10.02 -9.10
C ILE A 72 10.14 9.90 -7.59
N GLU A 73 10.57 10.95 -6.89
CA GLU A 73 10.52 10.97 -5.43
C GLU A 73 9.20 11.51 -4.93
N VAL A 74 8.26 10.62 -4.63
CA VAL A 74 6.94 11.02 -4.14
C VAL A 74 7.07 11.92 -2.93
N SER A 75 6.53 13.14 -3.05
CA SER A 75 6.59 14.11 -1.97
C SER A 75 5.51 15.17 -2.15
N GLY A 76 5.27 15.95 -1.09
CA GLY A 76 4.27 16.99 -1.15
C GLY A 76 4.33 17.93 0.05
N PRO A 77 5.36 18.80 0.07
CA PRO A 77 5.56 19.76 1.16
C PRO A 77 4.50 20.86 1.16
N SER A 78 3.54 20.75 2.08
CA SER A 78 2.47 21.73 2.19
C SER A 78 1.96 22.13 0.81
N SER A 79 1.81 21.14 -0.07
CA SER A 79 1.34 21.39 -1.43
C SER A 79 -0.05 20.78 -1.64
N GLY A 80 -0.81 21.37 -2.56
CA GLY A 80 -2.14 20.87 -2.85
C GLY A 80 -3.22 21.86 -2.47
#